data_4RZY
#
_entry.id   4RZY
#
_cell.length_a   175.301
_cell.length_b   175.301
_cell.length_c   109.689
_cell.angle_alpha   90.00
_cell.angle_beta   90.00
_cell.angle_gamma   120.00
#
_symmetry.space_group_name_H-M   'P 32'
#
loop_
_entity.id
_entity.type
_entity.pdbx_description
1 polymer 'Peptidase M24'
2 non-polymer 'FE (III) ION'
3 non-polymer '2-(N-MORPHOLINO)-ETHANESULFONIC ACID'
4 water water
#
_entity_poly.entity_id   1
_entity_poly.type   'polypeptide(L)'
_entity_poly.pdbx_seq_one_letter_code
;MNHHYRDTRKIDPSRGATLGDGTPNDNDRIEIGPTQLAFSEWAAAGLQLPNLDRMREYRWKRLTQAIVDRGYGGLLMFDP
LNIRYATDSTNMQLWNTHNPFRAVLLCADGYMVIWDYKNSPFLSKFNPLVREQRSGADLFYFDRGDKVDVQADVFANEVR
VLMQDHAPGHTRLAVDKIMLHGLRALEAQGFEIMEGEEVTEKTRAIKGPDEILAMRCASHACETAVAEMEKFARAHVGDG
KTSEDDIWAVLHAENIKRGGEWIETRLLASGPRTNPWFQECGPRITQKNEIIAFDTDLIGSYGICVDISRTWWIGDQKPR
PDMVYAMQHAHEHIMTNMEMLKPGVMIPDLTANCHRLDDKFQAQKYGCLMHGVGLCDEWPLVAYPDKAVPGSYDYPLEPG
MVLCVEAAVGEVGGDFSIKLEDQVLITEDGYENLTTYPFDAALMGLA
;
_entity_poly.pdbx_strand_id   A,B,C,D
#
loop_
_chem_comp.id
_chem_comp.type
_chem_comp.name
_chem_comp.formula
FE non-polymer 'FE (III) ION' 'Fe 3'
MES non-polymer '2-(N-MORPHOLINO)-ETHANESULFONIC ACID' 'C6 H13 N O4 S'
#
# COMPACT_ATOMS: atom_id res chain seq x y z
N ARG A 9 4.50 35.41 3.21
CA ARG A 9 3.65 35.23 2.04
C ARG A 9 3.32 33.74 1.84
N LYS A 10 4.08 33.04 1.01
CA LYS A 10 3.84 31.62 0.77
C LYS A 10 4.16 30.74 1.97
N ILE A 11 3.30 29.77 2.27
CA ILE A 11 3.61 28.84 3.33
C ILE A 11 4.49 27.72 2.81
N ASP A 12 4.41 27.46 1.50
CA ASP A 12 5.23 26.47 0.83
C ASP A 12 5.94 27.11 -0.36
N PRO A 13 7.23 27.43 -0.20
CA PRO A 13 7.97 28.21 -1.20
C PRO A 13 8.17 27.42 -2.49
N SER A 14 8.03 26.10 -2.43
CA SER A 14 8.27 25.26 -3.59
C SER A 14 7.09 25.23 -4.55
N ARG A 15 5.99 25.91 -4.21
CA ARG A 15 4.80 25.86 -5.04
C ARG A 15 4.36 27.24 -5.48
N GLY A 16 3.45 27.28 -6.45
CA GLY A 16 2.91 28.53 -6.95
C GLY A 16 1.83 29.12 -6.07
N ALA A 17 0.79 29.63 -6.70
CA ALA A 17 -0.29 30.35 -6.01
C ALA A 17 -1.14 29.44 -5.12
N THR A 18 -1.18 28.15 -5.43
CA THR A 18 -2.02 27.24 -4.66
C THR A 18 -1.22 26.05 -4.11
N LEU A 19 -1.71 25.47 -3.02
CA LEU A 19 -1.17 24.21 -2.52
C LEU A 19 -1.73 23.08 -3.35
N GLY A 20 -1.27 21.87 -3.08
CA GLY A 20 -1.66 20.72 -3.88
C GLY A 20 -3.14 20.41 -3.85
N ASP A 21 -3.83 20.86 -2.81
CA ASP A 21 -5.26 20.63 -2.71
C ASP A 21 -6.07 21.79 -3.28
N GLY A 22 -5.37 22.72 -3.94
CA GLY A 22 -6.03 23.81 -4.63
C GLY A 22 -6.26 25.03 -3.75
N THR A 23 -5.98 24.92 -2.45
CA THR A 23 -6.21 26.06 -1.54
C THR A 23 -5.09 27.09 -1.68
N PRO A 24 -5.30 28.32 -1.17
CA PRO A 24 -4.26 29.32 -1.45
C PRO A 24 -2.95 29.10 -0.69
N ASN A 25 -1.84 29.28 -1.40
CA ASN A 25 -0.51 29.14 -0.84
C ASN A 25 -0.18 30.43 -0.11
N ASP A 26 -0.70 30.59 1.10
CA ASP A 26 -0.67 31.85 1.81
C ASP A 26 -0.55 31.58 3.31
N ASN A 27 0.63 31.84 3.86
CA ASN A 27 0.90 31.59 5.27
C ASN A 27 -0.04 32.34 6.21
N ASP A 28 -0.63 33.43 5.74
CA ASP A 28 -1.43 34.28 6.63
C ASP A 28 -2.93 34.11 6.42
N ARG A 29 -3.33 33.10 5.66
CA ARG A 29 -4.74 32.92 5.34
C ARG A 29 -5.57 32.53 6.54
N ILE A 30 -6.87 32.78 6.46
CA ILE A 30 -7.80 32.39 7.51
C ILE A 30 -7.96 30.87 7.57
N GLU A 31 -8.18 30.27 6.40
CA GLU A 31 -8.47 28.84 6.32
C GLU A 31 -7.35 27.98 6.92
N ILE A 32 -7.72 26.96 7.70
CA ILE A 32 -6.70 26.08 8.23
C ILE A 32 -6.68 24.80 7.39
N GLY A 33 -6.21 23.70 7.95
CA GLY A 33 -6.05 22.47 7.19
C GLY A 33 -4.78 21.75 7.60
N PRO A 34 -4.37 20.74 6.81
CA PRO A 34 -3.17 19.97 7.07
C PRO A 34 -1.93 20.85 7.15
N THR A 35 -1.01 20.47 8.01
CA THR A 35 0.24 21.21 8.17
C THR A 35 1.24 20.81 7.12
N GLN A 36 2.29 21.61 7.00
CA GLN A 36 3.40 21.30 6.12
C GLN A 36 4.03 19.96 6.48
N LEU A 37 4.04 19.64 7.77
CA LEU A 37 4.45 18.29 8.19
C LEU A 37 3.63 17.20 7.51
N ALA A 38 2.30 17.31 7.60
CA ALA A 38 1.42 16.33 6.95
C ALA A 38 1.65 16.26 5.44
N PHE A 39 1.66 17.42 4.78
CA PHE A 39 1.83 17.47 3.32
C PHE A 39 3.15 16.83 2.90
N SER A 40 4.21 17.05 3.68
CA SER A 40 5.50 16.44 3.38
C SER A 40 5.46 14.92 3.46
N GLU A 41 4.82 14.41 4.50
CA GLU A 41 4.71 12.96 4.67
C GLU A 41 3.86 12.34 3.57
N TRP A 42 2.80 13.04 3.18
CA TRP A 42 1.89 12.50 2.16
C TRP A 42 2.56 12.46 0.81
N ALA A 43 3.31 13.50 0.49
CA ALA A 43 4.03 13.58 -0.78
C ALA A 43 5.09 12.49 -0.85
N ALA A 44 5.81 12.32 0.25
CA ALA A 44 6.80 11.24 0.31
C ALA A 44 6.15 9.88 0.17
N ALA A 45 4.88 9.78 0.57
CA ALA A 45 4.15 8.52 0.46
C ALA A 45 3.49 8.37 -0.91
N GLY A 46 3.55 9.41 -1.73
CA GLY A 46 2.95 9.37 -3.05
C GLY A 46 1.43 9.43 -3.07
N LEU A 47 0.84 10.03 -2.04
CA LEU A 47 -0.61 10.17 -1.96
C LEU A 47 -1.09 11.35 -2.79
N GLN A 48 -2.16 11.12 -3.55
CA GLN A 48 -2.83 12.21 -4.29
C GLN A 48 -3.69 13.04 -3.34
N LEU A 49 -3.54 14.35 -3.39
CA LEU A 49 -4.31 15.25 -2.53
C LEU A 49 -5.70 15.46 -3.08
N PRO A 50 -6.69 15.66 -2.19
CA PRO A 50 -8.04 16.00 -2.64
C PRO A 50 -8.06 17.40 -3.24
N ASN A 51 -8.96 17.67 -4.17
CA ASN A 51 -9.24 19.04 -4.54
C ASN A 51 -10.40 19.51 -3.69
N LEU A 52 -10.16 20.48 -2.81
CA LEU A 52 -11.17 20.84 -1.83
C LEU A 52 -12.38 21.52 -2.46
N ASP A 53 -12.17 22.35 -3.49
CA ASP A 53 -13.30 23.00 -4.16
C ASP A 53 -14.24 21.95 -4.76
N ARG A 54 -13.66 20.98 -5.45
CA ARG A 54 -14.46 19.92 -6.05
C ARG A 54 -15.14 19.08 -4.97
N MET A 55 -14.43 18.84 -3.88
CA MET A 55 -14.99 18.10 -2.75
C MET A 55 -16.21 18.80 -2.15
N ARG A 56 -16.06 20.10 -1.91
CA ARG A 56 -17.14 20.90 -1.32
C ARG A 56 -18.35 20.97 -2.26
N GLU A 57 -18.09 21.03 -3.56
N GLU A 57 -18.08 21.03 -3.55
CA GLU A 57 -19.16 21.06 -4.55
CA GLU A 57 -19.13 21.06 -4.57
C GLU A 57 -19.89 19.72 -4.59
C GLU A 57 -19.88 19.73 -4.59
N TYR A 58 -19.12 18.63 -4.53
CA TYR A 58 -19.70 17.30 -4.49
C TYR A 58 -20.70 17.12 -3.34
N ARG A 59 -20.28 17.48 -2.13
CA ARG A 59 -21.09 17.33 -0.94
C ARG A 59 -22.36 18.15 -1.01
N TRP A 60 -22.20 19.41 -1.40
CA TRP A 60 -23.30 20.34 -1.52
C TRP A 60 -24.33 19.87 -2.54
N LYS A 61 -23.84 19.47 -3.72
CA LYS A 61 -24.74 18.94 -4.75
C LYS A 61 -25.47 17.70 -4.25
N ARG A 62 -24.74 16.79 -3.62
CA ARG A 62 -25.36 15.56 -3.14
C ARG A 62 -26.39 15.82 -2.03
N LEU A 63 -26.08 16.74 -1.11
CA LEU A 63 -27.02 17.07 -0.03
C LEU A 63 -28.26 17.77 -0.58
N THR A 64 -28.08 18.66 -1.54
CA THR A 64 -29.22 19.33 -2.15
C THR A 64 -30.11 18.27 -2.82
N GLN A 65 -29.49 17.35 -3.55
CA GLN A 65 -30.21 16.27 -4.23
C GLN A 65 -31.03 15.42 -3.25
N ALA A 66 -30.47 15.18 -2.07
CA ALA A 66 -31.14 14.39 -1.02
C ALA A 66 -32.43 15.05 -0.56
N ILE A 67 -32.35 16.36 -0.37
CA ILE A 67 -33.53 17.16 -0.04
C ILE A 67 -34.59 17.02 -1.15
N VAL A 68 -34.15 17.25 -2.38
CA VAL A 68 -35.03 17.13 -3.54
C VAL A 68 -35.65 15.74 -3.68
N ASP A 69 -34.85 14.69 -3.50
CA ASP A 69 -35.36 13.32 -3.63
C ASP A 69 -36.50 12.99 -2.66
N ARG A 70 -36.47 13.62 -1.49
CA ARG A 70 -37.47 13.38 -0.46
C ARG A 70 -38.70 14.29 -0.60
N GLY A 71 -38.64 15.23 -1.55
CA GLY A 71 -39.72 16.18 -1.73
C GLY A 71 -39.79 17.17 -0.58
N TYR A 72 -38.65 17.48 0.03
CA TYR A 72 -38.59 18.49 1.08
C TYR A 72 -38.24 19.85 0.47
N GLY A 73 -38.46 20.93 1.21
CA GLY A 73 -38.05 22.24 0.72
C GLY A 73 -36.70 22.67 1.24
N GLY A 74 -36.25 22.01 2.30
CA GLY A 74 -34.99 22.39 2.89
C GLY A 74 -34.52 21.52 4.04
N LEU A 75 -33.27 21.75 4.42
CA LEU A 75 -32.64 21.05 5.53
C LEU A 75 -31.97 22.07 6.42
N LEU A 76 -32.28 22.03 7.70
CA LEU A 76 -31.69 22.95 8.67
C LEU A 76 -30.80 22.14 9.62
N MET A 77 -29.53 22.52 9.74
CA MET A 77 -28.56 21.72 10.49
C MET A 77 -27.95 22.50 11.65
N PHE A 78 -27.98 21.90 12.84
CA PHE A 78 -27.34 22.46 14.03
C PHE A 78 -26.19 21.60 14.53
N ASP A 79 -26.08 20.38 13.99
CA ASP A 79 -25.01 19.48 14.40
C ASP A 79 -23.75 19.95 13.68
N PRO A 80 -22.68 20.25 14.43
CA PRO A 80 -21.47 20.78 13.79
C PRO A 80 -20.88 19.83 12.76
N LEU A 81 -21.15 18.54 12.88
CA LEU A 81 -20.64 17.60 11.88
C LEU A 81 -21.41 17.68 10.58
N ASN A 82 -22.73 17.90 10.66
CA ASN A 82 -23.50 18.17 9.46
C ASN A 82 -23.14 19.52 8.84
N ILE A 83 -22.92 20.51 9.69
CA ILE A 83 -22.50 21.83 9.23
C ILE A 83 -21.17 21.71 8.50
N ARG A 84 -20.28 20.87 9.04
CA ARG A 84 -18.98 20.62 8.42
C ARG A 84 -19.16 19.95 7.06
N TYR A 85 -20.06 18.97 6.99
CA TYR A 85 -20.28 18.30 5.71
C TYR A 85 -20.80 19.28 4.66
N ALA A 86 -21.76 20.13 5.07
CA ALA A 86 -22.41 21.02 4.12
C ALA A 86 -21.50 22.16 3.66
N THR A 87 -20.67 22.67 4.55
CA THR A 87 -19.93 23.91 4.31
C THR A 87 -18.41 23.74 4.32
N ASP A 88 -17.94 22.66 4.96
CA ASP A 88 -16.52 22.42 5.25
C ASP A 88 -15.92 23.50 6.14
N SER A 89 -16.78 24.26 6.82
CA SER A 89 -16.35 25.33 7.71
C SER A 89 -16.45 24.91 9.17
N THR A 90 -15.35 25.05 9.90
CA THR A 90 -15.31 24.75 11.31
C THR A 90 -15.36 26.04 12.11
N ASN A 91 -15.89 25.97 13.31
CA ASN A 91 -15.83 27.08 14.26
C ASN A 91 -16.06 26.56 15.65
N MET A 92 -14.98 26.39 16.41
CA MET A 92 -15.07 25.85 17.76
C MET A 92 -15.92 24.59 17.77
N GLN A 93 -15.58 23.65 16.88
CA GLN A 93 -16.35 22.43 16.69
C GLN A 93 -16.79 21.80 18.00
N LEU A 94 -15.86 21.58 18.91
CA LEU A 94 -16.19 20.87 20.14
C LEU A 94 -17.11 21.68 21.05
N TRP A 95 -16.84 22.98 21.18
CA TRP A 95 -17.77 23.84 21.92
C TRP A 95 -19.16 23.79 21.25
N ASN A 96 -19.17 23.75 19.92
CA ASN A 96 -20.41 23.75 19.16
C ASN A 96 -21.24 22.47 19.36
N THR A 97 -20.57 21.35 19.60
CA THR A 97 -21.28 20.08 19.79
C THR A 97 -22.28 20.13 20.95
N HIS A 98 -21.99 20.91 21.99
CA HIS A 98 -22.91 20.97 23.12
C HIS A 98 -23.39 22.40 23.40
N ASN A 99 -23.09 23.31 22.48
CA ASN A 99 -23.61 24.68 22.52
C ASN A 99 -24.09 25.03 21.11
N PRO A 100 -25.40 24.94 20.85
CA PRO A 100 -25.85 25.06 19.46
C PRO A 100 -25.95 26.52 19.01
N PHE A 101 -24.81 27.14 18.74
CA PHE A 101 -24.81 28.56 18.40
C PHE A 101 -24.91 28.76 16.90
N ARG A 102 -24.73 27.67 16.16
CA ARG A 102 -24.55 27.69 14.71
C ARG A 102 -25.68 26.98 13.96
N ALA A 103 -25.99 27.46 12.77
CA ALA A 103 -26.97 26.76 11.95
C ALA A 103 -26.69 26.94 10.48
N VAL A 104 -27.02 25.93 9.69
CA VAL A 104 -26.97 26.03 8.23
C VAL A 104 -28.31 25.65 7.62
N LEU A 105 -28.85 26.53 6.79
CA LEU A 105 -30.04 26.21 6.00
C LEU A 105 -29.64 25.93 4.57
N LEU A 106 -30.00 24.76 4.06
CA LEU A 106 -29.82 24.42 2.66
C LEU A 106 -31.20 24.22 2.04
N CYS A 107 -31.53 25.02 1.04
CA CYS A 107 -32.85 24.95 0.42
C CYS A 107 -32.80 24.01 -0.79
N ALA A 108 -33.97 23.59 -1.26
CA ALA A 108 -34.06 22.64 -2.36
C ALA A 108 -33.46 23.16 -3.67
N ASP A 109 -33.38 24.48 -3.82
CA ASP A 109 -32.77 25.06 -5.02
C ASP A 109 -31.26 25.20 -4.86
N GLY A 110 -30.72 24.74 -3.73
CA GLY A 110 -29.29 24.79 -3.51
C GLY A 110 -28.79 25.99 -2.71
N TYR A 111 -29.67 26.95 -2.46
CA TYR A 111 -29.28 28.16 -1.72
C TYR A 111 -28.93 27.78 -0.29
N MET A 112 -27.76 28.23 0.16
CA MET A 112 -27.25 27.83 1.47
C MET A 112 -26.85 29.05 2.31
N VAL A 113 -27.36 29.09 3.53
CA VAL A 113 -27.12 30.21 4.44
C VAL A 113 -26.55 29.68 5.77
N ILE A 114 -25.55 30.36 6.32
CA ILE A 114 -25.08 29.99 7.64
C ILE A 114 -25.41 31.11 8.62
N TRP A 115 -25.87 30.72 9.81
CA TRP A 115 -25.94 31.65 10.96
C TRP A 115 -24.77 31.31 11.85
N ASP A 116 -23.80 32.20 11.90
CA ASP A 116 -22.59 31.88 12.61
C ASP A 116 -22.51 32.70 13.87
N TYR A 117 -21.49 32.41 14.65
CA TYR A 117 -21.07 33.24 15.75
C TYR A 117 -21.04 34.68 15.27
N LYS A 118 -21.64 35.57 16.04
CA LYS A 118 -21.75 36.98 15.67
C LYS A 118 -20.37 37.57 15.34
N ASN A 119 -19.39 37.22 16.15
CA ASN A 119 -18.04 37.74 16.01
C ASN A 119 -17.23 37.15 14.84
N SER A 120 -17.71 36.07 14.23
CA SER A 120 -16.88 35.39 13.24
C SER A 120 -17.54 35.03 11.90
N PRO A 121 -18.14 36.03 11.23
CA PRO A 121 -18.77 35.72 9.93
C PRO A 121 -17.78 35.28 8.85
N PHE A 122 -16.50 35.60 9.04
CA PHE A 122 -15.47 35.32 8.05
C PHE A 122 -15.05 33.84 7.97
N LEU A 123 -15.48 33.02 8.92
CA LEU A 123 -14.97 31.64 8.97
C LEU A 123 -15.52 30.73 7.85
N SER A 124 -16.57 31.14 7.15
CA SER A 124 -17.07 30.33 6.03
C SER A 124 -16.92 31.01 4.67
N LYS A 125 -16.32 32.20 4.66
CA LYS A 125 -16.18 32.96 3.42
C LYS A 125 -15.38 32.24 2.34
N PHE A 126 -14.47 31.34 2.73
CA PHE A 126 -13.68 30.59 1.74
C PHE A 126 -14.54 29.67 0.88
N ASN A 127 -15.75 29.35 1.34
CA ASN A 127 -16.66 28.52 0.55
C ASN A 127 -17.78 29.35 -0.08
N PRO A 128 -17.65 29.65 -1.39
CA PRO A 128 -18.63 30.53 -2.07
C PRO A 128 -20.04 29.91 -2.14
N LEU A 129 -20.15 28.62 -1.88
CA LEU A 129 -21.46 27.96 -1.87
C LEU A 129 -22.29 28.40 -0.67
N VAL A 130 -21.61 28.96 0.32
CA VAL A 130 -22.31 29.58 1.44
C VAL A 130 -22.64 31.00 1.01
N ARG A 131 -23.91 31.25 0.73
CA ARG A 131 -24.30 32.49 0.04
C ARG A 131 -24.43 33.69 0.98
N GLU A 132 -24.74 33.43 2.25
CA GLU A 132 -24.87 34.50 3.25
C GLU A 132 -24.29 34.06 4.59
N GLN A 133 -23.73 35.02 5.32
CA GLN A 133 -23.29 34.82 6.69
C GLN A 133 -24.15 35.68 7.60
N ARG A 134 -24.98 35.04 8.41
CA ARG A 134 -25.83 35.75 9.36
C ARG A 134 -25.45 35.39 10.80
N SER A 135 -26.28 35.82 11.74
CA SER A 135 -26.11 35.44 13.13
C SER A 135 -27.47 35.35 13.79
N GLY A 136 -27.51 34.82 15.01
CA GLY A 136 -28.74 34.80 15.78
C GLY A 136 -29.52 33.48 15.77
N ALA A 137 -28.82 32.37 15.55
CA ALA A 137 -29.45 31.06 15.62
C ALA A 137 -29.11 30.33 16.92
N ASP A 138 -28.49 31.05 17.84
CA ASP A 138 -28.08 30.49 19.13
C ASP A 138 -29.22 30.53 20.17
N LEU A 139 -29.95 29.42 20.26
CA LEU A 139 -31.17 29.39 21.04
C LEU A 139 -31.02 28.53 22.29
N PHE A 140 -30.09 28.90 23.17
CA PHE A 140 -29.89 28.11 24.38
C PHE A 140 -29.64 29.03 25.57
N TYR A 141 -29.82 28.49 26.78
CA TYR A 141 -29.96 29.34 27.96
C TYR A 141 -28.68 30.10 28.33
N PHE A 142 -27.52 29.48 28.14
CA PHE A 142 -26.26 30.18 28.40
C PHE A 142 -26.16 31.45 27.53
N ASP A 143 -26.47 31.32 26.25
CA ASP A 143 -26.28 32.46 25.35
C ASP A 143 -27.35 33.53 25.46
N ARG A 144 -28.56 33.17 25.91
CA ARG A 144 -29.66 34.14 25.83
C ARG A 144 -30.52 34.22 27.08
N GLY A 145 -30.24 33.36 28.06
CA GLY A 145 -30.95 33.38 29.32
C GLY A 145 -32.44 33.29 29.14
N ASP A 146 -33.18 34.13 29.85
CA ASP A 146 -34.64 34.13 29.80
C ASP A 146 -35.22 34.72 28.51
N LYS A 147 -34.34 35.08 27.58
CA LYS A 147 -34.79 35.70 26.34
C LYS A 147 -34.47 34.84 25.10
N VAL A 148 -34.40 33.53 25.29
CA VAL A 148 -34.27 32.64 24.13
C VAL A 148 -35.48 32.75 23.19
N ASP A 149 -36.69 32.75 23.76
CA ASP A 149 -37.92 32.69 22.96
C ASP A 149 -38.06 33.83 21.94
N VAL A 150 -37.68 35.04 22.33
CA VAL A 150 -37.79 36.19 21.43
C VAL A 150 -36.93 35.99 20.18
N GLN A 151 -35.70 35.54 20.39
CA GLN A 151 -34.79 35.33 19.26
C GLN A 151 -35.21 34.10 18.45
N ALA A 152 -35.78 33.09 19.12
CA ALA A 152 -36.26 31.93 18.38
C ALA A 152 -37.28 32.36 17.33
N ASP A 153 -38.15 33.32 17.66
CA ASP A 153 -39.12 33.80 16.68
C ASP A 153 -38.45 34.63 15.59
N VAL A 154 -37.46 35.44 15.94
CA VAL A 154 -36.69 36.16 14.92
C VAL A 154 -36.07 35.18 13.93
N PHE A 155 -35.41 34.17 14.47
CA PHE A 155 -34.74 33.17 13.65
C PHE A 155 -35.73 32.39 12.78
N ALA A 156 -36.85 31.93 13.36
CA ALA A 156 -37.82 31.15 12.59
C ALA A 156 -38.45 31.98 11.49
N ASN A 157 -38.71 33.25 11.75
CA ASN A 157 -39.20 34.12 10.68
C ASN A 157 -38.17 34.27 9.57
N GLU A 158 -36.88 34.32 9.91
CA GLU A 158 -35.86 34.37 8.86
C GLU A 158 -35.88 33.12 7.99
N VAL A 159 -36.04 31.96 8.63
CA VAL A 159 -36.08 30.70 7.90
C VAL A 159 -37.32 30.66 7.00
N ARG A 160 -38.45 31.13 7.52
CA ARG A 160 -39.67 31.21 6.72
C ARG A 160 -39.44 32.02 5.45
N VAL A 161 -38.89 33.21 5.59
CA VAL A 161 -38.66 34.09 4.44
C VAL A 161 -37.72 33.45 3.41
N LEU A 162 -36.61 32.86 3.88
CA LEU A 162 -35.68 32.18 2.96
C LEU A 162 -36.36 31.04 2.21
N MET A 163 -37.21 30.29 2.92
CA MET A 163 -37.90 29.15 2.34
C MET A 163 -39.01 29.60 1.37
N GLN A 164 -39.66 30.70 1.70
CA GLN A 164 -40.62 31.31 0.77
C GLN A 164 -39.96 31.69 -0.54
N ASP A 165 -38.74 32.22 -0.44
CA ASP A 165 -38.01 32.70 -1.61
C ASP A 165 -37.29 31.59 -2.35
N HIS A 166 -36.86 30.54 -1.64
CA HIS A 166 -36.00 29.55 -2.28
C HIS A 166 -36.59 28.15 -2.36
N ALA A 167 -37.71 27.94 -1.69
CA ALA A 167 -38.42 26.68 -1.79
C ALA A 167 -39.94 26.90 -1.74
N PRO A 168 -40.45 27.79 -2.60
CA PRO A 168 -41.87 28.14 -2.53
C PRO A 168 -42.78 26.93 -2.67
N GLY A 169 -43.83 26.90 -1.86
CA GLY A 169 -44.78 25.81 -1.88
C GLY A 169 -44.42 24.65 -0.97
N HIS A 170 -43.17 24.60 -0.50
CA HIS A 170 -42.75 23.53 0.41
C HIS A 170 -43.07 23.89 1.86
N THR A 171 -43.67 22.96 2.60
CA THR A 171 -43.87 23.14 4.03
C THR A 171 -42.99 22.20 4.83
N ARG A 172 -42.36 21.23 4.17
CA ARG A 172 -41.55 20.26 4.91
C ARG A 172 -40.11 20.73 5.03
N LEU A 173 -39.68 20.92 6.27
CA LEU A 173 -38.33 21.34 6.59
C LEU A 173 -37.66 20.26 7.42
N ALA A 174 -36.61 19.63 6.90
CA ALA A 174 -35.88 18.63 7.67
C ALA A 174 -34.95 19.35 8.65
N VAL A 175 -34.89 18.86 9.88
CA VAL A 175 -33.99 19.43 10.89
C VAL A 175 -33.25 18.30 11.59
N ASP A 176 -31.93 18.40 11.72
CA ASP A 176 -31.21 17.30 12.35
C ASP A 176 -31.47 17.26 13.86
N LYS A 177 -31.30 18.40 14.53
CA LYS A 177 -31.55 18.47 15.97
C LYS A 177 -31.66 19.94 16.36
N ILE A 178 -32.69 20.28 17.11
CA ILE A 178 -32.89 21.67 17.45
C ILE A 178 -33.47 21.77 18.86
N MET A 179 -33.12 22.84 19.57
CA MET A 179 -33.69 23.12 20.88
C MET A 179 -35.19 23.36 20.79
N LEU A 180 -35.91 22.98 21.84
CA LEU A 180 -37.37 23.04 21.82
C LEU A 180 -37.91 24.44 21.48
N HIS A 181 -37.28 25.50 22.01
CA HIS A 181 -37.68 26.86 21.65
C HIS A 181 -37.63 27.06 20.14
N GLY A 182 -36.58 26.54 19.51
CA GLY A 182 -36.43 26.61 18.07
C GLY A 182 -37.49 25.79 17.33
N LEU A 183 -37.72 24.58 17.81
CA LEU A 183 -38.74 23.71 17.22
C LEU A 183 -40.12 24.37 17.21
N ARG A 184 -40.51 24.95 18.34
CA ARG A 184 -41.84 25.56 18.45
C ARG A 184 -41.97 26.79 17.58
N ALA A 185 -40.90 27.59 17.51
CA ALA A 185 -40.91 28.77 16.68
C ALA A 185 -41.05 28.40 15.20
N LEU A 186 -40.32 27.38 14.77
CA LEU A 186 -40.42 26.94 13.37
C LEU A 186 -41.81 26.41 13.06
N GLU A 187 -42.35 25.59 13.96
CA GLU A 187 -43.70 25.06 13.74
C GLU A 187 -44.74 26.19 13.70
N ALA A 188 -44.51 27.25 14.46
CA ALA A 188 -45.44 28.37 14.49
C ALA A 188 -45.42 29.13 13.16
N GLN A 189 -44.37 28.92 12.38
CA GLN A 189 -44.25 29.55 11.07
C GLN A 189 -44.87 28.68 9.99
N GLY A 190 -45.37 27.52 10.38
CA GLY A 190 -46.08 26.66 9.45
C GLY A 190 -45.26 25.56 8.81
N PHE A 191 -44.10 25.27 9.37
CA PHE A 191 -43.28 24.17 8.86
C PHE A 191 -43.70 22.83 9.46
N GLU A 192 -43.64 21.79 8.64
CA GLU A 192 -43.72 20.43 9.15
C GLU A 192 -42.29 19.92 9.29
N ILE A 193 -41.88 19.66 10.52
CA ILE A 193 -40.48 19.32 10.81
C ILE A 193 -40.20 17.86 10.55
N MET A 194 -39.31 17.60 9.59
CA MET A 194 -38.97 16.23 9.22
C MET A 194 -37.64 15.80 9.86
N GLU A 195 -37.38 14.50 9.87
CA GLU A 195 -36.15 13.96 10.47
C GLU A 195 -34.91 14.29 9.62
N GLY A 196 -34.11 15.24 10.10
CA GLY A 196 -32.96 15.71 9.34
C GLY A 196 -31.83 14.70 9.24
N GLU A 197 -31.62 13.92 10.30
CA GLU A 197 -30.56 12.90 10.26
C GLU A 197 -30.74 11.83 9.20
N GLU A 198 -31.99 11.49 8.89
CA GLU A 198 -32.25 10.50 7.84
C GLU A 198 -31.75 11.07 6.50
N VAL A 199 -31.81 12.38 6.37
CA VAL A 199 -31.28 13.04 5.20
C VAL A 199 -29.74 13.07 5.21
N THR A 200 -29.16 13.50 6.32
CA THR A 200 -27.73 13.75 6.37
C THR A 200 -26.93 12.45 6.43
N GLU A 201 -27.41 11.47 7.18
CA GLU A 201 -26.67 10.22 7.32
C GLU A 201 -26.56 9.49 5.97
N LYS A 202 -27.66 9.39 5.25
CA LYS A 202 -27.66 8.70 3.96
C LYS A 202 -26.89 9.47 2.88
N THR A 203 -26.91 10.79 2.95
CA THR A 203 -26.11 11.60 2.03
C THR A 203 -24.63 11.39 2.29
N ARG A 204 -24.24 11.56 3.55
CA ARG A 204 -22.84 11.40 3.94
C ARG A 204 -22.28 10.01 3.72
N ALA A 205 -23.16 9.03 3.62
CA ALA A 205 -22.75 7.63 3.53
C ALA A 205 -21.96 7.33 2.25
N ILE A 206 -22.18 8.09 1.19
CA ILE A 206 -21.46 7.88 -0.08
C ILE A 206 -20.42 8.95 -0.30
N LYS A 207 -19.15 8.58 -0.22
CA LYS A 207 -18.04 9.51 -0.41
C LYS A 207 -17.73 9.71 -1.89
N GLY A 208 -17.50 10.96 -2.29
CA GLY A 208 -17.02 11.24 -3.64
C GLY A 208 -15.53 10.99 -3.75
N PRO A 209 -14.99 11.12 -4.98
CA PRO A 209 -13.57 10.81 -5.20
C PRO A 209 -12.63 11.68 -4.34
N ASP A 210 -12.93 12.97 -4.20
CA ASP A 210 -12.05 13.80 -3.38
C ASP A 210 -12.13 13.46 -1.89
N GLU A 211 -13.33 13.15 -1.39
CA GLU A 211 -13.45 12.71 0.00
C GLU A 211 -12.62 11.45 0.25
N ILE A 212 -12.58 10.56 -0.73
CA ILE A 212 -11.81 9.34 -0.59
C ILE A 212 -10.32 9.65 -0.57
N LEU A 213 -9.87 10.55 -1.44
CA LEU A 213 -8.47 11.01 -1.41
C LEU A 213 -8.17 11.65 -0.05
N ALA A 214 -9.08 12.48 0.43
CA ALA A 214 -8.92 13.13 1.73
C ALA A 214 -8.76 12.08 2.83
N MET A 215 -9.58 11.04 2.77
CA MET A 215 -9.55 9.99 3.77
C MET A 215 -8.25 9.18 3.74
N ARG A 216 -7.73 8.91 2.54
CA ARG A 216 -6.43 8.22 2.43
C ARG A 216 -5.33 9.04 3.09
N CYS A 217 -5.39 10.36 2.91
CA CYS A 217 -4.42 11.23 3.56
C CYS A 217 -4.59 11.19 5.09
N ALA A 218 -5.82 11.32 5.57
CA ALA A 218 -6.08 11.30 7.01
C ALA A 218 -5.64 9.97 7.62
N SER A 219 -5.90 8.89 6.90
CA SER A 219 -5.54 7.57 7.37
C SER A 219 -4.02 7.44 7.50
N HIS A 220 -3.30 7.95 6.50
CA HIS A 220 -1.84 7.89 6.56
C HIS A 220 -1.34 8.68 7.78
N ALA A 221 -1.87 9.88 7.98
CA ALA A 221 -1.48 10.71 9.13
C ALA A 221 -1.81 10.05 10.46
N CYS A 222 -3.00 9.45 10.55
CA CYS A 222 -3.39 8.76 11.78
C CYS A 222 -2.46 7.59 12.05
N GLU A 223 -2.14 6.81 11.02
CA GLU A 223 -1.28 5.65 11.23
C GLU A 223 0.12 6.09 11.63
N THR A 224 0.56 7.24 11.12
CA THR A 224 1.84 7.81 11.52
C THR A 224 1.80 8.19 12.99
N ALA A 225 0.70 8.84 13.41
CA ALA A 225 0.55 9.25 14.80
C ALA A 225 0.54 8.02 15.72
N VAL A 226 -0.19 6.98 15.32
CA VAL A 226 -0.24 5.75 16.11
C VAL A 226 1.14 5.10 16.22
N ALA A 227 1.91 5.11 15.13
CA ALA A 227 3.26 4.54 15.16
C ALA A 227 4.15 5.28 16.18
N GLU A 228 3.99 6.60 16.28
CA GLU A 228 4.70 7.37 17.31
C GLU A 228 4.28 6.91 18.70
N MET A 229 2.98 6.69 18.88
CA MET A 229 2.48 6.19 20.16
C MET A 229 3.00 4.80 20.49
N GLU A 230 3.09 3.92 19.50
CA GLU A 230 3.59 2.57 19.74
C GLU A 230 5.06 2.63 20.15
N LYS A 231 5.82 3.48 19.45
CA LYS A 231 7.23 3.65 19.73
C LYS A 231 7.39 4.14 21.17
N PHE A 232 6.59 5.11 21.56
CA PHE A 232 6.63 5.62 22.93
C PHE A 232 6.23 4.55 23.94
N ALA A 233 5.15 3.82 23.67
CA ALA A 233 4.68 2.80 24.60
C ALA A 233 5.69 1.66 24.79
N ARG A 234 6.24 1.15 23.69
CA ARG A 234 7.18 0.05 23.82
C ARG A 234 8.46 0.48 24.54
N ALA A 235 8.82 1.76 24.42
CA ALA A 235 10.01 2.30 25.07
C ALA A 235 9.82 2.58 26.57
N HIS A 236 8.61 2.89 26.99
CA HIS A 236 8.41 3.44 28.34
C HIS A 236 7.47 2.66 29.25
N VAL A 237 6.65 1.78 28.68
CA VAL A 237 5.72 0.99 29.50
C VAL A 237 6.49 0.15 30.50
N GLY A 238 6.02 0.14 31.75
CA GLY A 238 6.61 -0.69 32.78
C GLY A 238 7.83 -0.06 33.43
N ASP A 239 8.03 1.23 33.22
CA ASP A 239 9.11 1.95 33.89
C ASP A 239 8.68 2.44 35.28
N GLY A 240 7.49 2.03 35.72
CA GLY A 240 6.99 2.37 37.04
C GLY A 240 6.34 3.74 37.15
N LYS A 241 6.28 4.45 36.04
CA LYS A 241 5.79 5.82 36.04
C LYS A 241 4.83 6.11 34.87
N THR A 242 5.07 5.51 33.73
CA THR A 242 4.27 5.79 32.57
C THR A 242 2.83 5.29 32.68
N SER A 243 1.90 6.21 32.53
CA SER A 243 0.47 5.99 32.63
C SER A 243 -0.16 5.81 31.23
N GLU A 244 -1.38 5.27 31.23
CA GLU A 244 -2.27 5.24 30.09
C GLU A 244 -2.37 6.60 29.45
N ASP A 245 -2.55 7.61 30.28
CA ASP A 245 -2.67 8.98 29.81
C ASP A 245 -1.39 9.47 29.12
N ASP A 246 -0.23 9.09 29.65
CA ASP A 246 1.06 9.45 29.03
C ASP A 246 1.16 8.91 27.61
N ILE A 247 0.78 7.65 27.46
CA ILE A 247 0.87 7.01 26.15
C ILE A 247 -0.11 7.69 25.19
N TRP A 248 -1.34 7.80 25.63
CA TRP A 248 -2.42 8.34 24.81
C TRP A 248 -2.16 9.80 24.39
N ALA A 249 -1.53 10.57 25.26
CA ALA A 249 -1.18 11.96 24.94
C ALA A 249 -0.35 12.06 23.66
N VAL A 250 0.45 11.03 23.36
CA VAL A 250 1.24 11.05 22.15
C VAL A 250 0.33 11.10 20.91
N LEU A 251 -0.71 10.28 20.90
CA LEU A 251 -1.69 10.30 19.80
C LEU A 251 -2.33 11.68 19.66
N HIS A 252 -2.73 12.28 20.78
CA HIS A 252 -3.27 13.64 20.76
C HIS A 252 -2.35 14.63 20.06
N ALA A 253 -1.10 14.70 20.50
CA ALA A 253 -0.16 15.71 20.00
C ALA A 253 0.17 15.49 18.52
N GLU A 254 0.43 14.23 18.17
CA GLU A 254 0.83 13.90 16.80
C GLU A 254 -0.31 14.11 15.81
N ASN A 255 -1.55 13.94 16.27
CA ASN A 255 -2.72 14.27 15.45
C ASN A 255 -2.80 15.78 15.22
N ILE A 256 -2.70 16.56 16.30
CA ILE A 256 -2.76 18.03 16.20
C ILE A 256 -1.64 18.57 15.33
N LYS A 257 -0.44 18.02 15.48
CA LYS A 257 0.70 18.43 14.66
C LYS A 257 0.49 18.20 13.16
N ARG A 258 -0.46 17.35 12.81
CA ARG A 258 -0.72 17.04 11.39
C ARG A 258 -2.01 17.68 10.90
N GLY A 259 -2.56 18.58 11.70
CA GLY A 259 -3.78 19.27 11.32
C GLY A 259 -5.07 18.54 11.66
N GLY A 260 -4.99 17.51 12.50
CA GLY A 260 -6.18 16.82 12.98
C GLY A 260 -6.97 17.68 13.96
N GLU A 261 -8.11 17.17 14.45
CA GLU A 261 -9.03 18.07 15.17
C GLU A 261 -9.35 17.66 16.60
N TRP A 262 -9.68 16.38 16.82
CA TRP A 262 -9.91 15.91 18.18
C TRP A 262 -10.01 14.40 18.22
N ILE A 263 -10.19 13.86 19.42
CA ILE A 263 -10.38 12.42 19.58
C ILE A 263 -11.71 12.20 20.28
N GLU A 264 -12.55 11.31 19.74
CA GLU A 264 -13.95 11.19 20.18
C GLU A 264 -14.19 10.45 21.50
N THR A 265 -13.27 9.55 21.86
CA THR A 265 -13.47 8.71 23.03
C THR A 265 -12.23 8.74 23.93
N ARG A 266 -12.22 7.93 24.99
CA ARG A 266 -11.00 7.70 25.76
C ARG A 266 -10.61 6.22 25.70
N LEU A 267 -10.78 5.60 24.53
CA LEU A 267 -10.66 4.16 24.49
C LEU A 267 -9.22 3.69 24.27
N LEU A 268 -8.42 3.81 25.32
CA LEU A 268 -7.13 3.13 25.41
C LEU A 268 -7.06 2.61 26.83
N ALA A 269 -6.77 1.34 27.00
CA ALA A 269 -6.71 0.78 28.35
C ALA A 269 -5.62 -0.26 28.43
N SER A 270 -5.12 -0.48 29.65
CA SER A 270 -4.00 -1.38 29.85
C SER A 270 -4.36 -2.53 30.79
N GLY A 271 -3.71 -3.68 30.57
CA GLY A 271 -3.87 -4.82 31.46
C GLY A 271 -5.31 -5.20 31.75
N PRO A 272 -5.65 -5.39 33.04
CA PRO A 272 -6.98 -5.87 33.40
C PRO A 272 -8.07 -4.85 33.07
N ARG A 273 -7.68 -3.60 32.83
CA ARG A 273 -8.65 -2.56 32.47
C ARG A 273 -9.15 -2.69 31.05
N THR A 274 -8.62 -3.64 30.27
CA THR A 274 -9.17 -3.92 28.94
C THR A 274 -10.40 -4.83 28.97
N ASN A 275 -10.74 -5.37 30.14
CA ASN A 275 -11.88 -6.29 30.24
C ASN A 275 -12.67 -6.02 31.53
N PRO A 276 -13.93 -5.56 31.43
CA PRO A 276 -14.69 -5.38 30.18
C PRO A 276 -14.20 -4.18 29.38
N TRP A 277 -14.42 -4.19 28.09
CA TRP A 277 -14.06 -3.10 27.23
C TRP A 277 -14.93 -1.87 27.51
N PHE A 278 -14.44 -0.72 27.14
CA PHE A 278 -15.04 0.59 27.35
C PHE A 278 -14.74 1.21 28.75
N GLN A 279 -13.66 0.75 29.36
CA GLN A 279 -13.08 1.42 30.45
C GLN A 279 -12.21 2.50 29.82
N GLU A 280 -12.04 3.62 30.48
CA GLU A 280 -11.46 4.75 29.81
C GLU A 280 -9.98 4.92 30.13
N CYS A 281 -9.27 5.58 29.23
CA CYS A 281 -7.87 5.93 29.44
C CYS A 281 -7.74 6.81 30.67
N GLY A 282 -6.83 6.45 31.56
CA GLY A 282 -6.66 7.22 32.78
C GLY A 282 -5.26 7.16 33.39
N PRO A 283 -5.20 7.26 34.72
CA PRO A 283 -3.91 7.38 35.40
C PRO A 283 -3.17 6.06 35.63
N ARG A 284 -3.79 4.91 35.33
CA ARG A 284 -3.17 3.62 35.64
C ARG A 284 -1.71 3.56 35.20
N ILE A 285 -0.83 3.15 36.09
CA ILE A 285 0.56 2.99 35.74
C ILE A 285 0.74 1.64 35.01
N THR A 286 1.24 1.73 33.78
CA THR A 286 1.31 0.55 32.91
C THR A 286 2.41 -0.40 33.37
N GLN A 287 2.32 -1.65 32.92
CA GLN A 287 3.21 -2.71 33.40
C GLN A 287 3.83 -3.49 32.26
N LYS A 288 5.05 -4.01 32.47
CA LYS A 288 5.63 -4.99 31.56
C LYS A 288 4.79 -6.26 31.56
N ASN A 289 4.78 -6.96 30.43
CA ASN A 289 4.04 -8.20 30.25
C ASN A 289 2.55 -8.03 30.47
N GLU A 290 1.99 -7.06 29.76
CA GLU A 290 0.57 -6.79 29.77
C GLU A 290 0.10 -6.37 28.39
N ILE A 291 -1.18 -6.58 28.18
CA ILE A 291 -1.89 -6.11 27.00
C ILE A 291 -2.17 -4.61 27.09
N ILE A 292 -2.01 -3.89 25.99
CA ILE A 292 -2.61 -2.57 25.84
C ILE A 292 -3.48 -2.59 24.58
N ALA A 293 -4.72 -2.16 24.73
CA ALA A 293 -5.65 -2.14 23.60
C ALA A 293 -6.22 -0.74 23.45
N PHE A 294 -6.37 -0.29 22.21
CA PHE A 294 -6.86 1.06 22.00
C PHE A 294 -7.65 1.14 20.73
N ASP A 295 -8.36 2.24 20.63
CA ASP A 295 -9.23 2.52 19.52
C ASP A 295 -9.01 3.99 19.21
N THR A 296 -8.64 4.34 17.98
CA THR A 296 -8.25 5.72 17.69
C THR A 296 -9.42 6.70 17.75
N ASP A 297 -10.57 6.30 17.19
CA ASP A 297 -11.79 7.14 17.19
C ASP A 297 -11.44 8.61 16.96
N LEU A 298 -10.70 8.85 15.88
CA LEU A 298 -9.95 10.08 15.75
C LEU A 298 -10.46 10.94 14.61
N ILE A 299 -10.66 12.22 14.88
CA ILE A 299 -11.03 13.18 13.83
C ILE A 299 -9.73 13.82 13.36
N GLY A 300 -9.26 13.41 12.19
CA GLY A 300 -7.91 13.73 11.76
C GLY A 300 -7.81 14.82 10.72
N SER A 301 -6.77 14.74 9.90
CA SER A 301 -6.49 15.75 8.90
C SER A 301 -7.66 15.86 7.92
N TYR A 302 -7.87 17.06 7.38
CA TYR A 302 -9.03 17.36 6.54
C TYR A 302 -10.36 17.10 7.24
N GLY A 303 -10.34 16.92 8.56
CA GLY A 303 -11.56 16.69 9.31
C GLY A 303 -12.12 15.29 9.13
N ILE A 304 -11.33 14.39 8.55
CA ILE A 304 -11.78 13.02 8.28
C ILE A 304 -11.49 12.10 9.47
N CYS A 305 -12.50 11.30 9.81
CA CYS A 305 -12.40 10.33 10.89
C CYS A 305 -11.62 9.09 10.46
N VAL A 306 -10.63 8.73 11.27
CA VAL A 306 -9.90 7.49 11.08
C VAL A 306 -10.15 6.67 12.32
N ASP A 307 -10.83 5.55 12.13
CA ASP A 307 -11.35 4.80 13.23
C ASP A 307 -10.79 3.38 13.17
N ILE A 308 -9.65 3.17 13.82
CA ILE A 308 -9.02 1.86 13.83
C ILE A 308 -8.62 1.45 15.24
N SER A 309 -8.52 0.14 15.46
CA SER A 309 -8.20 -0.38 16.78
C SER A 309 -7.11 -1.42 16.66
N ARG A 310 -6.17 -1.40 17.59
CA ARG A 310 -5.11 -2.40 17.65
C ARG A 310 -4.92 -2.81 19.09
N THR A 311 -4.42 -4.03 19.29
CA THR A 311 -4.04 -4.50 20.61
C THR A 311 -2.58 -4.87 20.60
N TRP A 312 -1.84 -4.41 21.60
CA TRP A 312 -0.42 -4.66 21.69
C TRP A 312 -0.07 -5.51 22.89
N TRP A 313 0.92 -6.37 22.72
CA TRP A 313 1.56 -7.03 23.85
C TRP A 313 2.92 -6.38 24.06
N ILE A 314 3.17 -5.92 25.29
CA ILE A 314 4.44 -5.29 25.59
C ILE A 314 5.06 -5.98 26.80
N GLY A 315 6.21 -6.62 26.59
CA GLY A 315 6.89 -7.30 27.68
C GLY A 315 8.03 -8.18 27.21
N ASP A 316 8.82 -8.67 28.15
CA ASP A 316 9.94 -9.57 27.85
C ASP A 316 9.47 -11.01 27.65
N GLN A 317 8.36 -11.37 28.31
CA GLN A 317 7.81 -12.71 28.19
C GLN A 317 6.93 -12.83 26.95
N LYS A 318 6.57 -14.06 26.59
CA LYS A 318 5.57 -14.29 25.55
C LYS A 318 4.18 -14.01 26.10
N PRO A 319 3.24 -13.58 25.24
CA PRO A 319 1.83 -13.49 25.67
C PRO A 319 1.28 -14.87 25.97
N ARG A 320 0.25 -14.96 26.81
CA ARG A 320 -0.38 -16.25 27.12
C ARG A 320 -1.04 -16.85 25.87
N PRO A 321 -1.14 -18.19 25.81
CA PRO A 321 -1.83 -18.81 24.67
C PRO A 321 -3.28 -18.34 24.52
N ASP A 322 -3.95 -17.97 25.61
CA ASP A 322 -5.35 -17.59 25.42
C ASP A 322 -5.40 -16.20 24.78
N MET A 323 -4.35 -15.42 24.98
CA MET A 323 -4.26 -14.09 24.36
C MET A 323 -4.01 -14.22 22.87
N VAL A 324 -3.13 -15.14 22.52
CA VAL A 324 -2.86 -15.45 21.12
C VAL A 324 -4.13 -15.93 20.41
N TYR A 325 -4.83 -16.90 21.01
CA TYR A 325 -6.06 -17.40 20.40
C TYR A 325 -7.10 -16.29 20.19
N ALA A 326 -7.26 -15.45 21.20
CA ALA A 326 -8.24 -14.37 21.16
C ALA A 326 -7.90 -13.39 20.05
N MET A 327 -6.62 -13.02 19.96
CA MET A 327 -6.16 -12.12 18.90
C MET A 327 -6.41 -12.71 17.52
N GLN A 328 -6.07 -13.99 17.35
CA GLN A 328 -6.25 -14.67 16.06
C GLN A 328 -7.74 -14.76 15.72
N HIS A 329 -8.54 -14.98 16.75
CA HIS A 329 -9.98 -15.09 16.60
C HIS A 329 -10.57 -13.73 16.18
N ALA A 330 -10.04 -12.66 16.76
CA ALA A 330 -10.49 -11.32 16.45
C ALA A 330 -10.14 -10.94 15.01
N HIS A 331 -8.93 -11.32 14.61
CA HIS A 331 -8.45 -11.06 13.25
C HIS A 331 -9.29 -11.83 12.23
N GLU A 332 -9.52 -13.11 12.50
CA GLU A 332 -10.39 -13.93 11.67
C GLU A 332 -11.80 -13.33 11.55
N HIS A 333 -12.30 -12.79 12.66
CA HIS A 333 -13.61 -12.15 12.70
C HIS A 333 -13.70 -10.99 11.69
N ILE A 334 -12.77 -10.02 11.76
CA ILE A 334 -12.87 -8.87 10.87
C ILE A 334 -12.49 -9.20 9.42
N MET A 335 -11.55 -10.11 9.20
CA MET A 335 -11.20 -10.46 7.82
C MET A 335 -12.35 -11.22 7.16
N THR A 336 -13.04 -12.07 7.91
CA THR A 336 -14.19 -12.80 7.37
C THR A 336 -15.34 -11.83 7.11
N ASN A 337 -15.58 -10.94 8.06
CA ASN A 337 -16.69 -10.03 7.89
C ASN A 337 -16.43 -9.00 6.78
N MET A 338 -15.20 -8.51 6.62
CA MET A 338 -15.00 -7.53 5.55
C MET A 338 -15.06 -8.20 4.18
N GLU A 339 -14.76 -9.49 4.11
CA GLU A 339 -14.88 -10.21 2.83
C GLU A 339 -16.33 -10.29 2.33
N MET A 340 -17.29 -10.00 3.19
CA MET A 340 -18.70 -9.94 2.78
C MET A 340 -19.02 -8.69 1.98
N LEU A 341 -18.14 -7.71 2.05
CA LEU A 341 -18.44 -6.37 1.53
C LEU A 341 -18.32 -6.25 0.02
N LYS A 342 -19.41 -5.86 -0.63
CA LYS A 342 -19.40 -5.46 -2.02
C LYS A 342 -20.70 -4.74 -2.31
N PRO A 343 -20.74 -3.91 -3.37
CA PRO A 343 -21.98 -3.20 -3.70
C PRO A 343 -23.15 -4.15 -3.87
N GLY A 344 -24.33 -3.75 -3.41
CA GLY A 344 -25.54 -4.54 -3.61
C GLY A 344 -25.88 -5.49 -2.49
N VAL A 345 -24.92 -5.79 -1.62
CA VAL A 345 -25.23 -6.63 -0.46
C VAL A 345 -26.15 -5.83 0.46
N MET A 346 -27.22 -6.46 0.93
CA MET A 346 -28.14 -5.81 1.85
C MET A 346 -27.56 -5.83 3.27
N ILE A 347 -27.63 -4.69 3.94
CA ILE A 347 -27.08 -4.59 5.28
C ILE A 347 -27.56 -5.70 6.22
N PRO A 348 -28.87 -6.03 6.21
CA PRO A 348 -29.28 -7.12 7.09
C PRO A 348 -28.69 -8.49 6.73
N ASP A 349 -28.24 -8.68 5.48
CA ASP A 349 -27.56 -9.93 5.11
C ASP A 349 -26.14 -10.00 5.67
N LEU A 350 -25.52 -8.84 5.90
CA LEU A 350 -24.24 -8.80 6.61
C LEU A 350 -24.44 -9.32 8.01
N THR A 351 -25.50 -8.84 8.66
CA THR A 351 -25.85 -9.29 9.98
C THR A 351 -26.07 -10.79 10.01
N ALA A 352 -26.84 -11.29 9.06
CA ALA A 352 -27.26 -12.69 9.04
C ALA A 352 -26.09 -13.65 8.77
N ASN A 353 -25.12 -13.19 8.00
CA ASN A 353 -24.05 -14.09 7.57
C ASN A 353 -22.72 -13.83 8.24
N CYS A 354 -22.71 -13.01 9.28
CA CYS A 354 -21.43 -12.61 9.86
C CYS A 354 -20.69 -13.77 10.52
N HIS A 355 -19.39 -13.60 10.67
CA HIS A 355 -18.54 -14.59 11.34
C HIS A 355 -19.05 -14.79 12.75
N ARG A 356 -19.08 -16.05 13.20
CA ARG A 356 -19.60 -16.38 14.52
C ARG A 356 -18.49 -16.47 15.57
N LEU A 357 -18.50 -15.53 16.52
CA LEU A 357 -17.55 -15.60 17.63
C LEU A 357 -17.84 -16.81 18.52
N ASP A 358 -16.80 -17.43 19.08
CA ASP A 358 -16.97 -18.49 20.07
C ASP A 358 -17.92 -18.06 21.18
N ASP A 359 -18.66 -19.03 21.72
CA ASP A 359 -19.62 -18.78 22.80
C ASP A 359 -19.02 -17.94 23.91
N LYS A 360 -17.80 -18.28 24.32
CA LYS A 360 -17.19 -17.61 25.48
C LYS A 360 -16.92 -16.13 25.21
N PHE A 361 -17.05 -15.70 23.96
CA PHE A 361 -16.85 -14.29 23.59
C PHE A 361 -18.14 -13.57 23.23
N GLN A 362 -19.26 -14.30 23.17
CA GLN A 362 -20.52 -13.72 22.72
C GLN A 362 -21.08 -12.65 23.67
N ALA A 363 -20.98 -12.89 24.97
CA ALA A 363 -21.56 -11.95 25.95
C ALA A 363 -20.99 -10.54 25.85
N GLN A 364 -19.69 -10.43 25.63
CA GLN A 364 -19.05 -9.12 25.67
C GLN A 364 -18.64 -8.59 24.30
N LYS A 365 -19.22 -9.15 23.24
CA LYS A 365 -18.89 -8.72 21.88
C LYS A 365 -19.32 -7.28 21.65
N TYR A 366 -18.81 -6.70 20.57
CA TYR A 366 -19.00 -5.26 20.32
C TYR A 366 -20.46 -4.94 20.04
N GLY A 367 -20.82 -3.66 20.14
CA GLY A 367 -22.16 -3.18 19.88
C GLY A 367 -22.58 -3.25 18.41
N CYS A 368 -21.62 -3.56 17.54
CA CYS A 368 -21.90 -3.78 16.13
C CYS A 368 -20.74 -4.55 15.53
N LEU A 369 -20.93 -5.12 14.35
CA LEU A 369 -19.80 -5.74 13.68
C LEU A 369 -19.21 -4.77 12.65
N MET A 370 -20.00 -3.78 12.24
CA MET A 370 -19.55 -2.71 11.32
C MET A 370 -20.34 -1.44 11.51
N HIS A 371 -19.74 -0.32 11.13
CA HIS A 371 -20.51 0.93 11.05
C HIS A 371 -19.89 1.84 10.02
N GLY A 372 -20.65 2.79 9.50
CA GLY A 372 -20.09 3.72 8.56
C GLY A 372 -19.14 4.71 9.20
N VAL A 373 -18.34 5.37 8.37
CA VAL A 373 -17.41 6.35 8.89
C VAL A 373 -17.16 7.40 7.82
N GLY A 374 -16.96 8.64 8.24
CA GLY A 374 -16.70 9.74 7.32
C GLY A 374 -16.07 10.89 8.08
N LEU A 375 -16.90 11.83 8.53
CA LEU A 375 -16.42 12.95 9.36
C LEU A 375 -16.39 12.51 10.81
N CYS A 376 -17.03 11.37 11.07
CA CYS A 376 -17.09 10.72 12.37
C CYS A 376 -17.81 9.42 12.11
N ASP A 377 -18.14 8.66 13.14
CA ASP A 377 -19.00 7.48 12.96
C ASP A 377 -20.32 7.87 12.32
N GLU A 378 -20.70 7.11 11.31
CA GLU A 378 -21.86 7.45 10.50
C GLU A 378 -22.67 6.20 10.19
N TRP A 379 -23.91 6.43 9.80
CA TRP A 379 -24.78 5.41 9.23
C TRP A 379 -24.02 4.65 8.13
N PRO A 380 -24.24 3.33 8.00
CA PRO A 380 -25.16 2.47 8.76
C PRO A 380 -24.53 1.86 10.00
N LEU A 381 -25.37 1.27 10.84
CA LEU A 381 -24.86 0.48 11.95
C LEU A 381 -25.25 -0.95 11.65
N VAL A 382 -24.26 -1.83 11.63
CA VAL A 382 -24.54 -3.21 11.28
C VAL A 382 -24.47 -4.05 12.55
N ALA A 383 -25.64 -4.38 13.09
CA ALA A 383 -25.71 -5.07 14.38
C ALA A 383 -25.46 -6.57 14.25
N TYR A 384 -25.00 -7.19 15.33
CA TYR A 384 -24.98 -8.66 15.42
C TYR A 384 -26.42 -9.18 15.41
N PRO A 385 -26.64 -10.41 14.94
CA PRO A 385 -27.99 -10.95 14.79
C PRO A 385 -28.85 -10.86 16.06
N ASP A 386 -28.25 -11.04 17.23
CA ASP A 386 -29.03 -11.04 18.47
C ASP A 386 -29.43 -9.64 18.92
N LYS A 387 -28.96 -8.60 18.25
CA LYS A 387 -29.34 -7.23 18.59
C LYS A 387 -30.03 -6.53 17.42
N ALA A 388 -29.89 -7.08 16.21
CA ALA A 388 -30.38 -6.44 15.00
C ALA A 388 -31.90 -6.32 15.01
N VAL A 389 -32.39 -5.19 14.51
CA VAL A 389 -33.82 -4.90 14.52
C VAL A 389 -34.35 -4.94 13.10
N PRO A 390 -35.36 -5.78 12.85
CA PRO A 390 -35.94 -5.86 11.51
C PRO A 390 -36.48 -4.50 11.05
N GLY A 391 -36.24 -4.15 9.79
CA GLY A 391 -36.75 -2.91 9.24
C GLY A 391 -36.02 -1.64 9.66
N SER A 392 -34.80 -1.79 10.18
CA SER A 392 -34.05 -0.63 10.66
C SER A 392 -33.03 -0.11 9.64
N TYR A 393 -32.41 -1.03 8.89
CA TYR A 393 -31.39 -0.66 7.91
C TYR A 393 -31.54 -1.48 6.63
N ASP A 394 -32.73 -1.53 6.05
CA ASP A 394 -32.98 -2.34 4.86
C ASP A 394 -32.50 -1.64 3.60
N TYR A 395 -31.18 -1.58 3.42
CA TYR A 395 -30.58 -0.90 2.28
C TYR A 395 -29.36 -1.67 1.82
N PRO A 396 -29.01 -1.54 0.53
CA PRO A 396 -27.79 -2.16 0.01
C PRO A 396 -26.57 -1.25 0.15
N LEU A 397 -25.39 -1.87 0.28
CA LEU A 397 -24.13 -1.14 0.17
C LEU A 397 -23.93 -0.60 -1.24
N GLU A 398 -23.19 0.50 -1.34
CA GLU A 398 -22.92 1.14 -2.62
C GLU A 398 -21.45 1.51 -2.70
N PRO A 399 -20.89 1.62 -3.92
CA PRO A 399 -19.51 2.10 -4.02
C PRO A 399 -19.38 3.49 -3.39
N GLY A 400 -18.29 3.73 -2.67
CA GLY A 400 -18.10 5.03 -2.02
C GLY A 400 -18.46 5.03 -0.54
N MET A 401 -19.14 3.98 -0.08
CA MET A 401 -19.35 3.82 1.35
C MET A 401 -18.05 3.39 1.99
N VAL A 402 -17.86 3.79 3.23
CA VAL A 402 -16.71 3.35 4.00
C VAL A 402 -17.23 2.79 5.32
N LEU A 403 -16.83 1.57 5.64
CA LEU A 403 -17.25 0.91 6.88
C LEU A 403 -16.05 0.49 7.67
N CYS A 404 -16.10 0.73 8.97
CA CYS A 404 -15.15 0.12 9.89
C CYS A 404 -15.66 -1.26 10.28
N VAL A 405 -14.74 -2.21 10.36
CA VAL A 405 -15.11 -3.59 10.65
C VAL A 405 -14.47 -3.93 11.97
N GLU A 406 -15.31 -4.38 12.92
CA GLU A 406 -14.98 -4.40 14.35
C GLU A 406 -14.86 -5.78 14.94
N ALA A 407 -13.97 -5.91 15.93
CA ALA A 407 -13.93 -7.11 16.76
C ALA A 407 -13.52 -6.75 18.17
N ALA A 408 -14.37 -7.08 19.14
CA ALA A 408 -14.03 -7.01 20.55
C ALA A 408 -14.15 -8.43 21.08
N VAL A 409 -13.08 -8.94 21.67
CA VAL A 409 -13.01 -10.36 22.00
C VAL A 409 -12.48 -10.52 23.41
N GLY A 410 -13.34 -10.96 24.31
CA GLY A 410 -12.98 -11.12 25.72
C GLY A 410 -14.01 -11.98 26.43
N GLU A 411 -13.56 -12.69 27.47
CA GLU A 411 -14.45 -13.51 28.27
C GLU A 411 -15.01 -12.75 29.47
N VAL A 412 -16.17 -13.16 29.94
CA VAL A 412 -16.79 -12.59 31.12
C VAL A 412 -15.91 -12.88 32.33
N GLY A 413 -15.55 -11.82 33.06
CA GLY A 413 -14.68 -11.97 34.20
C GLY A 413 -13.23 -12.20 33.82
N GLY A 414 -12.91 -12.07 32.53
CA GLY A 414 -11.54 -12.29 32.09
C GLY A 414 -10.64 -11.12 32.42
N ASP A 415 -9.32 -11.30 32.28
CA ASP A 415 -8.38 -10.24 32.66
C ASP A 415 -7.78 -9.49 31.48
N PHE A 416 -8.28 -9.77 30.27
CA PHE A 416 -7.89 -9.03 29.07
C PHE A 416 -8.97 -9.14 27.98
N SER A 417 -8.95 -8.19 27.05
CA SER A 417 -9.76 -8.25 25.83
C SER A 417 -8.90 -7.85 24.67
N ILE A 418 -9.24 -8.35 23.48
CA ILE A 418 -8.67 -7.86 22.23
C ILE A 418 -9.66 -6.90 21.58
N LYS A 419 -9.16 -5.77 21.08
CA LYS A 419 -9.95 -4.90 20.20
C LYS A 419 -9.18 -4.69 18.90
N LEU A 420 -9.79 -5.11 17.79
CA LEU A 420 -9.25 -4.85 16.45
C LEU A 420 -10.32 -4.19 15.59
N GLU A 421 -9.87 -3.35 14.66
CA GLU A 421 -10.77 -2.64 13.79
C GLU A 421 -10.02 -2.06 12.58
N ASP A 422 -10.55 -2.30 11.38
CA ASP A 422 -10.00 -1.74 10.14
C ASP A 422 -11.06 -0.89 9.44
N GLN A 423 -10.60 0.07 8.65
CA GLN A 423 -11.48 0.99 7.91
C GLN A 423 -11.53 0.60 6.43
N VAL A 424 -12.71 0.28 5.91
CA VAL A 424 -12.81 -0.40 4.61
C VAL A 424 -13.70 0.34 3.62
N LEU A 425 -13.15 0.62 2.44
CA LEU A 425 -13.87 1.29 1.36
C LEU A 425 -14.63 0.31 0.47
N ILE A 426 -15.88 0.63 0.13
CA ILE A 426 -16.61 -0.15 -0.85
C ILE A 426 -16.24 0.37 -2.23
N THR A 427 -15.80 -0.53 -3.12
CA THR A 427 -15.40 -0.14 -4.46
C THR A 427 -16.45 -0.58 -5.48
N GLU A 428 -16.19 -0.35 -6.77
CA GLU A 428 -17.17 -0.72 -7.80
C GLU A 428 -17.50 -2.21 -7.81
N ASP A 429 -16.53 -3.05 -7.49
CA ASP A 429 -16.74 -4.49 -7.56
C ASP A 429 -16.31 -5.24 -6.31
N GLY A 430 -16.11 -4.52 -5.22
CA GLY A 430 -15.79 -5.21 -3.99
C GLY A 430 -15.44 -4.25 -2.87
N TYR A 431 -14.29 -4.48 -2.24
CA TYR A 431 -13.84 -3.60 -1.18
C TYR A 431 -12.34 -3.40 -1.25
N GLU A 432 -11.88 -2.34 -0.57
CA GLU A 432 -10.46 -2.11 -0.37
C GLU A 432 -10.25 -1.74 1.09
N ASN A 433 -9.47 -2.54 1.79
CA ASN A 433 -9.09 -2.22 3.15
C ASN A 433 -8.12 -1.04 3.13
N LEU A 434 -8.52 0.08 3.71
CA LEU A 434 -7.69 1.28 3.73
C LEU A 434 -6.60 1.20 4.79
N THR A 435 -6.82 0.36 5.80
CA THR A 435 -5.96 0.34 6.96
C THR A 435 -4.75 -0.57 6.73
N THR A 436 -3.55 -0.04 6.96
CA THR A 436 -2.34 -0.83 6.73
C THR A 436 -1.57 -1.10 8.01
N TYR A 437 -2.05 -0.55 9.14
CA TYR A 437 -1.31 -0.69 10.39
C TYR A 437 -1.13 -2.17 10.74
N PRO A 438 0.10 -2.55 11.13
CA PRO A 438 0.34 -3.96 11.43
C PRO A 438 -0.45 -4.50 12.62
N PHE A 439 -0.60 -5.82 12.64
CA PHE A 439 -1.11 -6.51 13.81
C PHE A 439 0.07 -7.06 14.61
N ASP A 440 0.02 -6.89 15.94
CA ASP A 440 1.06 -7.34 16.85
C ASP A 440 1.47 -8.79 16.57
N ALA A 441 2.73 -8.98 16.14
CA ALA A 441 3.18 -10.27 15.61
C ALA A 441 3.20 -11.36 16.69
N ALA A 442 3.44 -10.96 17.95
CA ALA A 442 3.43 -11.93 19.03
C ALA A 442 2.00 -12.36 19.34
N LEU A 443 1.07 -11.41 19.36
CA LEU A 443 -0.31 -11.75 19.65
C LEU A 443 -0.90 -12.59 18.50
N MET A 444 -0.43 -12.34 17.29
CA MET A 444 -0.91 -13.08 16.11
C MET A 444 -0.34 -14.50 16.05
N GLY A 445 0.59 -14.81 16.96
CA GLY A 445 1.22 -16.12 17.01
C GLY A 445 2.23 -16.33 15.90
N LEU A 446 2.73 -15.23 15.31
CA LEU A 446 3.67 -15.31 14.20
C LEU A 446 5.12 -15.16 14.67
N ALA A 447 5.32 -14.45 15.77
CA ALA A 447 6.67 -14.15 16.23
C ALA A 447 7.22 -15.29 17.09
N ARG B 9 9.38 14.28 -31.33
CA ARG B 9 10.63 13.79 -30.82
C ARG B 9 10.48 13.27 -29.39
N LYS B 10 9.74 13.96 -28.55
CA LYS B 10 9.46 13.50 -27.19
C LYS B 10 8.53 12.29 -27.22
N ILE B 11 8.77 11.34 -26.32
CA ILE B 11 7.85 10.21 -26.20
C ILE B 11 6.74 10.60 -25.24
N ASP B 12 7.05 11.54 -24.35
CA ASP B 12 6.09 12.04 -23.36
C ASP B 12 6.00 13.56 -23.50
N PRO B 13 4.94 14.04 -24.17
CA PRO B 13 4.75 15.46 -24.47
C PRO B 13 4.63 16.32 -23.21
N SER B 14 4.23 15.70 -22.10
CA SER B 14 4.01 16.40 -20.84
C SER B 14 5.28 16.67 -20.06
N ARG B 15 6.42 16.15 -20.53
CA ARG B 15 7.67 16.34 -19.80
C ARG B 15 8.68 17.16 -20.58
N GLY B 16 9.76 17.54 -19.90
CA GLY B 16 10.86 18.27 -20.50
C GLY B 16 11.84 17.35 -21.20
N ALA B 17 13.14 17.66 -21.05
CA ALA B 17 14.19 16.91 -21.73
C ALA B 17 14.35 15.46 -21.25
N THR B 18 13.91 15.20 -20.04
CA THR B 18 14.09 13.88 -19.44
C THR B 18 12.78 13.27 -18.94
N LEU B 19 12.73 11.94 -18.90
CA LEU B 19 11.63 11.23 -18.27
C LEU B 19 11.86 11.26 -16.78
N GLY B 20 10.90 10.73 -16.02
CA GLY B 20 10.95 10.77 -14.57
C GLY B 20 12.10 9.99 -13.96
N ASP B 21 12.66 9.04 -14.71
CA ASP B 21 13.80 8.28 -14.22
C ASP B 21 15.11 8.89 -14.69
N GLY B 22 15.03 10.09 -15.26
CA GLY B 22 16.22 10.80 -15.69
C GLY B 22 16.70 10.44 -17.08
N THR B 23 16.07 9.47 -17.74
CA THR B 23 16.50 9.06 -19.08
C THR B 23 15.98 10.05 -20.13
N PRO B 24 16.56 10.04 -21.34
CA PRO B 24 16.14 11.04 -22.35
C PRO B 24 14.70 10.90 -22.81
N ASN B 25 13.97 12.02 -22.82
CA ASN B 25 12.61 12.07 -23.32
C ASN B 25 12.66 12.13 -24.84
N ASP B 26 12.90 10.99 -25.47
CA ASP B 26 13.22 10.92 -26.88
C ASP B 26 12.65 9.63 -27.46
N ASN B 27 11.60 9.76 -28.28
CA ASN B 27 10.91 8.62 -28.87
C ASN B 27 11.82 7.74 -29.74
N ASP B 28 12.89 8.32 -30.27
CA ASP B 28 13.72 7.58 -31.23
C ASP B 28 15.02 7.05 -30.64
N ARG B 29 15.14 7.14 -29.31
CA ARG B 29 16.39 6.80 -28.65
C ARG B 29 16.68 5.30 -28.73
N ILE B 30 17.96 4.96 -28.60
CA ILE B 30 18.37 3.56 -28.60
C ILE B 30 17.87 2.82 -27.35
N GLU B 31 18.10 3.42 -26.18
CA GLU B 31 17.77 2.80 -24.90
C GLU B 31 16.28 2.42 -24.79
N ILE B 32 16.00 1.23 -24.29
CA ILE B 32 14.61 0.85 -24.08
C ILE B 32 14.27 1.05 -22.61
N GLY B 33 13.25 0.37 -22.09
CA GLY B 33 12.80 0.60 -20.73
C GLY B 33 11.30 0.46 -20.62
N PRO B 34 10.73 0.90 -19.49
CA PRO B 34 9.29 0.87 -19.28
C PRO B 34 8.53 1.65 -20.34
N THR B 35 7.35 1.15 -20.67
CA THR B 35 6.51 1.80 -21.67
C THR B 35 5.74 2.94 -21.04
N GLN B 36 5.17 3.78 -21.90
CA GLN B 36 4.28 4.84 -21.45
C GLN B 36 3.10 4.26 -20.69
N LEU B 37 2.64 3.08 -21.09
CA LEU B 37 1.61 2.39 -20.32
C LEU B 37 2.03 2.17 -18.86
N ALA B 38 3.23 1.61 -18.67
CA ALA B 38 3.77 1.38 -17.33
C ALA B 38 3.92 2.68 -16.54
N PHE B 39 4.52 3.70 -17.16
CA PHE B 39 4.74 4.98 -16.49
C PHE B 39 3.43 5.63 -16.07
N SER B 40 2.42 5.53 -16.92
CA SER B 40 1.10 6.05 -16.60
C SER B 40 0.50 5.37 -15.38
N GLU B 41 0.60 4.04 -15.35
CA GLU B 41 0.05 3.30 -14.21
C GLU B 41 0.81 3.59 -12.92
N TRP B 42 2.14 3.71 -13.02
CA TRP B 42 2.94 3.96 -11.82
C TRP B 42 2.65 5.34 -11.26
N ALA B 43 2.49 6.32 -12.16
CA ALA B 43 2.22 7.70 -11.75
C ALA B 43 0.87 7.78 -11.05
N ALA B 44 -0.11 7.08 -11.59
CA ALA B 44 -1.43 7.02 -10.96
C ALA B 44 -1.35 6.32 -9.61
N ALA B 45 -0.40 5.42 -9.46
CA ALA B 45 -0.23 4.67 -8.22
C ALA B 45 0.59 5.45 -7.19
N GLY B 46 1.16 6.58 -7.62
CA GLY B 46 1.98 7.39 -6.73
C GLY B 46 3.36 6.80 -6.45
N LEU B 47 3.87 5.98 -7.37
CA LEU B 47 5.20 5.40 -7.18
C LEU B 47 6.31 6.35 -7.61
N GLN B 48 7.31 6.51 -6.75
CA GLN B 48 8.51 7.28 -7.10
C GLN B 48 9.39 6.45 -8.05
N LEU B 49 9.80 7.05 -9.16
CA LEU B 49 10.66 6.37 -10.14
C LEU B 49 12.12 6.35 -9.70
N PRO B 50 12.85 5.29 -10.06
CA PRO B 50 14.30 5.26 -9.76
C PRO B 50 15.04 6.29 -10.58
N ASN B 51 16.18 6.78 -10.11
CA ASN B 51 17.07 7.53 -10.98
C ASN B 51 18.07 6.54 -11.56
N LEU B 52 18.00 6.29 -12.86
CA LEU B 52 18.79 5.21 -13.44
C LEU B 52 20.30 5.50 -13.39
N ASP B 53 20.70 6.76 -13.58
CA ASP B 53 22.11 7.11 -13.48
C ASP B 53 22.64 6.78 -12.08
N ARG B 54 21.89 7.18 -11.06
CA ARG B 54 22.33 6.93 -9.70
C ARG B 54 22.35 5.43 -9.40
N MET B 55 21.35 4.72 -9.92
CA MET B 55 21.27 3.26 -9.77
C MET B 55 22.50 2.56 -10.36
N ARG B 56 22.86 2.97 -11.57
CA ARG B 56 23.98 2.35 -12.27
C ARG B 56 25.30 2.66 -11.58
N GLU B 57 25.39 3.85 -11.00
N GLU B 57 25.38 3.86 -11.02
CA GLU B 57 26.60 4.22 -10.28
CA GLU B 57 26.54 4.29 -10.25
C GLU B 57 26.68 3.44 -8.97
C GLU B 57 26.67 3.44 -8.99
N TYR B 58 25.55 3.26 -8.30
CA TYR B 58 25.52 2.47 -7.07
C TYR B 58 26.04 1.05 -7.32
N ARG B 59 25.53 0.41 -8.37
CA ARG B 59 25.89 -0.97 -8.66
C ARG B 59 27.37 -1.11 -9.00
N TRP B 60 27.84 -0.23 -9.87
CA TRP B 60 29.23 -0.23 -10.28
C TRP B 60 30.17 -0.04 -9.10
N LYS B 61 29.85 0.96 -8.26
CA LYS B 61 30.68 1.23 -7.09
C LYS B 61 30.71 0.04 -6.16
N ARG B 62 29.53 -0.56 -5.90
CA ARG B 62 29.45 -1.67 -4.99
C ARG B 62 30.18 -2.91 -5.53
N LEU B 63 30.08 -3.17 -6.83
CA LEU B 63 30.75 -4.31 -7.42
C LEU B 63 32.27 -4.10 -7.44
N THR B 64 32.71 -2.88 -7.73
CA THR B 64 34.13 -2.58 -7.67
C THR B 64 34.64 -2.81 -6.25
N GLN B 65 33.90 -2.30 -5.27
CA GLN B 65 34.27 -2.49 -3.86
C GLN B 65 34.38 -3.98 -3.48
N ALA B 66 33.51 -4.82 -4.05
CA ALA B 66 33.54 -6.25 -3.75
C ALA B 66 34.85 -6.89 -4.22
N ILE B 67 35.32 -6.45 -5.39
CA ILE B 67 36.58 -6.91 -5.94
C ILE B 67 37.72 -6.49 -5.01
N VAL B 68 37.75 -5.22 -4.67
CA VAL B 68 38.73 -4.66 -3.74
C VAL B 68 38.75 -5.38 -2.39
N ASP B 69 37.56 -5.62 -1.83
CA ASP B 69 37.46 -6.28 -0.53
C ASP B 69 38.08 -7.67 -0.50
N ARG B 70 38.03 -8.36 -1.63
CA ARG B 70 38.53 -9.72 -1.72
C ARG B 70 40.01 -9.77 -2.07
N GLY B 71 40.58 -8.62 -2.41
CA GLY B 71 41.97 -8.55 -2.83
C GLY B 71 42.18 -9.08 -4.23
N TYR B 72 41.16 -9.01 -5.08
CA TYR B 72 41.28 -9.42 -6.48
C TYR B 72 41.67 -8.23 -7.35
N GLY B 73 42.13 -8.50 -8.57
CA GLY B 73 42.43 -7.43 -9.49
C GLY B 73 41.29 -7.08 -10.42
N GLY B 74 40.35 -8.02 -10.55
CA GLY B 74 39.25 -7.80 -11.46
C GLY B 74 38.21 -8.89 -11.45
N LEU B 75 37.09 -8.60 -12.12
CA LEU B 75 35.99 -9.53 -12.26
C LEU B 75 35.58 -9.58 -13.71
N LEU B 76 35.55 -10.79 -14.26
CA LEU B 76 35.18 -11.02 -15.65
C LEU B 76 33.86 -11.76 -15.70
N MET B 77 32.87 -11.18 -16.39
CA MET B 77 31.51 -11.72 -16.37
C MET B 77 31.01 -12.10 -17.77
N PHE B 78 30.55 -13.35 -17.90
CA PHE B 78 29.91 -13.82 -19.12
C PHE B 78 28.41 -14.08 -18.93
N ASP B 79 27.96 -14.11 -17.68
CA ASP B 79 26.54 -14.35 -17.40
C ASP B 79 25.78 -13.07 -17.71
N PRO B 80 24.79 -13.13 -18.62
CA PRO B 80 24.08 -11.90 -19.01
C PRO B 80 23.42 -11.17 -17.85
N LEU B 81 23.11 -11.90 -16.79
CA LEU B 81 22.48 -11.27 -15.63
C LEU B 81 23.51 -10.47 -14.83
N ASN B 82 24.73 -10.98 -14.73
CA ASN B 82 25.83 -10.23 -14.14
C ASN B 82 26.24 -9.05 -15.00
N ILE B 83 26.26 -9.26 -16.32
CA ILE B 83 26.54 -8.18 -17.25
C ILE B 83 25.51 -7.07 -17.12
N ARG B 84 24.24 -7.46 -16.94
CA ARG B 84 23.16 -6.51 -16.71
C ARG B 84 23.38 -5.74 -15.41
N TYR B 85 23.79 -6.45 -14.37
CA TYR B 85 24.01 -5.76 -13.09
C TYR B 85 25.12 -4.73 -13.23
N ALA B 86 26.21 -5.12 -13.88
CA ALA B 86 27.37 -4.23 -13.95
C ALA B 86 27.14 -3.04 -14.89
N THR B 87 26.42 -3.27 -15.98
CA THR B 87 26.30 -2.26 -17.03
C THR B 87 24.89 -1.72 -17.25
N ASP B 88 23.86 -2.46 -16.81
CA ASP B 88 22.45 -2.18 -17.13
C ASP B 88 22.16 -2.23 -18.64
N SER B 89 23.06 -2.85 -19.39
CA SER B 89 22.91 -2.98 -20.84
C SER B 89 22.47 -4.38 -21.22
N THR B 90 21.36 -4.47 -21.96
CA THR B 90 20.87 -5.73 -22.49
C THR B 90 21.27 -5.90 -23.95
N ASN B 91 21.40 -7.14 -24.39
CA ASN B 91 21.59 -7.42 -25.81
C ASN B 91 21.24 -8.88 -26.04
N MET B 92 20.05 -9.13 -26.57
CA MET B 92 19.57 -10.49 -26.78
C MET B 92 19.79 -11.33 -25.53
N GLN B 93 19.32 -10.83 -24.37
CA GLN B 93 19.56 -11.49 -23.09
C GLN B 93 19.38 -13.00 -23.13
N LEU B 94 18.25 -13.47 -23.67
CA LEU B 94 17.94 -14.89 -23.66
C LEU B 94 18.86 -15.68 -24.59
N TRP B 95 19.16 -15.14 -25.76
CA TRP B 95 20.15 -15.78 -26.62
C TRP B 95 21.50 -15.85 -25.88
N ASN B 96 21.83 -14.76 -25.19
CA ASN B 96 23.09 -14.66 -24.48
C ASN B 96 23.22 -15.68 -23.33
N THR B 97 22.10 -16.03 -22.70
CA THR B 97 22.18 -16.99 -21.59
C THR B 97 22.81 -18.32 -21.99
N HIS B 98 22.62 -18.75 -23.24
CA HIS B 98 23.21 -20.02 -23.66
C HIS B 98 24.13 -19.88 -24.87
N ASN B 99 24.43 -18.64 -25.24
CA ASN B 99 25.45 -18.35 -26.24
C ASN B 99 26.36 -17.27 -25.68
N PRO B 100 27.53 -17.65 -25.14
CA PRO B 100 28.33 -16.65 -24.42
C PRO B 100 29.13 -15.75 -25.36
N PHE B 101 28.46 -14.79 -26.00
CA PHE B 101 29.14 -13.94 -26.98
C PHE B 101 29.65 -12.65 -26.36
N ARG B 102 29.27 -12.43 -25.10
CA ARG B 102 29.44 -11.13 -24.45
C ARG B 102 30.29 -11.24 -23.20
N ALA B 103 31.07 -10.21 -22.89
CA ALA B 103 31.83 -10.23 -21.65
C ALA B 103 32.04 -8.83 -21.10
N VAL B 104 32.06 -8.72 -19.77
CA VAL B 104 32.41 -7.46 -19.11
C VAL B 104 33.57 -7.69 -18.15
N LEU B 105 34.63 -6.90 -18.31
CA LEU B 105 35.72 -6.89 -17.35
C LEU B 105 35.60 -5.66 -16.48
N LEU B 106 35.57 -5.85 -15.16
CA LEU B 106 35.62 -4.73 -14.22
C LEU B 106 36.90 -4.84 -13.40
N CYS B 107 37.77 -3.84 -13.48
CA CYS B 107 39.04 -3.90 -12.78
C CYS B 107 38.90 -3.27 -11.40
N ALA B 108 39.86 -3.54 -10.51
CA ALA B 108 39.81 -3.05 -9.14
C ALA B 108 39.81 -1.52 -9.02
N ASP B 109 40.32 -0.82 -10.04
CA ASP B 109 40.28 0.65 -10.04
C ASP B 109 38.98 1.19 -10.61
N GLY B 110 38.02 0.30 -10.89
CA GLY B 110 36.73 0.73 -11.43
C GLY B 110 36.62 0.73 -12.94
N TYR B 111 37.75 0.62 -13.64
CA TYR B 111 37.74 0.63 -15.10
C TYR B 111 36.97 -0.56 -15.65
N MET B 112 36.02 -0.28 -16.53
CA MET B 112 35.10 -1.32 -17.00
C MET B 112 35.05 -1.37 -18.52
N VAL B 113 35.20 -2.57 -19.07
CA VAL B 113 35.18 -2.78 -20.51
C VAL B 113 34.15 -3.84 -20.89
N ILE B 114 33.44 -3.63 -21.98
CA ILE B 114 32.55 -4.66 -22.49
C ILE B 114 33.05 -5.15 -23.85
N TRP B 115 33.01 -6.46 -24.03
CA TRP B 115 33.15 -7.08 -25.34
C TRP B 115 31.75 -7.47 -25.78
N ASP B 116 31.26 -6.80 -26.80
CA ASP B 116 29.89 -6.98 -27.22
C ASP B 116 29.86 -7.63 -28.58
N TYR B 117 28.65 -7.94 -29.03
CA TYR B 117 28.38 -8.35 -30.39
C TYR B 117 29.08 -7.37 -31.33
N LYS B 118 29.81 -7.91 -32.30
CA LYS B 118 30.56 -7.10 -33.25
C LYS B 118 29.67 -6.02 -33.88
N ASN B 119 28.45 -6.42 -34.25
CA ASN B 119 27.51 -5.54 -34.94
C ASN B 119 26.79 -4.51 -34.05
N SER B 120 26.98 -4.56 -32.73
CA SER B 120 26.20 -3.68 -31.86
C SER B 120 26.95 -3.02 -30.70
N PRO B 121 28.03 -2.28 -31.00
CA PRO B 121 28.77 -1.60 -29.92
C PRO B 121 27.95 -0.52 -29.21
N PHE B 122 26.94 0.01 -29.89
CA PHE B 122 26.16 1.12 -29.37
C PHE B 122 25.24 0.76 -28.20
N LEU B 123 25.02 -0.53 -27.95
CA LEU B 123 23.99 -0.93 -27.00
C LEU B 123 24.33 -0.58 -25.54
N SER B 124 25.59 -0.29 -25.24
CA SER B 124 25.97 0.09 -23.87
C SER B 124 26.46 1.54 -23.77
N LYS B 125 26.41 2.28 -24.87
CA LYS B 125 26.96 3.64 -24.89
C LYS B 125 26.21 4.59 -23.97
N PHE B 126 24.95 4.28 -23.63
CA PHE B 126 24.20 5.13 -22.71
C PHE B 126 24.77 5.11 -21.30
N ASN B 127 25.61 4.12 -21.00
CA ASN B 127 26.25 4.04 -19.68
C ASN B 127 27.73 4.42 -19.76
N PRO B 128 28.06 5.65 -19.35
CA PRO B 128 29.45 6.11 -19.51
C PRO B 128 30.43 5.39 -18.56
N LEU B 129 29.93 4.62 -17.61
CA LEU B 129 30.79 3.80 -16.76
C LEU B 129 31.41 2.66 -17.57
N VAL B 130 30.80 2.33 -18.69
CA VAL B 130 31.40 1.40 -19.64
C VAL B 130 32.38 2.20 -20.47
N ARG B 131 33.67 1.99 -20.25
CA ARG B 131 34.70 2.88 -20.80
C ARG B 131 35.10 2.53 -22.24
N GLU B 132 34.95 1.26 -22.60
CA GLU B 132 35.28 0.79 -23.93
C GLU B 132 34.28 -0.25 -24.41
N GLN B 133 34.02 -0.24 -25.71
CA GLN B 133 33.17 -1.23 -26.36
C GLN B 133 34.02 -2.00 -27.35
N ARG B 134 34.32 -3.25 -27.04
CA ARG B 134 35.13 -4.07 -27.93
C ARG B 134 34.30 -5.23 -28.46
N SER B 135 34.96 -6.16 -29.14
CA SER B 135 34.32 -7.39 -29.56
C SER B 135 35.33 -8.53 -29.48
N GLY B 136 34.86 -9.76 -29.70
CA GLY B 136 35.76 -10.89 -29.78
C GLY B 136 35.89 -11.72 -28.51
N ALA B 137 34.87 -11.71 -27.65
CA ALA B 137 34.88 -12.55 -26.45
C ALA B 137 33.99 -13.77 -26.63
N ASP B 138 33.54 -13.99 -27.86
CA ASP B 138 32.62 -15.08 -28.17
C ASP B 138 33.38 -16.37 -28.47
N LEU B 139 33.53 -17.19 -27.44
CA LEU B 139 34.39 -18.36 -27.50
C LEU B 139 33.59 -19.66 -27.47
N PHE B 140 32.76 -19.87 -28.48
CA PHE B 140 31.98 -21.09 -28.52
C PHE B 140 31.84 -21.59 -29.94
N TYR B 141 31.49 -22.87 -30.07
CA TYR B 141 31.65 -23.57 -31.35
C TYR B 141 30.75 -23.03 -32.45
N PHE B 142 29.52 -22.66 -32.13
CA PHE B 142 28.64 -22.06 -33.12
C PHE B 142 29.29 -20.81 -33.74
N ASP B 143 29.82 -19.93 -32.90
CA ASP B 143 30.33 -18.66 -33.40
C ASP B 143 31.69 -18.77 -34.09
N ARG B 144 32.49 -19.78 -33.75
CA ARG B 144 33.86 -19.80 -34.25
C ARG B 144 34.36 -21.15 -34.76
N GLY B 145 33.55 -22.19 -34.61
CA GLY B 145 33.88 -23.50 -35.15
C GLY B 145 35.21 -24.01 -34.62
N ASP B 146 36.07 -24.52 -35.52
CA ASP B 146 37.35 -25.06 -35.10
C ASP B 146 38.42 -24.02 -34.80
N LYS B 147 38.06 -22.74 -34.84
CA LYS B 147 39.02 -21.68 -34.53
C LYS B 147 38.64 -20.87 -33.29
N VAL B 148 37.96 -21.50 -32.34
CA VAL B 148 37.73 -20.87 -31.04
C VAL B 148 39.05 -20.56 -30.34
N ASP B 149 39.99 -21.51 -30.38
CA ASP B 149 41.21 -21.41 -29.57
C ASP B 149 42.08 -20.19 -29.93
N VAL B 150 42.20 -19.90 -31.21
CA VAL B 150 42.95 -18.72 -31.66
C VAL B 150 42.40 -17.43 -31.05
N GLN B 151 41.08 -17.27 -31.09
CA GLN B 151 40.47 -16.06 -30.56
C GLN B 151 40.51 -16.05 -29.03
N ALA B 152 40.44 -17.24 -28.41
CA ALA B 152 40.58 -17.31 -26.95
C ALA B 152 41.89 -16.67 -26.52
N ASP B 153 42.97 -16.92 -27.27
CA ASP B 153 44.26 -16.32 -26.92
C ASP B 153 44.27 -14.82 -27.18
N VAL B 154 43.66 -14.39 -28.29
CA VAL B 154 43.53 -12.95 -28.54
C VAL B 154 42.82 -12.26 -27.37
N PHE B 155 41.68 -12.82 -26.99
CA PHE B 155 40.89 -12.26 -25.90
C PHE B 155 41.66 -12.24 -24.57
N ALA B 156 42.32 -13.36 -24.23
CA ALA B 156 43.02 -13.45 -22.95
C ALA B 156 44.17 -12.47 -22.89
N ASN B 157 44.84 -12.27 -24.01
CA ASN B 157 45.88 -11.25 -24.04
C ASN B 157 45.32 -9.85 -23.84
N GLU B 158 44.12 -9.58 -24.38
CA GLU B 158 43.49 -8.29 -24.13
C GLU B 158 43.22 -8.08 -22.64
N VAL B 159 42.74 -9.14 -21.98
CA VAL B 159 42.46 -9.07 -20.55
C VAL B 159 43.74 -8.88 -19.75
N ARG B 160 44.80 -9.58 -20.15
CA ARG B 160 46.10 -9.39 -19.50
C ARG B 160 46.56 -7.94 -19.55
N VAL B 161 46.48 -7.33 -20.72
CA VAL B 161 46.91 -5.95 -20.89
C VAL B 161 46.08 -4.97 -20.06
N LEU B 162 44.75 -5.10 -20.10
CA LEU B 162 43.88 -4.25 -19.30
C LEU B 162 44.19 -4.38 -17.81
N MET B 163 44.44 -5.62 -17.38
CA MET B 163 44.70 -5.90 -15.97
C MET B 163 46.10 -5.39 -15.58
N GLN B 164 47.05 -5.46 -16.50
CA GLN B 164 48.38 -4.86 -16.28
C GLN B 164 48.26 -3.35 -16.07
N ASP B 165 47.40 -2.72 -16.86
CA ASP B 165 47.25 -1.26 -16.82
C ASP B 165 46.34 -0.79 -15.69
N HIS B 166 45.35 -1.59 -15.32
CA HIS B 166 44.35 -1.12 -14.35
C HIS B 166 44.31 -1.89 -13.04
N ALA B 167 45.08 -2.97 -12.95
CA ALA B 167 45.21 -3.69 -11.68
C ALA B 167 46.61 -4.31 -11.52
N PRO B 168 47.66 -3.48 -11.69
CA PRO B 168 49.03 -4.00 -11.67
C PRO B 168 49.38 -4.72 -10.37
N GLY B 169 50.10 -5.83 -10.48
CA GLY B 169 50.45 -6.61 -9.33
C GLY B 169 49.43 -7.68 -8.97
N HIS B 170 48.20 -7.57 -9.49
CA HIS B 170 47.18 -8.56 -9.17
C HIS B 170 47.27 -9.74 -10.13
N THR B 171 47.23 -10.96 -9.61
CA THR B 171 47.12 -12.13 -10.46
C THR B 171 45.77 -12.82 -10.33
N ARG B 172 44.98 -12.40 -9.34
CA ARG B 172 43.68 -13.04 -9.12
C ARG B 172 42.58 -12.35 -9.92
N LEU B 173 42.01 -13.12 -10.85
CA LEU B 173 40.89 -12.66 -11.67
C LEU B 173 39.67 -13.52 -11.37
N ALA B 174 38.61 -12.92 -10.84
CA ALA B 174 37.38 -13.65 -10.61
C ALA B 174 36.63 -13.79 -11.94
N VAL B 175 36.07 -14.97 -12.19
CA VAL B 175 35.29 -15.24 -13.40
C VAL B 175 34.00 -15.95 -13.00
N ASP B 176 32.85 -15.44 -13.43
CA ASP B 176 31.60 -16.09 -13.02
C ASP B 176 31.44 -17.44 -13.73
N LYS B 177 31.60 -17.45 -15.04
CA LYS B 177 31.49 -18.70 -15.81
C LYS B 177 32.10 -18.49 -17.18
N ILE B 178 32.96 -19.40 -17.61
CA ILE B 178 33.64 -19.21 -18.88
C ILE B 178 33.83 -20.56 -19.56
N MET B 179 33.79 -20.57 -20.88
CA MET B 179 34.07 -21.77 -21.67
C MET B 179 35.51 -22.24 -21.45
N LEU B 180 35.73 -23.54 -21.54
CA LEU B 180 37.05 -24.10 -21.27
C LEU B 180 38.18 -23.47 -22.10
N HIS B 181 37.96 -23.23 -23.38
CA HIS B 181 38.98 -22.56 -24.21
C HIS B 181 39.40 -21.22 -23.60
N GLY B 182 38.41 -20.46 -23.13
CA GLY B 182 38.67 -19.19 -22.45
C GLY B 182 39.41 -19.35 -21.14
N LEU B 183 39.01 -20.34 -20.34
CA LEU B 183 39.68 -20.60 -19.06
C LEU B 183 41.16 -20.92 -19.28
N ARG B 184 41.45 -21.82 -20.22
CA ARG B 184 42.83 -22.23 -20.45
C ARG B 184 43.66 -21.06 -20.95
N ALA B 185 43.05 -20.20 -21.77
CA ALA B 185 43.75 -19.07 -22.34
C ALA B 185 44.08 -18.04 -21.25
N LEU B 186 43.13 -17.81 -20.35
CA LEU B 186 43.39 -16.89 -19.24
C LEU B 186 44.47 -17.43 -18.30
N GLU B 187 44.41 -18.72 -18.00
CA GLU B 187 45.42 -19.31 -17.13
C GLU B 187 46.80 -19.23 -17.79
N ALA B 188 46.86 -19.39 -19.11
CA ALA B 188 48.14 -19.29 -19.81
C ALA B 188 48.71 -17.87 -19.75
N GLN B 189 47.87 -16.90 -19.42
CA GLN B 189 48.34 -15.53 -19.30
C GLN B 189 48.79 -15.18 -17.88
N GLY B 190 48.73 -16.16 -16.97
CA GLY B 190 49.24 -15.95 -15.63
C GLY B 190 48.19 -15.64 -14.56
N PHE B 191 46.92 -15.70 -14.92
CA PHE B 191 45.85 -15.43 -13.95
C PHE B 191 45.52 -16.64 -13.08
N GLU B 192 45.21 -16.38 -11.82
CA GLU B 192 44.60 -17.37 -10.95
C GLU B 192 43.11 -17.11 -10.96
N ILE B 193 42.33 -18.07 -11.46
CA ILE B 193 40.91 -17.83 -11.66
C ILE B 193 40.13 -18.08 -10.38
N MET B 194 39.47 -17.04 -9.90
CA MET B 194 38.67 -17.12 -8.68
C MET B 194 37.18 -17.27 -8.99
N GLU B 195 36.41 -17.69 -7.99
CA GLU B 195 34.97 -17.90 -8.19
C GLU B 195 34.24 -16.56 -8.30
N GLY B 196 33.82 -16.21 -9.52
CA GLY B 196 33.16 -14.94 -9.74
C GLY B 196 31.77 -14.81 -9.15
N GLU B 197 31.03 -15.91 -9.09
CA GLU B 197 29.67 -15.86 -8.51
C GLU B 197 29.66 -15.50 -7.04
N GLU B 198 30.70 -15.88 -6.30
CA GLU B 198 30.78 -15.52 -4.89
C GLU B 198 30.87 -14.00 -4.78
N VAL B 199 31.53 -13.38 -5.76
CA VAL B 199 31.60 -11.93 -5.82
C VAL B 199 30.27 -11.31 -6.23
N THR B 200 29.69 -11.80 -7.33
CA THR B 200 28.51 -11.16 -7.89
C THR B 200 27.25 -11.40 -7.05
N GLU B 201 27.09 -12.60 -6.52
CA GLU B 201 25.92 -12.93 -5.74
C GLU B 201 25.83 -12.08 -4.46
N LYS B 202 26.94 -11.96 -3.74
CA LYS B 202 26.95 -11.19 -2.51
C LYS B 202 26.84 -9.67 -2.78
N THR B 203 27.37 -9.23 -3.90
CA THR B 203 27.22 -7.82 -4.30
C THR B 203 25.76 -7.47 -4.59
N ARG B 204 25.18 -8.25 -5.47
CA ARG B 204 23.77 -8.09 -5.87
C ARG B 204 22.78 -8.25 -4.73
N ALA B 205 23.17 -8.94 -3.68
CA ALA B 205 22.25 -9.22 -2.58
C ALA B 205 21.79 -7.95 -1.86
N ILE B 206 22.57 -6.88 -1.92
CA ILE B 206 22.16 -5.62 -1.28
C ILE B 206 21.73 -4.57 -2.30
N LYS B 207 20.44 -4.27 -2.32
CA LYS B 207 19.88 -3.29 -3.25
C LYS B 207 20.05 -1.88 -2.71
N GLY B 208 20.47 -0.95 -3.57
CA GLY B 208 20.50 0.44 -3.21
C GLY B 208 19.12 1.07 -3.33
N PRO B 209 19.01 2.34 -2.93
CA PRO B 209 17.69 2.97 -2.91
C PRO B 209 17.00 3.01 -4.29
N ASP B 210 17.73 3.28 -5.36
CA ASP B 210 17.07 3.32 -6.66
C ASP B 210 16.64 1.92 -7.11
N GLU B 211 17.43 0.91 -6.78
CA GLU B 211 17.05 -0.45 -7.12
C GLU B 211 15.73 -0.85 -6.44
N ILE B 212 15.56 -0.41 -5.21
CA ILE B 212 14.34 -0.70 -4.49
C ILE B 212 13.15 0.04 -5.14
N LEU B 213 13.36 1.29 -5.53
CA LEU B 213 12.33 2.03 -6.27
C LEU B 213 11.98 1.31 -7.56
N ALA B 214 13.00 0.89 -8.31
CA ALA B 214 12.77 0.14 -9.55
C ALA B 214 11.97 -1.12 -9.26
N MET B 215 12.29 -1.80 -8.17
CA MET B 215 11.60 -3.04 -7.83
C MET B 215 10.13 -2.80 -7.45
N ARG B 216 9.86 -1.72 -6.74
CA ARG B 216 8.47 -1.38 -6.43
C ARG B 216 7.68 -1.16 -7.71
N CYS B 217 8.29 -0.50 -8.68
CA CYS B 217 7.64 -0.28 -9.97
C CYS B 217 7.39 -1.61 -10.69
N ALA B 218 8.42 -2.46 -10.74
CA ALA B 218 8.32 -3.74 -11.42
C ALA B 218 7.25 -4.59 -10.77
N SER B 219 7.19 -4.56 -9.45
CA SER B 219 6.22 -5.34 -8.71
C SER B 219 4.79 -4.90 -9.04
N HIS B 220 4.59 -3.59 -9.09
CA HIS B 220 3.29 -3.04 -9.46
C HIS B 220 2.88 -3.52 -10.85
N ALA B 221 3.81 -3.43 -11.80
CA ALA B 221 3.54 -3.84 -13.19
C ALA B 221 3.21 -5.32 -13.27
N CYS B 222 3.96 -6.13 -12.55
CA CYS B 222 3.70 -7.58 -12.52
C CYS B 222 2.34 -7.90 -11.92
N GLU B 223 1.98 -7.25 -10.80
CA GLU B 223 0.69 -7.54 -10.19
C GLU B 223 -0.45 -7.08 -11.09
N THR B 224 -0.22 -6.00 -11.82
CA THR B 224 -1.20 -5.56 -12.82
C THR B 224 -1.35 -6.65 -13.88
N ALA B 225 -0.22 -7.21 -14.33
CA ALA B 225 -0.27 -8.25 -15.37
C ALA B 225 -0.96 -9.50 -14.83
N VAL B 226 -0.67 -9.86 -13.58
CA VAL B 226 -1.31 -11.02 -12.95
C VAL B 226 -2.81 -10.80 -12.81
N ALA B 227 -3.22 -9.57 -12.46
CA ALA B 227 -4.65 -9.26 -12.37
C ALA B 227 -5.35 -9.42 -13.75
N GLU B 228 -4.71 -8.99 -14.82
CA GLU B 228 -5.25 -9.27 -16.17
C GLU B 228 -5.39 -10.76 -16.41
N MET B 229 -4.41 -11.54 -15.95
CA MET B 229 -4.46 -12.99 -16.12
C MET B 229 -5.59 -13.61 -15.28
N GLU B 230 -5.81 -13.11 -14.07
CA GLU B 230 -6.89 -13.66 -13.24
C GLU B 230 -8.26 -13.37 -13.84
N LYS B 231 -8.41 -12.17 -14.40
CA LYS B 231 -9.68 -11.78 -15.00
C LYS B 231 -9.97 -12.70 -16.19
N PHE B 232 -8.96 -12.93 -17.01
CA PHE B 232 -9.08 -13.84 -18.13
C PHE B 232 -9.43 -15.25 -17.67
N ALA B 233 -8.69 -15.75 -16.69
CA ALA B 233 -8.88 -17.12 -16.22
C ALA B 233 -10.28 -17.32 -15.64
N ARG B 234 -10.70 -16.41 -14.77
CA ARG B 234 -12.01 -16.53 -14.15
C ARG B 234 -13.13 -16.39 -15.19
N ALA B 235 -12.87 -15.63 -16.25
CA ALA B 235 -13.85 -15.50 -17.33
C ALA B 235 -13.94 -16.74 -18.24
N HIS B 236 -12.83 -17.39 -18.55
CA HIS B 236 -12.90 -18.47 -19.55
C HIS B 236 -12.52 -19.89 -19.14
N VAL B 237 -12.05 -20.08 -17.92
CA VAL B 237 -11.74 -21.43 -17.49
C VAL B 237 -13.00 -22.30 -17.50
N GLY B 238 -12.87 -23.49 -18.07
CA GLY B 238 -13.94 -24.45 -18.06
C GLY B 238 -14.92 -24.26 -19.21
N ASP B 239 -14.53 -23.49 -20.21
CA ASP B 239 -15.37 -23.33 -21.40
C ASP B 239 -15.16 -24.45 -22.41
N GLY B 240 -14.34 -25.44 -22.05
CA GLY B 240 -14.06 -26.58 -22.91
C GLY B 240 -12.95 -26.34 -23.94
N LYS B 241 -12.35 -25.16 -23.91
CA LYS B 241 -11.37 -24.77 -24.93
C LYS B 241 -10.11 -24.16 -24.30
N THR B 242 -10.33 -23.34 -23.29
CA THR B 242 -9.26 -22.56 -22.68
C THR B 242 -8.25 -23.45 -21.96
N SER B 243 -7.01 -23.37 -22.42
CA SER B 243 -5.86 -24.16 -21.92
C SER B 243 -5.01 -23.38 -20.92
N GLU B 244 -4.12 -24.10 -20.24
CA GLU B 244 -3.11 -23.51 -19.37
C GLU B 244 -2.33 -22.49 -20.17
N ASP B 245 -1.92 -22.88 -21.36
CA ASP B 245 -1.15 -21.96 -22.20
C ASP B 245 -1.91 -20.65 -22.54
N ASP B 246 -3.21 -20.76 -22.82
CA ASP B 246 -4.03 -19.57 -23.11
C ASP B 246 -4.01 -18.59 -21.94
N ILE B 247 -4.17 -19.12 -20.74
CA ILE B 247 -4.19 -18.28 -19.54
C ILE B 247 -2.83 -17.63 -19.36
N TRP B 248 -1.80 -18.47 -19.39
CA TRP B 248 -0.44 -18.04 -19.14
C TRP B 248 0.01 -17.00 -20.17
N ALA B 249 -0.48 -17.13 -21.41
CA ALA B 249 -0.13 -16.19 -22.47
C ALA B 249 -0.47 -14.75 -22.11
N VAL B 250 -1.50 -14.58 -21.28
CA VAL B 250 -1.89 -13.24 -20.85
C VAL B 250 -0.76 -12.58 -20.05
N LEU B 251 -0.16 -13.34 -19.12
CA LEU B 251 0.95 -12.81 -18.33
C LEU B 251 2.12 -12.41 -19.23
N HIS B 252 2.44 -13.26 -20.22
CA HIS B 252 3.49 -12.94 -21.18
C HIS B 252 3.25 -11.59 -21.85
N ALA B 253 2.05 -11.42 -22.42
CA ALA B 253 1.75 -10.23 -23.19
C ALA B 253 1.75 -8.97 -22.32
N GLU B 254 1.13 -9.06 -21.16
CA GLU B 254 0.95 -7.89 -20.29
C GLU B 254 2.28 -7.45 -19.69
N ASN B 255 3.17 -8.41 -19.45
CA ASN B 255 4.54 -8.09 -19.05
C ASN B 255 5.27 -7.34 -20.17
N ILE B 256 5.23 -7.88 -21.39
CA ILE B 256 5.93 -7.26 -22.51
C ILE B 256 5.39 -5.85 -22.79
N LYS B 257 4.07 -5.69 -22.68
CA LYS B 257 3.45 -4.38 -22.90
C LYS B 257 3.89 -3.32 -21.89
N ARG B 258 4.36 -3.76 -20.74
CA ARG B 258 4.82 -2.84 -19.70
C ARG B 258 6.35 -2.71 -19.67
N GLY B 259 7.01 -3.30 -20.65
CA GLY B 259 8.46 -3.16 -20.76
C GLY B 259 9.23 -4.25 -20.02
N GLY B 260 8.55 -5.34 -19.66
CA GLY B 260 9.20 -6.49 -19.07
C GLY B 260 10.04 -7.25 -20.09
N GLU B 261 10.71 -8.32 -19.66
CA GLU B 261 11.71 -8.95 -20.52
C GLU B 261 11.47 -10.43 -20.81
N TRP B 262 11.22 -11.24 -19.80
CA TRP B 262 10.85 -12.65 -20.06
C TRP B 262 10.31 -13.34 -18.82
N ILE B 263 9.95 -14.60 -18.97
CA ILE B 263 9.52 -15.41 -17.83
C ILE B 263 10.44 -16.63 -17.69
N GLU B 264 10.96 -16.86 -16.50
CA GLU B 264 12.03 -17.85 -16.32
C GLU B 264 11.61 -19.32 -16.34
N THR B 265 10.36 -19.59 -15.98
CA THR B 265 9.88 -20.97 -15.84
C THR B 265 8.58 -21.17 -16.61
N ARG B 266 7.99 -22.36 -16.51
CA ARG B 266 6.64 -22.58 -17.01
C ARG B 266 5.70 -22.96 -15.86
N LEU B 267 5.86 -22.31 -14.71
CA LEU B 267 5.17 -22.80 -13.52
C LEU B 267 3.76 -22.24 -13.36
N LEU B 268 2.87 -22.69 -14.24
CA LEU B 268 1.42 -22.52 -14.06
C LEU B 268 0.81 -23.87 -14.38
N ALA B 269 -0.05 -24.37 -13.49
CA ALA B 269 -0.62 -25.69 -13.71
C ALA B 269 -2.04 -25.72 -13.21
N SER B 270 -2.85 -26.60 -13.79
CA SER B 270 -4.26 -26.68 -13.40
C SER B 270 -4.64 -28.06 -12.89
N GLY B 271 -5.58 -28.08 -11.95
CA GLY B 271 -6.14 -29.33 -11.46
C GLY B 271 -5.10 -30.30 -10.94
N PRO B 272 -5.19 -31.57 -11.37
CA PRO B 272 -4.32 -32.62 -10.84
C PRO B 272 -2.86 -32.38 -11.23
N ARG B 273 -2.62 -31.50 -12.21
CA ARG B 273 -1.26 -31.20 -12.65
C ARG B 273 -0.54 -30.28 -11.69
N THR B 274 -1.21 -29.83 -10.61
CA THR B 274 -0.52 -29.05 -9.59
C THR B 274 0.17 -29.94 -8.55
N ASN B 275 -0.01 -31.26 -8.64
CA ASN B 275 0.58 -32.18 -7.67
C ASN B 275 1.05 -33.46 -8.40
N PRO B 276 2.37 -33.71 -8.40
CA PRO B 276 3.39 -32.92 -7.72
C PRO B 276 3.67 -31.60 -8.42
N TRP B 277 4.15 -30.64 -7.64
CA TRP B 277 4.52 -29.33 -8.16
C TRP B 277 5.74 -29.48 -9.11
N PHE B 278 5.85 -28.51 -10.03
CA PHE B 278 6.90 -28.35 -11.06
C PHE B 278 6.57 -29.11 -12.36
N GLN B 279 5.52 -29.67 -12.60
CA GLN B 279 4.75 -29.79 -13.82
C GLN B 279 4.59 -28.47 -14.57
N GLU B 280 4.78 -28.49 -15.88
CA GLU B 280 4.86 -27.24 -16.62
C GLU B 280 3.56 -26.83 -17.28
N CYS B 281 3.43 -25.53 -17.53
CA CYS B 281 2.30 -25.01 -18.26
C CYS B 281 2.24 -25.63 -19.64
N GLY B 282 1.04 -26.07 -20.05
CA GLY B 282 0.89 -26.77 -21.31
C GLY B 282 -0.49 -26.72 -21.93
N PRO B 283 -0.79 -27.73 -22.76
CA PRO B 283 -2.06 -27.74 -23.52
C PRO B 283 -3.31 -28.11 -22.70
N ARG B 284 -3.17 -28.52 -21.44
CA ARG B 284 -4.31 -29.02 -20.67
C ARG B 284 -5.51 -28.08 -20.75
N ILE B 285 -6.67 -28.65 -21.09
CA ILE B 285 -7.89 -27.88 -21.13
C ILE B 285 -8.43 -27.74 -19.71
N THR B 286 -8.54 -26.50 -19.24
CA THR B 286 -8.88 -26.24 -17.85
C THR B 286 -10.34 -26.57 -17.59
N GLN B 287 -10.66 -26.75 -16.30
CA GLN B 287 -11.97 -27.23 -15.87
C GLN B 287 -12.54 -26.35 -14.77
N LYS B 288 -13.86 -26.16 -14.79
CA LYS B 288 -14.54 -25.55 -13.66
C LYS B 288 -14.36 -26.40 -12.42
N ASN B 289 -14.38 -25.74 -11.26
CA ASN B 289 -14.20 -26.39 -9.96
C ASN B 289 -12.88 -27.11 -9.84
N GLU B 290 -11.82 -26.36 -10.11
CA GLU B 290 -10.46 -26.85 -9.96
C GLU B 290 -9.54 -25.73 -9.52
N ILE B 291 -8.47 -26.14 -8.87
CA ILE B 291 -7.33 -25.32 -8.53
C ILE B 291 -6.52 -24.92 -9.76
N ILE B 292 -6.10 -23.66 -9.82
CA ILE B 292 -5.00 -23.27 -10.69
C ILE B 292 -3.94 -22.63 -9.81
N ALA B 293 -2.71 -23.12 -9.92
CA ALA B 293 -1.62 -22.56 -9.12
C ALA B 293 -0.52 -22.10 -10.06
N PHE B 294 0.10 -20.97 -9.73
CA PHE B 294 1.14 -20.48 -10.60
C PHE B 294 2.17 -19.70 -9.85
N ASP B 295 3.25 -19.45 -10.55
CA ASP B 295 4.38 -18.77 -9.98
C ASP B 295 4.90 -17.85 -11.08
N THR B 296 5.03 -16.56 -10.80
CA THR B 296 5.35 -15.62 -11.90
C THR B 296 6.77 -15.77 -12.44
N ASP B 297 7.75 -15.97 -11.55
CA ASP B 297 9.17 -16.10 -11.94
C ASP B 297 9.51 -15.17 -13.09
N LEU B 298 9.21 -13.90 -12.92
CA LEU B 298 9.09 -12.99 -14.05
C LEU B 298 10.17 -11.94 -14.04
N ILE B 299 10.83 -11.76 -15.18
CA ILE B 299 11.78 -10.68 -15.34
C ILE B 299 11.02 -9.50 -15.94
N GLY B 300 10.76 -8.48 -15.13
CA GLY B 300 9.80 -7.46 -15.50
C GLY B 300 10.40 -6.12 -15.86
N SER B 301 9.64 -5.06 -15.60
CA SER B 301 10.05 -3.70 -15.96
C SER B 301 11.37 -3.33 -15.28
N TYR B 302 12.17 -2.50 -15.94
CA TYR B 302 13.50 -2.14 -15.46
C TYR B 302 14.42 -3.36 -15.28
N GLY B 303 13.98 -4.52 -15.77
CA GLY B 303 14.76 -5.74 -15.66
C GLY B 303 14.72 -6.40 -14.29
N ILE B 304 13.77 -6.00 -13.46
CA ILE B 304 13.72 -6.50 -12.08
C ILE B 304 12.82 -7.71 -12.01
N CYS B 305 13.31 -8.73 -11.33
CA CYS B 305 12.56 -9.95 -11.11
C CYS B 305 11.45 -9.75 -10.09
N VAL B 306 10.25 -10.16 -10.48
CA VAL B 306 9.14 -10.19 -9.55
C VAL B 306 8.69 -11.62 -9.45
N ASP B 307 8.87 -12.16 -8.27
CA ASP B 307 8.74 -13.58 -8.09
C ASP B 307 7.68 -13.90 -7.05
N ILE B 308 6.44 -14.04 -7.48
CA ILE B 308 5.36 -14.29 -6.54
C ILE B 308 4.48 -15.43 -7.04
N SER B 309 3.84 -16.12 -6.11
CA SER B 309 3.01 -17.27 -6.44
C SER B 309 1.65 -17.15 -5.79
N ARG B 310 0.62 -17.55 -6.52
CA ARG B 310 -0.72 -17.58 -5.97
C ARG B 310 -1.43 -18.84 -6.44
N THR B 311 -2.44 -19.23 -5.68
CA THR B 311 -3.26 -20.38 -6.04
C THR B 311 -4.71 -19.93 -6.07
N TRP B 312 -5.40 -20.23 -7.17
CA TRP B 312 -6.78 -19.80 -7.36
C TRP B 312 -7.72 -20.99 -7.35
N TRP B 313 -8.92 -20.77 -6.82
CA TRP B 313 -9.99 -21.73 -7.00
C TRP B 313 -10.99 -21.10 -7.95
N ILE B 314 -11.30 -21.79 -9.04
CA ILE B 314 -12.24 -21.27 -10.02
C ILE B 314 -13.36 -22.27 -10.23
N GLY B 315 -14.58 -21.86 -9.91
CA GLY B 315 -15.74 -22.72 -10.07
C GLY B 315 -16.97 -22.21 -9.34
N ASP B 316 -18.11 -22.85 -9.57
CA ASP B 316 -19.36 -22.48 -8.95
C ASP B 316 -19.50 -23.12 -7.57
N GLN B 317 -18.81 -24.23 -7.37
CA GLN B 317 -18.83 -24.91 -6.09
C GLN B 317 -17.82 -24.32 -5.12
N LYS B 318 -17.93 -24.73 -3.86
CA LYS B 318 -16.90 -24.39 -2.87
C LYS B 318 -15.70 -25.32 -3.05
N PRO B 319 -14.49 -24.81 -2.75
CA PRO B 319 -13.34 -25.73 -2.71
C PRO B 319 -13.52 -26.74 -1.58
N ARG B 320 -12.83 -27.87 -1.67
CA ARG B 320 -12.90 -28.89 -0.63
C ARG B 320 -12.26 -28.39 0.66
N PRO B 321 -12.68 -28.94 1.81
CA PRO B 321 -12.07 -28.53 3.08
C PRO B 321 -10.56 -28.78 3.12
N ASP B 322 -10.06 -29.80 2.42
CA ASP B 322 -8.64 -30.06 2.52
C ASP B 322 -7.86 -29.01 1.71
N MET B 323 -8.49 -28.43 0.68
CA MET B 323 -7.88 -27.35 -0.08
C MET B 323 -7.80 -26.08 0.74
N VAL B 324 -8.87 -25.79 1.47
CA VAL B 324 -8.91 -24.64 2.37
C VAL B 324 -7.82 -24.77 3.45
N TYR B 325 -7.73 -25.93 4.09
CA TYR B 325 -6.71 -26.15 5.11
C TYR B 325 -5.28 -25.97 4.57
N ALA B 326 -5.02 -26.56 3.40
CA ALA B 326 -3.71 -26.49 2.79
C ALA B 326 -3.35 -25.03 2.49
N MET B 327 -4.33 -24.28 1.99
CA MET B 327 -4.13 -22.87 1.67
C MET B 327 -3.83 -22.05 2.91
N GLN B 328 -4.62 -22.28 3.96
CA GLN B 328 -4.41 -21.54 5.21
C GLN B 328 -3.05 -21.89 5.80
N HIS B 329 -2.68 -23.17 5.69
CA HIS B 329 -1.41 -23.69 6.18
C HIS B 329 -0.24 -23.05 5.44
N ALA B 330 -0.37 -22.97 4.12
CA ALA B 330 0.64 -22.33 3.28
C ALA B 330 0.81 -20.86 3.64
N HIS B 331 -0.31 -20.20 3.87
CA HIS B 331 -0.32 -18.79 4.22
C HIS B 331 0.35 -18.59 5.58
N GLU B 332 -0.01 -19.44 6.54
CA GLU B 332 0.58 -19.39 7.87
C GLU B 332 2.10 -19.62 7.79
N HIS B 333 2.51 -20.52 6.89
CA HIS B 333 3.93 -20.82 6.67
C HIS B 333 4.71 -19.56 6.26
N ILE B 334 4.28 -18.89 5.18
CA ILE B 334 5.05 -17.73 4.70
C ILE B 334 4.95 -16.52 5.64
N MET B 335 3.80 -16.31 6.27
CA MET B 335 3.68 -15.17 7.20
C MET B 335 4.50 -15.41 8.45
N THR B 336 4.59 -16.67 8.89
CA THR B 336 5.41 -16.99 10.05
C THR B 336 6.88 -16.84 9.69
N ASN B 337 7.25 -17.36 8.52
CA ASN B 337 8.66 -17.31 8.16
C ASN B 337 9.12 -15.91 7.84
N MET B 338 8.27 -15.07 7.23
CA MET B 338 8.76 -13.73 6.95
C MET B 338 8.85 -12.88 8.23
N GLU B 339 8.09 -13.24 9.26
CA GLU B 339 8.19 -12.52 10.54
C GLU B 339 9.58 -12.71 11.18
N MET B 340 10.33 -13.73 10.74
CA MET B 340 11.69 -13.94 11.24
C MET B 340 12.69 -12.91 10.69
N LEU B 341 12.31 -12.27 9.59
CA LEU B 341 13.22 -11.40 8.84
C LEU B 341 13.50 -10.05 9.51
N LYS B 342 14.76 -9.80 9.80
CA LYS B 342 15.25 -8.48 10.20
C LYS B 342 16.77 -8.49 10.06
N PRO B 343 17.40 -7.31 9.98
CA PRO B 343 18.86 -7.28 9.86
C PRO B 343 19.56 -7.99 11.00
N GLY B 344 20.65 -8.69 10.71
CA GLY B 344 21.44 -9.31 11.74
C GLY B 344 21.09 -10.76 12.03
N VAL B 345 19.91 -11.21 11.63
CA VAL B 345 19.58 -12.62 11.79
C VAL B 345 20.47 -13.45 10.86
N MET B 346 21.06 -14.51 11.41
CA MET B 346 21.90 -15.40 10.60
C MET B 346 21.03 -16.31 9.76
N ILE B 347 21.39 -16.46 8.49
CA ILE B 347 20.62 -17.30 7.57
C ILE B 347 20.37 -18.71 8.13
N PRO B 348 21.37 -19.38 8.73
CA PRO B 348 21.06 -20.71 9.25
C PRO B 348 20.06 -20.70 10.42
N ASP B 349 19.91 -19.57 11.11
CA ASP B 349 18.91 -19.47 12.15
C ASP B 349 17.50 -19.35 11.56
N LEU B 350 17.40 -18.80 10.35
CA LEU B 350 16.14 -18.86 9.60
C LEU B 350 15.75 -20.29 9.37
N THR B 351 16.71 -21.08 8.92
CA THR B 351 16.52 -22.50 8.69
C THR B 351 16.08 -23.21 9.97
N ALA B 352 16.82 -22.98 11.05
CA ALA B 352 16.59 -23.70 12.30
C ALA B 352 15.26 -23.36 12.97
N ASN B 353 14.73 -22.16 12.73
CA ASN B 353 13.54 -21.74 13.44
C ASN B 353 12.29 -21.62 12.58
N CYS B 354 12.34 -22.15 11.37
CA CYS B 354 11.25 -21.92 10.44
C CYS B 354 9.97 -22.63 10.86
N HIS B 355 8.83 -22.14 10.36
CA HIS B 355 7.54 -22.75 10.59
C HIS B 355 7.55 -24.20 10.13
N ARG B 356 6.97 -25.09 10.92
CA ARG B 356 6.96 -26.51 10.61
C ARG B 356 5.70 -26.94 9.87
N LEU B 357 5.86 -27.34 8.60
CA LEU B 357 4.73 -27.90 7.84
C LEU B 357 4.30 -29.23 8.46
N ASP B 358 3.01 -29.52 8.42
CA ASP B 358 2.50 -30.83 8.86
C ASP B 358 3.22 -31.95 8.14
N ASP B 359 3.35 -33.09 8.83
CA ASP B 359 4.05 -34.26 8.28
C ASP B 359 3.61 -34.60 6.85
N LYS B 360 2.31 -34.58 6.60
CA LYS B 360 1.80 -35.01 5.31
C LYS B 360 2.19 -34.07 4.18
N PHE B 361 2.78 -32.93 4.52
CA PHE B 361 3.25 -31.97 3.52
C PHE B 361 4.77 -31.93 3.44
N GLN B 362 5.44 -32.62 4.35
CA GLN B 362 6.89 -32.54 4.44
C GLN B 362 7.60 -33.09 3.20
N ALA B 363 7.14 -34.24 2.70
CA ALA B 363 7.82 -34.88 1.58
C ALA B 363 7.90 -33.99 0.34
N GLN B 364 6.82 -33.29 0.03
CA GLN B 364 6.78 -32.54 -1.22
C GLN B 364 6.98 -31.03 -1.06
N LYS B 365 7.47 -30.62 0.10
CA LYS B 365 7.72 -29.20 0.36
C LYS B 365 8.75 -28.62 -0.60
N TYR B 366 8.78 -27.30 -0.69
CA TYR B 366 9.62 -26.58 -1.66
C TYR B 366 11.11 -26.80 -1.40
N GLY B 367 11.90 -26.50 -2.42
CA GLY B 367 13.35 -26.68 -2.36
C GLY B 367 14.04 -25.70 -1.42
N CYS B 368 13.31 -24.67 -0.98
CA CYS B 368 13.82 -23.72 -0.02
C CYS B 368 12.64 -23.05 0.65
N LEU B 369 12.86 -22.43 1.81
CA LEU B 369 11.78 -21.66 2.41
C LEU B 369 11.91 -20.19 2.01
N MET B 370 13.12 -19.78 1.63
CA MET B 370 13.33 -18.43 1.09
C MET B 370 14.49 -18.40 0.14
N HIS B 371 14.52 -17.39 -0.72
CA HIS B 371 15.71 -17.13 -1.51
C HIS B 371 15.77 -15.67 -1.89
N GLY B 372 16.97 -15.19 -2.22
CA GLY B 372 17.13 -13.83 -2.66
C GLY B 372 16.54 -13.57 -4.04
N VAL B 373 16.29 -12.29 -4.33
CA VAL B 373 15.75 -11.92 -5.64
C VAL B 373 16.24 -10.53 -6.01
N GLY B 374 16.45 -10.29 -7.30
CA GLY B 374 16.89 -9.00 -7.79
C GLY B 374 16.64 -8.88 -9.29
N LEU B 375 17.65 -9.20 -10.09
CA LEU B 375 17.51 -9.25 -11.54
C LEU B 375 16.97 -10.62 -11.97
N CYS B 376 16.96 -11.53 -10.99
CA CYS B 376 16.45 -12.90 -11.12
C CYS B 376 16.62 -13.50 -9.75
N ASP B 377 16.36 -14.80 -9.60
CA ASP B 377 16.64 -15.47 -8.34
C ASP B 377 18.11 -15.34 -7.96
N GLU B 378 18.36 -14.97 -6.71
CA GLU B 378 19.71 -14.63 -6.28
C GLU B 378 20.01 -15.23 -4.92
N TRP B 379 21.30 -15.33 -4.61
CA TRP B 379 21.79 -15.63 -3.28
C TRP B 379 21.11 -14.70 -2.26
N PRO B 380 20.75 -15.21 -1.07
CA PRO B 380 21.01 -16.54 -0.52
C PRO B 380 19.90 -17.54 -0.80
N LEU B 381 20.18 -18.81 -0.56
CA LEU B 381 19.14 -19.84 -0.59
C LEU B 381 18.98 -20.30 0.84
N VAL B 382 17.77 -20.19 1.38
CA VAL B 382 17.53 -20.60 2.76
C VAL B 382 16.82 -21.95 2.73
N ALA B 383 17.58 -23.02 2.98
CA ALA B 383 17.03 -24.37 2.88
C ALA B 383 16.23 -24.78 4.11
N TYR B 384 15.29 -25.71 3.94
CA TYR B 384 14.65 -26.35 5.08
C TYR B 384 15.70 -27.14 5.87
N PRO B 385 15.46 -27.36 7.17
CA PRO B 385 16.48 -28.02 8.00
C PRO B 385 16.96 -29.39 7.48
N ASP B 386 16.08 -30.18 6.86
CA ASP B 386 16.49 -31.52 6.44
C ASP B 386 17.36 -31.51 5.17
N LYS B 387 17.51 -30.36 4.54
CA LYS B 387 18.35 -30.23 3.35
C LYS B 387 19.51 -29.26 3.57
N ALA B 388 19.45 -28.45 4.62
CA ALA B 388 20.43 -27.39 4.81
C ALA B 388 21.83 -27.95 5.07
N VAL B 389 22.84 -27.28 4.54
CA VAL B 389 24.21 -27.75 4.62
C VAL B 389 25.01 -26.82 5.51
N PRO B 390 25.60 -27.36 6.59
CA PRO B 390 26.38 -26.51 7.50
C PRO B 390 27.55 -25.86 6.78
N GLY B 391 27.81 -24.60 7.10
CA GLY B 391 28.90 -23.88 6.46
C GLY B 391 28.64 -23.44 5.03
N SER B 392 27.38 -23.44 4.59
CA SER B 392 27.08 -23.03 3.21
C SER B 392 26.65 -21.56 3.09
N TYR B 393 25.90 -21.06 4.07
CA TYR B 393 25.39 -19.69 4.01
C TYR B 393 25.50 -19.00 5.38
N ASP B 394 26.67 -19.05 6.00
CA ASP B 394 26.85 -18.49 7.34
C ASP B 394 27.01 -16.97 7.31
N TYR B 395 25.92 -16.28 7.02
CA TYR B 395 25.95 -14.81 6.89
C TYR B 395 24.68 -14.22 7.46
N PRO B 396 24.75 -12.97 7.95
CA PRO B 396 23.56 -12.30 8.46
C PRO B 396 22.79 -11.56 7.38
N LEU B 397 21.48 -11.46 7.55
CA LEU B 397 20.70 -10.54 6.73
C LEU B 397 21.12 -9.10 6.96
N GLU B 398 20.94 -8.28 5.93
CA GLU B 398 21.27 -6.86 5.98
C GLU B 398 20.15 -6.06 5.34
N PRO B 399 19.99 -4.80 5.75
CA PRO B 399 19.02 -3.92 5.08
C PRO B 399 19.29 -3.85 3.58
N GLY B 400 18.24 -3.93 2.76
CA GLY B 400 18.42 -3.82 1.31
C GLY B 400 18.39 -5.16 0.60
N MET B 401 18.45 -6.24 1.37
CA MET B 401 18.23 -7.55 0.82
C MET B 401 16.75 -7.71 0.52
N VAL B 402 16.44 -8.49 -0.50
CA VAL B 402 15.06 -8.84 -0.79
C VAL B 402 14.99 -10.35 -0.90
N LEU B 403 14.05 -10.95 -0.16
CA LEU B 403 13.88 -12.37 -0.14
C LEU B 403 12.44 -12.73 -0.48
N CYS B 404 12.28 -13.70 -1.36
CA CYS B 404 10.98 -14.30 -1.59
C CYS B 404 10.77 -15.38 -0.56
N VAL B 405 9.56 -15.45 -0.03
CA VAL B 405 9.24 -16.38 1.04
C VAL B 405 8.23 -17.36 0.48
N GLU B 406 8.55 -18.65 0.56
CA GLU B 406 7.91 -19.70 -0.23
C GLU B 406 7.08 -20.68 0.57
N ALA B 407 6.03 -21.16 -0.05
CA ALA B 407 5.31 -22.32 0.48
C ALA B 407 4.76 -23.16 -0.65
N ALA B 408 5.14 -24.43 -0.66
CA ALA B 408 4.52 -25.43 -1.52
C ALA B 408 3.91 -26.48 -0.61
N VAL B 409 2.60 -26.65 -0.71
CA VAL B 409 1.87 -27.50 0.23
C VAL B 409 1.02 -28.50 -0.52
N GLY B 410 1.38 -29.77 -0.43
CA GLY B 410 0.67 -30.84 -1.11
C GLY B 410 1.04 -32.20 -0.56
N GLU B 411 0.09 -33.13 -0.60
CA GLU B 411 0.33 -34.49 -0.11
C GLU B 411 0.86 -35.40 -1.22
N VAL B 412 1.60 -36.42 -0.80
CA VAL B 412 2.08 -37.44 -1.72
C VAL B 412 0.88 -38.18 -2.31
N GLY B 413 0.82 -38.24 -3.63
CA GLY B 413 -0.29 -38.88 -4.32
C GLY B 413 -1.57 -38.06 -4.34
N GLY B 414 -1.50 -36.81 -3.90
CA GLY B 414 -2.68 -35.98 -3.83
C GLY B 414 -3.06 -35.36 -5.17
N ASP B 415 -4.26 -34.80 -5.26
CA ASP B 415 -4.77 -34.29 -6.54
C ASP B 415 -4.66 -32.77 -6.69
N PHE B 416 -4.03 -32.10 -5.74
CA PHE B 416 -3.78 -30.66 -5.83
C PHE B 416 -2.61 -30.25 -4.94
N SER B 417 -2.02 -29.08 -5.22
CA SER B 417 -1.06 -28.45 -4.31
C SER B 417 -1.38 -26.98 -4.21
N ILE B 418 -0.98 -26.36 -3.09
CA ILE B 418 -0.96 -24.92 -2.98
C ILE B 418 0.46 -24.40 -3.20
N LYS B 419 0.60 -23.37 -4.03
CA LYS B 419 1.84 -22.61 -4.08
C LYS B 419 1.53 -21.16 -3.76
N LEU B 420 2.18 -20.65 -2.72
CA LEU B 420 2.13 -19.24 -2.35
C LEU B 420 3.55 -18.70 -2.18
N GLU B 421 3.72 -17.43 -2.48
CA GLU B 421 5.02 -16.79 -2.38
C GLU B 421 4.90 -15.28 -2.41
N ASP B 422 5.54 -14.60 -1.46
CA ASP B 422 5.62 -13.14 -1.43
C ASP B 422 7.07 -12.66 -1.51
N GLN B 423 7.25 -11.44 -2.01
CA GLN B 423 8.57 -10.82 -2.15
C GLN B 423 8.80 -9.78 -1.03
N VAL B 424 9.85 -9.97 -0.23
CA VAL B 424 9.98 -9.20 1.02
C VAL B 424 11.31 -8.46 1.15
N LEU B 425 11.21 -7.16 1.40
CA LEU B 425 12.38 -6.31 1.61
C LEU B 425 12.83 -6.30 3.07
N ILE B 426 14.13 -6.40 3.29
CA ILE B 426 14.71 -6.17 4.61
C ILE B 426 14.96 -4.70 4.79
N THR B 427 14.42 -4.14 5.88
CA THR B 427 14.53 -2.71 6.13
C THR B 427 15.52 -2.49 7.26
N GLU B 428 15.72 -1.24 7.67
CA GLU B 428 16.69 -0.93 8.73
C GLU B 428 16.42 -1.65 10.04
N ASP B 429 15.16 -1.93 10.33
CA ASP B 429 14.82 -2.53 11.61
C ASP B 429 13.78 -3.65 11.52
N GLY B 430 13.52 -4.16 10.33
CA GLY B 430 12.61 -5.26 10.20
C GLY B 430 12.45 -5.66 8.75
N TYR B 431 11.21 -5.79 8.31
CA TYR B 431 10.94 -6.14 6.93
C TYR B 431 9.72 -5.41 6.41
N GLU B 432 9.59 -5.39 5.09
CA GLU B 432 8.40 -4.87 4.43
C GLU B 432 8.01 -5.81 3.30
N ASN B 433 6.84 -6.44 3.42
CA ASN B 433 6.32 -7.26 2.35
C ASN B 433 5.97 -6.36 1.18
N LEU B 434 6.62 -6.55 0.03
CA LEU B 434 6.37 -5.72 -1.14
C LEU B 434 5.14 -6.18 -1.89
N THR B 435 4.76 -7.43 -1.68
CA THR B 435 3.69 -8.04 -2.45
C THR B 435 2.32 -7.71 -1.85
N THR B 436 1.43 -7.19 -2.68
CA THR B 436 0.09 -6.81 -2.22
C THR B 436 -1.01 -7.65 -2.86
N TYR B 437 -0.63 -8.56 -3.78
CA TYR B 437 -1.63 -9.33 -4.49
C TYR B 437 -2.50 -10.14 -3.52
N PRO B 438 -3.83 -10.09 -3.70
CA PRO B 438 -4.76 -10.78 -2.80
C PRO B 438 -4.51 -12.29 -2.73
N PHE B 439 -4.91 -12.89 -1.62
CA PHE B 439 -5.02 -14.35 -1.54
C PHE B 439 -6.47 -14.75 -1.80
N ASP B 440 -6.67 -15.80 -2.57
CA ASP B 440 -8.00 -16.32 -2.93
C ASP B 440 -8.88 -16.50 -1.70
N ALA B 441 -9.97 -15.73 -1.64
CA ALA B 441 -10.79 -15.63 -0.43
C ALA B 441 -11.54 -16.92 -0.14
N ALA B 442 -11.88 -17.68 -1.19
CA ALA B 442 -12.52 -18.97 -0.96
C ALA B 442 -11.53 -19.98 -0.37
N LEU B 443 -10.32 -20.01 -0.92
CA LEU B 443 -9.31 -20.95 -0.45
C LEU B 443 -8.83 -20.56 0.94
N MET B 444 -8.85 -19.26 1.23
CA MET B 444 -8.45 -18.78 2.56
C MET B 444 -9.53 -19.09 3.61
N GLY B 445 -10.67 -19.58 3.16
CA GLY B 445 -11.77 -19.90 4.04
C GLY B 445 -12.46 -18.65 4.58
N LEU B 446 -12.31 -17.53 3.88
CA LEU B 446 -12.93 -16.27 4.31
C LEU B 446 -14.27 -16.08 3.62
N ALA B 447 -14.50 -16.93 2.61
CA ALA B 447 -15.69 -16.98 1.77
C ALA B 447 -15.70 -15.78 0.87
N ARG C 9 -3.19 -3.56 44.17
CA ARG C 9 -2.00 -2.86 43.79
C ARG C 9 -2.24 -1.39 43.88
N LYS C 10 -1.65 -0.78 44.86
CA LYS C 10 -1.82 0.67 45.01
C LYS C 10 -1.20 1.42 43.83
N ILE C 11 -1.83 2.53 43.43
CA ILE C 11 -1.21 3.39 42.43
C ILE C 11 -0.27 4.38 43.11
N ASP C 12 -0.54 4.67 44.39
CA ASP C 12 0.29 5.55 45.20
C ASP C 12 0.74 4.77 46.43
N PRO C 13 1.98 4.26 46.41
CA PRO C 13 2.50 3.42 47.49
C PRO C 13 2.61 4.15 48.83
N SER C 14 2.68 5.48 48.81
CA SER C 14 2.84 6.26 50.03
C SER C 14 1.52 6.50 50.77
N ARG C 15 0.41 6.04 50.21
CA ARG C 15 -0.89 6.20 50.87
C ARG C 15 -1.49 4.88 51.29
N GLY C 16 -2.56 4.96 52.08
CA GLY C 16 -3.30 3.80 52.52
C GLY C 16 -4.36 3.38 51.52
N ALA C 17 -5.56 3.11 52.00
CA ALA C 17 -6.62 2.57 51.14
C ALA C 17 -7.18 3.61 50.16
N THR C 18 -7.01 4.88 50.45
CA THR C 18 -7.58 5.90 49.58
C THR C 18 -6.56 6.94 49.14
N LEU C 19 -6.84 7.56 48.00
CA LEU C 19 -6.08 8.72 47.55
C LEU C 19 -6.56 9.93 48.31
N GLY C 20 -5.89 11.05 48.10
CA GLY C 20 -6.16 12.26 48.86
C GLY C 20 -7.53 12.86 48.59
N ASP C 21 -8.17 12.45 47.49
CA ASP C 21 -9.53 12.91 47.20
C ASP C 21 -10.57 11.88 47.65
N GLY C 22 -10.13 10.90 48.42
CA GLY C 22 -11.04 9.91 48.97
C GLY C 22 -11.33 8.73 48.04
N THR C 23 -10.83 8.78 46.80
CA THR C 23 -11.08 7.66 45.86
C THR C 23 -10.15 6.48 46.16
N PRO C 24 -10.46 5.27 45.61
CA PRO C 24 -9.64 4.11 45.96
C PRO C 24 -8.20 4.16 45.44
N ASN C 25 -7.27 3.82 46.31
CA ASN C 25 -5.86 3.74 45.93
C ASN C 25 -5.64 2.40 45.25
N ASP C 26 -6.03 2.32 43.98
CA ASP C 26 -6.06 1.06 43.27
C ASP C 26 -5.69 1.33 41.82
N ASN C 27 -4.50 0.87 41.43
CA ASN C 27 -4.00 1.01 40.05
C ASN C 27 -4.92 0.41 38.99
N ASP C 28 -5.72 -0.59 39.39
CA ASP C 28 -6.53 -1.36 38.44
C ASP C 28 -8.01 -0.94 38.43
N ARG C 29 -8.36 0.12 39.15
CA ARG C 29 -9.76 0.53 39.27
C ARG C 29 -10.34 1.04 37.94
N ILE C 30 -11.65 1.00 37.83
CA ILE C 30 -12.35 1.51 36.65
C ILE C 30 -12.28 3.04 36.56
N GLU C 31 -12.53 3.70 37.69
CA GLU C 31 -12.63 5.15 37.74
C GLU C 31 -11.33 5.80 37.28
N ILE C 32 -11.41 6.84 36.45
CA ILE C 32 -10.21 7.56 36.08
C ILE C 32 -10.13 8.82 36.94
N GLY C 33 -9.37 9.82 36.50
CA GLY C 33 -9.17 11.00 37.32
C GLY C 33 -7.75 11.52 37.12
N PRO C 34 -7.32 12.44 37.98
CA PRO C 34 -5.97 13.03 37.86
C PRO C 34 -4.86 11.98 37.93
N THR C 35 -3.77 12.27 37.23
CA THR C 35 -2.63 11.37 37.24
C THR C 35 -1.74 11.60 38.45
N GLN C 36 -0.88 10.63 38.74
CA GLN C 36 0.13 10.80 39.76
C GLN C 36 0.97 12.05 39.52
N LEU C 37 1.21 12.37 38.24
CA LEU C 37 1.88 13.63 37.92
C LEU C 37 1.13 14.83 38.47
N ALA C 38 -0.18 14.89 38.21
CA ALA C 38 -0.99 16.00 38.71
C ALA C 38 -0.99 16.05 40.24
N PHE C 39 -1.23 14.91 40.89
CA PHE C 39 -1.29 14.87 42.35
C PHE C 39 0.03 15.33 42.94
N SER C 40 1.14 14.93 42.30
CA SER C 40 2.46 15.31 42.78
C SER C 40 2.69 16.83 42.72
N GLU C 41 2.30 17.43 41.60
CA GLU C 41 2.42 18.86 41.45
C GLU C 41 1.52 19.62 42.42
N TRP C 42 0.30 19.11 42.64
CA TRP C 42 -0.65 19.78 43.52
C TRP C 42 -0.18 19.72 44.97
N ALA C 43 0.41 18.59 45.35
CA ALA C 43 0.97 18.43 46.69
C ALA C 43 2.10 19.44 46.91
N ALA C 44 2.98 19.53 45.93
CA ALA C 44 4.10 20.48 45.98
C ALA C 44 3.62 21.93 46.03
N ALA C 45 2.50 22.22 45.36
CA ALA C 45 1.94 23.58 45.36
C ALA C 45 1.16 23.89 46.63
N GLY C 46 0.88 22.87 47.43
CA GLY C 46 0.18 23.06 48.69
C GLY C 46 -1.33 23.14 48.60
N LEU C 47 -1.91 22.49 47.58
CA LEU C 47 -3.33 22.58 47.32
C LEU C 47 -4.12 21.47 48.03
N GLN C 48 -5.18 21.87 48.73
CA GLN C 48 -6.12 20.92 49.31
C GLN C 48 -6.94 20.25 48.20
N LEU C 49 -7.00 18.93 48.23
CA LEU C 49 -7.76 18.18 47.23
C LEU C 49 -9.24 18.15 47.57
N PRO C 50 -10.12 18.12 46.54
CA PRO C 50 -11.54 17.92 46.81
C PRO C 50 -11.83 16.54 47.37
N ASN C 51 -12.88 16.39 48.16
CA ASN C 51 -13.40 15.07 48.47
C ASN C 51 -14.50 14.74 47.47
N LEU C 52 -14.25 13.80 46.57
CA LEU C 52 -15.16 13.60 45.44
C LEU C 52 -16.53 13.14 45.91
N ASP C 53 -16.58 12.28 46.92
CA ASP C 53 -17.87 11.79 47.43
C ASP C 53 -18.75 12.94 47.91
N ARG C 54 -18.19 13.86 48.70
CA ARG C 54 -18.96 15.00 49.18
C ARG C 54 -19.31 15.95 48.04
N MET C 55 -18.38 16.09 47.09
CA MET C 55 -18.65 16.88 45.89
C MET C 55 -19.87 16.35 45.14
N ARG C 56 -19.88 15.05 44.91
CA ARG C 56 -20.96 14.40 44.17
C ARG C 56 -22.30 14.49 44.91
N GLU C 57 -22.26 14.41 46.25
N GLU C 57 -22.25 14.40 46.24
CA GLU C 57 -23.48 14.54 47.03
CA GLU C 57 -23.45 14.54 47.07
C GLU C 57 -24.01 15.98 47.00
C GLU C 57 -23.99 15.97 46.99
N TYR C 58 -23.08 16.94 47.09
CA TYR C 58 -23.43 18.36 46.99
C TYR C 58 -24.20 18.68 45.71
N ARG C 59 -23.65 18.26 44.57
CA ARG C 59 -24.28 18.53 43.28
C ARG C 59 -25.66 17.90 43.18
N TRP C 60 -25.73 16.63 43.59
CA TRP C 60 -26.98 15.87 43.52
C TRP C 60 -28.06 16.48 44.40
N LYS C 61 -27.68 16.87 45.62
CA LYS C 61 -28.64 17.52 46.51
C LYS C 61 -29.13 18.84 45.92
N ARG C 62 -28.21 19.62 45.37
CA ARG C 62 -28.54 20.93 44.83
C ARG C 62 -29.46 20.82 43.60
N LEU C 63 -29.18 19.87 42.72
CA LEU C 63 -29.98 19.67 41.53
C LEU C 63 -31.37 19.13 41.88
N THR C 64 -31.43 18.23 42.85
CA THR C 64 -32.73 17.72 43.33
C THR C 64 -33.57 18.85 43.92
N GLN C 65 -32.92 19.70 44.71
CA GLN C 65 -33.59 20.86 45.30
C GLN C 65 -34.10 21.81 44.21
N ALA C 66 -33.36 21.91 43.10
CA ALA C 66 -33.75 22.82 42.02
C ALA C 66 -35.06 22.38 41.37
N ILE C 67 -35.21 21.07 41.22
CA ILE C 67 -36.41 20.46 40.69
C ILE C 67 -37.57 20.74 41.64
N VAL C 68 -37.35 20.44 42.92
CA VAL C 68 -38.36 20.65 43.97
C VAL C 68 -38.79 22.10 44.02
N ASP C 69 -37.82 23.02 44.02
CA ASP C 69 -38.11 24.45 44.10
C ASP C 69 -39.00 24.95 42.96
N ARG C 70 -38.91 24.30 41.79
CA ARG C 70 -39.67 24.74 40.63
C ARG C 70 -41.02 24.05 40.52
N GLY C 71 -41.27 23.10 41.42
CA GLY C 71 -42.49 22.32 41.38
C GLY C 71 -42.52 21.36 40.21
N TYR C 72 -41.36 20.92 39.75
CA TYR C 72 -41.29 19.92 38.68
C TYR C 72 -41.20 18.54 39.32
N GLY C 73 -41.43 17.49 38.54
CA GLY C 73 -41.30 16.14 39.06
C GLY C 73 -39.95 15.52 38.74
N GLY C 74 -39.30 16.04 37.71
CA GLY C 74 -38.04 15.46 37.30
C GLY C 74 -37.26 16.31 36.33
N LEU C 75 -36.01 15.91 36.14
CA LEU C 75 -35.12 16.54 35.19
C LEU C 75 -34.47 15.42 34.37
N LEU C 76 -34.63 15.49 33.06
CA LEU C 76 -34.03 14.50 32.16
C LEU C 76 -32.91 15.15 31.34
N MET C 77 -31.70 14.59 31.45
CA MET C 77 -30.53 15.21 30.81
C MET C 77 -29.89 14.32 29.74
N PHE C 78 -29.70 14.89 28.55
CA PHE C 78 -28.96 14.24 27.45
C PHE C 78 -27.64 14.96 27.16
N ASP C 79 -27.44 16.14 27.74
CA ASP C 79 -26.19 16.86 27.53
C ASP C 79 -25.12 16.20 28.38
N PRO C 80 -24.02 15.73 27.77
CA PRO C 80 -23.00 15.04 28.58
C PRO C 80 -22.43 15.89 29.72
N LEU C 81 -22.50 17.20 29.60
CA LEU C 81 -21.99 18.06 30.66
C LEU C 81 -22.96 18.14 31.82
N ASN C 82 -24.26 18.08 31.54
CA ASN C 82 -25.24 17.97 32.61
C ASN C 82 -25.20 16.59 33.26
N ILE C 83 -24.97 15.57 32.43
CA ILE C 83 -24.82 14.21 32.92
C ILE C 83 -23.59 14.13 33.83
N ARG C 84 -22.53 14.83 33.43
CA ARG C 84 -21.31 14.87 34.22
C ARG C 84 -21.61 15.55 35.56
N TYR C 85 -22.37 16.64 35.49
CA TYR C 85 -22.69 17.35 36.73
C TYR C 85 -23.51 16.46 37.67
N ALA C 86 -24.47 15.74 37.11
CA ALA C 86 -25.40 14.97 37.97
C ALA C 86 -24.76 13.73 38.58
N THR C 87 -23.84 13.10 37.85
CA THR C 87 -23.36 11.76 38.19
C THR C 87 -21.84 11.70 38.38
N ASP C 88 -21.14 12.69 37.83
CA ASP C 88 -19.67 12.70 37.72
C ASP C 88 -19.13 11.55 36.89
N SER C 89 -20.00 10.94 36.08
CA SER C 89 -19.59 9.80 35.24
C SER C 89 -19.39 10.22 33.79
N THR C 90 -18.22 9.89 33.25
CA THR C 90 -17.91 10.14 31.85
C THR C 90 -18.07 8.86 31.03
N ASN C 91 -18.38 9.02 29.75
CA ASN C 91 -18.37 7.89 28.83
C ASN C 91 -18.31 8.45 27.43
N MET C 92 -17.11 8.45 26.85
CA MET C 92 -16.90 8.99 25.51
C MET C 92 -17.55 10.36 25.39
N GLN C 93 -17.20 11.27 26.30
CA GLN C 93 -17.85 12.57 26.36
C GLN C 93 -17.97 13.26 25.02
N LEU C 94 -16.88 13.32 24.28
CA LEU C 94 -16.89 14.07 23.04
C LEU C 94 -17.78 13.38 22.02
N TRP C 95 -17.72 12.06 21.92
CA TRP C 95 -18.66 11.34 21.06
C TRP C 95 -20.10 11.65 21.51
N ASN C 96 -20.30 11.67 22.83
CA ASN C 96 -21.63 11.89 23.41
C ASN C 96 -22.20 13.27 23.07
N THR C 97 -21.33 14.26 22.93
CA THR C 97 -21.81 15.62 22.71
C THR C 97 -22.63 15.72 21.43
N HIS C 98 -22.30 14.91 20.42
CA HIS C 98 -23.08 14.98 19.19
C HIS C 98 -23.73 13.64 18.83
N ASN C 99 -23.61 12.66 19.73
CA ASN C 99 -24.36 11.41 19.62
C ASN C 99 -25.09 11.14 20.94
N PRO C 100 -26.40 11.44 20.99
CA PRO C 100 -27.11 11.40 22.27
C PRO C 100 -27.50 9.98 22.70
N PHE C 101 -26.52 9.19 23.14
CA PHE C 101 -26.78 7.79 23.46
C PHE C 101 -27.11 7.61 24.92
N ARG C 102 -26.88 8.67 25.70
CA ARG C 102 -26.89 8.61 27.16
C ARG C 102 -27.99 9.49 27.73
N ALA C 103 -28.55 9.09 28.87
CA ALA C 103 -29.53 9.93 29.55
C ALA C 103 -29.53 9.71 31.05
N VAL C 104 -29.75 10.79 31.80
CA VAL C 104 -29.94 10.70 33.24
C VAL C 104 -31.28 11.31 33.63
N LEU C 105 -32.08 10.56 34.38
CA LEU C 105 -33.29 11.07 34.98
C LEU C 105 -33.09 11.27 36.48
N LEU C 106 -33.35 12.47 36.95
CA LEU C 106 -33.35 12.75 38.39
C LEU C 106 -34.77 13.17 38.79
N CYS C 107 -35.34 12.45 39.75
CA CYS C 107 -36.73 12.69 40.17
C CYS C 107 -36.76 13.60 41.39
N ALA C 108 -37.94 14.13 41.71
CA ALA C 108 -38.05 15.09 42.80
C ALA C 108 -37.72 14.48 44.16
N ASP C 109 -37.78 13.16 44.28
CA ASP C 109 -37.40 12.52 45.53
C ASP C 109 -35.91 12.18 45.58
N GLY C 110 -35.15 12.66 44.60
CA GLY C 110 -33.72 12.36 44.54
C GLY C 110 -33.33 11.10 43.78
N TYR C 111 -34.31 10.26 43.44
CA TYR C 111 -34.02 9.00 42.73
C TYR C 111 -33.42 9.29 41.36
N MET C 112 -32.30 8.63 41.05
CA MET C 112 -31.55 8.99 39.87
C MET C 112 -31.19 7.74 39.06
N VAL C 113 -31.50 7.79 37.77
CA VAL C 113 -31.27 6.65 36.87
C VAL C 113 -30.45 7.10 35.68
N ILE C 114 -29.49 6.26 35.26
CA ILE C 114 -28.79 6.53 34.01
C ILE C 114 -29.13 5.46 32.98
N TRP C 115 -29.36 5.91 31.76
CA TRP C 115 -29.38 5.02 30.59
C TRP C 115 -28.04 5.21 29.92
N ASP C 116 -27.22 4.16 29.96
CA ASP C 116 -25.87 4.27 29.45
C ASP C 116 -25.75 3.46 28.17
N TYR C 117 -24.60 3.60 27.54
CA TYR C 117 -24.20 2.73 26.45
C TYR C 117 -24.41 1.29 26.89
N LYS C 118 -25.09 0.50 26.04
CA LYS C 118 -25.47 -0.85 26.42
C LYS C 118 -24.26 -1.68 26.88
N ASN C 119 -23.12 -1.46 26.25
CA ASN C 119 -21.93 -2.23 26.53
C ASN C 119 -21.18 -1.77 27.81
N SER C 120 -21.64 -0.70 28.46
CA SER C 120 -20.84 -0.13 29.56
C SER C 120 -21.59 0.32 30.83
N PRO C 121 -22.42 -0.56 31.40
CA PRO C 121 -23.18 -0.13 32.57
C PRO C 121 -22.28 0.17 33.78
N PHE C 122 -21.09 -0.41 33.80
CA PHE C 122 -20.18 -0.27 34.93
C PHE C 122 -19.58 1.13 35.10
N LEU C 123 -19.72 1.99 34.10
CA LEU C 123 -18.98 3.25 34.15
C LEU C 123 -19.48 4.25 35.20
N SER C 124 -20.68 4.06 35.72
CA SER C 124 -21.21 4.99 36.72
C SER C 124 -21.40 4.31 38.08
N LYS C 125 -20.97 3.06 38.20
CA LYS C 125 -21.26 2.33 39.42
C LYS C 125 -20.46 2.81 40.63
N PHE C 126 -19.41 3.60 40.39
CA PHE C 126 -18.65 4.19 41.48
C PHE C 126 -19.46 5.26 42.24
N ASN C 127 -20.55 5.73 41.63
CA ASN C 127 -21.40 6.73 42.28
C ASN C 127 -22.71 6.10 42.72
N PRO C 128 -22.82 5.77 44.02
CA PRO C 128 -24.01 5.07 44.51
C PRO C 128 -25.28 5.91 44.44
N LEU C 129 -25.15 7.21 44.18
CA LEU C 129 -26.32 8.06 44.00
C LEU C 129 -27.06 7.76 42.70
N VAL C 130 -26.33 7.15 41.75
CA VAL C 130 -26.94 6.59 40.55
C VAL C 130 -27.53 5.24 40.90
N ARG C 131 -28.85 5.16 40.98
CA ARG C 131 -29.49 4.00 41.58
C ARG C 131 -29.67 2.84 40.60
N GLU C 132 -29.76 3.17 39.31
CA GLU C 132 -29.91 2.13 38.29
C GLU C 132 -29.08 2.47 37.07
N GLN C 133 -28.60 1.42 36.40
CA GLN C 133 -27.92 1.56 35.13
C GLN C 133 -28.74 0.80 34.10
N ARG C 134 -29.32 1.53 33.15
CA ARG C 134 -30.14 0.95 32.11
C ARG C 134 -29.50 1.20 30.76
N SER C 135 -30.20 0.85 29.69
CA SER C 135 -29.78 1.21 28.35
C SER C 135 -31.01 1.51 27.51
N GLY C 136 -30.80 2.03 26.30
CA GLY C 136 -31.89 2.23 25.35
C GLY C 136 -32.42 3.65 25.25
N ALA C 137 -31.61 4.64 25.61
CA ALA C 137 -32.02 6.04 25.46
C ALA C 137 -31.41 6.65 24.21
N ASP C 138 -30.79 5.80 23.39
CA ASP C 138 -30.11 6.29 22.19
C ASP C 138 -31.08 6.44 21.02
N LEU C 139 -31.58 7.66 20.84
CA LEU C 139 -32.66 7.90 19.89
C LEU C 139 -32.22 8.73 18.70
N PHE C 140 -31.27 8.22 17.94
CA PHE C 140 -30.81 8.96 16.78
C PHE C 140 -30.54 7.98 15.65
N TYR C 141 -30.45 8.51 14.43
CA TYR C 141 -30.53 7.69 13.23
C TYR C 141 -29.34 6.75 13.04
N PHE C 142 -28.13 7.22 13.34
CA PHE C 142 -26.97 6.34 13.30
C PHE C 142 -27.22 5.07 14.12
N ASP C 143 -27.65 5.24 15.38
CA ASP C 143 -27.80 4.10 16.27
C ASP C 143 -29.00 3.19 15.98
N ARG C 144 -30.08 3.72 15.42
CA ARG C 144 -31.29 2.90 15.30
C ARG C 144 -31.97 2.94 13.94
N GLY C 145 -31.42 3.73 13.00
CA GLY C 145 -31.94 3.79 11.65
C GLY C 145 -33.42 4.15 11.61
N ASP C 146 -34.19 3.38 10.84
CA ASP C 146 -35.62 3.67 10.65
C ASP C 146 -36.48 3.16 11.81
N LYS C 147 -35.85 2.68 12.87
CA LYS C 147 -36.60 2.18 14.03
C LYS C 147 -36.32 3.00 15.31
N VAL C 148 -35.99 4.27 15.14
CA VAL C 148 -35.85 5.15 16.30
C VAL C 148 -37.20 5.23 17.03
N ASP C 149 -38.28 5.42 16.28
CA ASP C 149 -39.59 5.67 16.90
C ASP C 149 -40.02 4.59 17.88
N VAL C 150 -39.80 3.32 17.53
CA VAL C 150 -40.19 2.21 18.39
C VAL C 150 -39.48 2.27 19.75
N GLN C 151 -38.18 2.53 19.71
CA GLN C 151 -37.42 2.60 20.95
C GLN C 151 -37.74 3.88 21.72
N ALA C 152 -38.07 4.95 21.00
CA ALA C 152 -38.43 6.20 21.67
C ALA C 152 -39.63 5.96 22.59
N ASP C 153 -40.59 5.16 22.11
CA ASP C 153 -41.75 4.81 22.93
C ASP C 153 -41.41 3.88 24.10
N VAL C 154 -40.52 2.91 23.88
CA VAL C 154 -40.02 2.10 24.99
C VAL C 154 -39.38 3.00 26.05
N PHE C 155 -38.52 3.91 25.62
CA PHE C 155 -37.80 4.77 26.56
C PHE C 155 -38.76 5.69 27.32
N ALA C 156 -39.67 6.33 26.59
CA ALA C 156 -40.62 7.25 27.22
C ALA C 156 -41.54 6.54 28.23
N ASN C 157 -41.92 5.31 27.92
CA ASN C 157 -42.71 4.54 28.88
C ASN C 157 -41.93 4.22 30.14
N GLU C 158 -40.63 3.98 30.00
CA GLU C 158 -39.79 3.75 31.18
C GLU C 158 -39.71 5.00 32.06
N VAL C 159 -39.59 6.17 31.41
CA VAL C 159 -39.53 7.43 32.13
C VAL C 159 -40.87 7.66 32.84
N ARG C 160 -41.97 7.33 32.16
CA ARG C 160 -43.29 7.48 32.78
C ARG C 160 -43.42 6.63 34.06
N VAL C 161 -43.01 5.36 33.98
CA VAL C 161 -43.14 4.47 35.13
C VAL C 161 -42.26 4.95 36.29
N LEU C 162 -41.03 5.38 35.99
CA LEU C 162 -40.15 5.94 37.03
C LEU C 162 -40.75 7.17 37.68
N MET C 163 -41.27 8.09 36.86
CA MET C 163 -41.90 9.31 37.37
C MET C 163 -43.17 9.00 38.16
N GLN C 164 -43.90 7.97 37.74
CA GLN C 164 -45.07 7.51 38.49
C GLN C 164 -44.69 7.01 39.89
N ASP C 165 -43.55 6.34 39.97
CA ASP C 165 -43.10 5.76 41.23
C ASP C 165 -42.34 6.75 42.10
N HIS C 166 -41.64 7.71 41.51
CA HIS C 166 -40.74 8.56 42.30
C HIS C 166 -41.10 10.05 42.29
N ALA C 167 -42.06 10.42 41.45
CA ALA C 167 -42.62 11.78 41.46
C ALA C 167 -44.11 11.76 41.15
N PRO C 168 -44.89 10.92 41.86
CA PRO C 168 -46.30 10.76 41.51
C PRO C 168 -47.04 12.08 41.57
N GLY C 169 -47.92 12.29 40.58
CA GLY C 169 -48.71 13.49 40.50
C GLY C 169 -48.08 14.62 39.71
N HIS C 170 -46.78 14.52 39.46
CA HIS C 170 -46.10 15.53 38.63
C HIS C 170 -46.23 15.23 37.14
N THR C 171 -46.58 16.24 36.35
CA THR C 171 -46.58 16.09 34.90
C THR C 171 -45.46 16.91 34.25
N ARG C 172 -44.85 17.79 35.05
CA ARG C 172 -43.79 18.64 34.53
C ARG C 172 -42.44 17.93 34.61
N LEU C 173 -41.89 17.69 33.43
CA LEU C 173 -40.57 17.08 33.29
C LEU C 173 -39.66 18.04 32.54
N ALA C 174 -38.62 18.51 33.23
CA ALA C 174 -37.63 19.37 32.59
C ALA C 174 -36.67 18.52 31.76
N VAL C 175 -36.37 18.99 30.55
CA VAL C 175 -35.45 18.27 29.65
C VAL C 175 -34.45 19.28 29.11
N ASP C 176 -33.15 18.98 29.18
CA ASP C 176 -32.20 19.96 28.66
C ASP C 176 -32.26 20.03 27.14
N LYS C 177 -32.18 18.88 26.48
CA LYS C 177 -32.20 18.81 25.03
C LYS C 177 -32.46 17.37 24.62
N ILE C 178 -33.38 17.15 23.70
CA ILE C 178 -33.71 15.79 23.30
C ILE C 178 -34.06 15.76 21.81
N MET C 179 -33.77 14.65 21.16
CA MET C 179 -34.16 14.48 19.76
C MET C 179 -35.69 14.49 19.62
N LEU C 180 -36.18 14.91 18.47
CA LEU C 180 -37.60 15.11 18.27
C LEU C 180 -38.42 13.83 18.50
N HIS C 181 -37.93 12.67 18.06
CA HIS C 181 -38.61 11.40 18.34
C HIS C 181 -38.81 11.22 19.86
N GLY C 182 -37.78 11.57 20.63
CA GLY C 182 -37.87 11.45 22.06
C GLY C 182 -38.86 12.43 22.65
N LEU C 183 -38.88 13.65 22.11
CA LEU C 183 -39.81 14.67 22.58
C LEU C 183 -41.25 14.24 22.35
N ARG C 184 -41.54 13.79 21.12
CA ARG C 184 -42.88 13.33 20.76
C ARG C 184 -43.32 12.19 21.66
N ALA C 185 -42.41 11.26 21.95
CA ALA C 185 -42.75 10.10 22.76
C ALA C 185 -43.05 10.48 24.20
N LEU C 186 -42.27 11.41 24.76
CA LEU C 186 -42.50 11.86 26.13
C LEU C 186 -43.83 12.59 26.28
N GLU C 187 -44.13 13.49 25.34
CA GLU C 187 -45.39 14.20 25.36
C GLU C 187 -46.57 13.22 25.19
N ALA C 188 -46.35 12.17 24.40
CA ALA C 188 -47.38 11.14 24.25
C ALA C 188 -47.65 10.41 25.57
N GLN C 189 -46.70 10.44 26.48
CA GLN C 189 -46.91 9.83 27.79
C GLN C 189 -47.54 10.78 28.80
N GLY C 190 -47.88 11.99 28.37
CA GLY C 190 -48.56 12.94 29.23
C GLY C 190 -47.68 13.95 29.94
N PHE C 191 -46.40 14.02 29.58
CA PHE C 191 -45.51 14.98 30.20
C PHE C 191 -45.61 16.37 29.58
N GLU C 192 -45.54 17.39 30.43
CA GLU C 192 -45.33 18.74 29.95
C GLU C 192 -43.83 19.02 30.01
N ILE C 193 -43.21 19.25 28.86
CA ILE C 193 -41.75 19.39 28.80
C ILE C 193 -41.30 20.81 29.14
N MET C 194 -40.53 20.94 30.20
CA MET C 194 -40.06 22.24 30.67
C MET C 194 -38.60 22.47 30.24
N GLU C 195 -38.13 23.72 30.31
CA GLU C 195 -36.77 24.06 29.88
C GLU C 195 -35.74 23.54 30.89
N GLY C 196 -35.07 22.45 30.54
CA GLY C 196 -34.12 21.84 31.45
C GLY C 196 -32.87 22.67 31.70
N GLU C 197 -32.44 23.46 30.71
CA GLU C 197 -31.25 24.28 30.87
C GLU C 197 -31.43 25.40 31.90
N GLU C 198 -32.66 25.89 32.04
CA GLU C 198 -32.92 26.91 33.06
C GLU C 198 -32.66 26.31 34.45
N VAL C 199 -32.94 25.01 34.59
CA VAL C 199 -32.66 24.30 35.83
C VAL C 199 -31.15 24.01 36.01
N THR C 200 -30.52 23.47 34.98
CA THR C 200 -29.13 23.01 35.12
C THR C 200 -28.15 24.17 35.22
N GLU C 201 -28.35 25.21 34.41
CA GLU C 201 -27.43 26.34 34.40
C GLU C 201 -27.44 27.06 35.74
N LYS C 202 -28.63 27.29 36.29
CA LYS C 202 -28.74 27.98 37.57
C LYS C 202 -28.23 27.13 38.72
N THR C 203 -28.40 25.81 38.62
CA THR C 203 -27.89 24.94 39.65
C THR C 203 -26.34 24.90 39.63
N ARG C 204 -25.78 24.70 38.45
CA ARG C 204 -24.33 24.63 38.29
C ARG C 204 -23.62 25.94 38.60
N ALA C 205 -24.35 27.04 38.54
CA ALA C 205 -23.77 28.36 38.74
C ALA C 205 -23.15 28.53 40.12
N ILE C 206 -23.64 27.80 41.12
CA ILE C 206 -23.09 27.90 42.47
C ILE C 206 -22.24 26.70 42.85
N LYS C 207 -20.93 26.90 42.94
CA LYS C 207 -20.02 25.81 43.28
C LYS C 207 -19.95 25.57 44.79
N GLY C 208 -20.03 24.31 45.18
CA GLY C 208 -19.79 23.94 46.57
C GLY C 208 -18.31 23.95 46.88
N PRO C 209 -17.97 23.75 48.17
CA PRO C 209 -16.57 23.82 48.61
C PRO C 209 -15.67 22.84 47.85
N ASP C 210 -16.14 21.62 47.63
CA ASP C 210 -15.30 20.63 46.97
C ASP C 210 -15.11 20.93 45.49
N GLU C 211 -16.15 21.45 44.83
CA GLU C 211 -16.00 21.89 43.45
C GLU C 211 -14.98 23.00 43.32
N ILE C 212 -14.94 23.89 44.32
CA ILE C 212 -13.97 24.99 44.28
C ILE C 212 -12.56 24.43 44.44
N LEU C 213 -12.38 23.47 45.34
CA LEU C 213 -11.08 22.80 45.50
C LEU C 213 -10.67 22.10 44.19
N ALA C 214 -11.62 21.43 43.55
CA ALA C 214 -11.32 20.76 42.28
C ALA C 214 -10.89 21.78 41.23
N MET C 215 -11.59 22.92 41.18
CA MET C 215 -11.23 23.97 40.23
C MET C 215 -9.85 24.58 40.51
N ARG C 216 -9.50 24.76 41.78
CA ARG C 216 -8.16 25.25 42.11
C ARG C 216 -7.09 24.29 41.57
N CYS C 217 -7.31 23.00 41.77
CA CYS C 217 -6.41 21.99 41.24
C CYS C 217 -6.36 22.03 39.70
N ALA C 218 -7.53 22.04 39.07
CA ALA C 218 -7.58 22.09 37.60
C ALA C 218 -6.87 23.35 37.09
N SER C 219 -7.10 24.48 37.74
CA SER C 219 -6.44 25.72 37.34
C SER C 219 -4.91 25.61 37.43
N HIS C 220 -4.42 24.97 38.48
CA HIS C 220 -2.96 24.79 38.63
C HIS C 220 -2.41 23.90 37.53
N ALA C 221 -3.11 22.81 37.24
CA ALA C 221 -2.67 21.89 36.18
C ALA C 221 -2.65 22.58 34.82
N CYS C 222 -3.71 23.32 34.53
CA CYS C 222 -3.79 24.04 33.26
C CYS C 222 -2.70 25.10 33.15
N GLU C 223 -2.44 25.82 34.24
CA GLU C 223 -1.41 26.85 34.19
C GLU C 223 -0.03 26.24 33.96
N THR C 224 0.21 25.07 34.56
CA THR C 224 1.42 24.31 34.32
C THR C 224 1.55 23.91 32.86
N ALA C 225 0.45 23.48 32.27
CA ALA C 225 0.46 23.02 30.88
C ALA C 225 0.74 24.19 29.95
N VAL C 226 0.17 25.35 30.26
CA VAL C 226 0.39 26.56 29.47
C VAL C 226 1.85 27.01 29.57
N ALA C 227 2.43 26.84 30.75
CA ALA C 227 3.84 27.20 30.94
C ALA C 227 4.75 26.30 30.10
N GLU C 228 4.40 25.03 29.96
CA GLU C 228 5.12 24.14 29.06
C GLU C 228 4.99 24.62 27.61
N MET C 229 3.77 25.01 27.23
CA MET C 229 3.53 25.56 25.91
C MET C 229 4.33 26.85 25.67
N GLU C 230 4.37 27.73 26.68
CA GLU C 230 5.10 29.00 26.53
C GLU C 230 6.60 28.76 26.35
N LYS C 231 7.13 27.80 27.09
CA LYS C 231 8.54 27.42 26.98
C LYS C 231 8.83 26.90 25.57
N PHE C 232 7.92 26.08 25.05
CA PHE C 232 8.10 25.54 23.70
C PHE C 232 8.06 26.67 22.68
N ALA C 233 7.06 27.53 22.79
CA ALA C 233 6.87 28.62 21.84
C ALA C 233 8.07 29.56 21.81
N ARG C 234 8.57 29.94 22.98
CA ARG C 234 9.66 30.91 23.02
C ARG C 234 10.94 30.29 22.50
N ALA C 235 11.09 28.98 22.66
CA ALA C 235 12.28 28.31 22.19
C ALA C 235 12.26 27.98 20.69
N HIS C 236 11.09 27.92 20.07
CA HIS C 236 11.01 27.39 18.70
C HIS C 236 10.34 28.30 17.66
N VAL C 237 9.54 29.26 18.10
CA VAL C 237 8.90 30.19 17.17
C VAL C 237 9.95 30.91 16.32
N GLY C 238 9.70 30.97 15.02
CA GLY C 238 10.61 31.67 14.12
C GLY C 238 11.77 30.83 13.63
N ASP C 239 11.69 29.52 13.78
CA ASP C 239 12.71 28.63 13.23
C ASP C 239 12.38 28.25 11.78
N GLY C 240 11.33 28.86 11.23
CA GLY C 240 10.92 28.57 9.86
C GLY C 240 10.14 27.28 9.69
N LYS C 241 9.92 26.56 10.79
CA LYS C 241 9.24 25.28 10.73
C LYS C 241 8.04 25.19 11.69
N THR C 242 8.15 25.79 12.85
CA THR C 242 7.19 25.60 13.90
C THR C 242 5.88 26.30 13.62
N SER C 243 4.81 25.52 13.58
CA SER C 243 3.47 26.01 13.27
C SER C 243 2.67 26.33 14.51
N GLU C 244 1.59 27.06 14.36
CA GLU C 244 0.60 27.24 15.39
C GLU C 244 0.19 25.90 15.98
N ASP C 245 -0.07 24.93 15.13
CA ASP C 245 -0.47 23.59 15.56
C ASP C 245 0.60 22.92 16.43
N ASP C 246 1.87 23.15 16.09
CA ASP C 246 2.96 22.56 16.85
C ASP C 246 2.94 23.06 18.29
N ILE C 247 2.74 24.36 18.44
CA ILE C 247 2.73 24.99 19.76
C ILE C 247 1.52 24.50 20.54
N TRP C 248 0.35 24.61 19.93
CA TRP C 248 -0.91 24.22 20.56
C TRP C 248 -0.90 22.76 21.00
N ALA C 249 -0.25 21.90 20.21
CA ALA C 249 -0.16 20.47 20.53
C ALA C 249 0.42 20.24 21.92
N VAL C 250 1.29 21.13 22.36
CA VAL C 250 1.85 21.00 23.70
C VAL C 250 0.76 21.10 24.78
N LEU C 251 -0.13 22.08 24.65
CA LEU C 251 -1.24 22.21 25.59
C LEU C 251 -2.09 20.94 25.62
N HIS C 252 -2.43 20.41 24.44
CA HIS C 252 -3.16 19.15 24.35
C HIS C 252 -2.52 18.04 25.18
N ALA C 253 -1.25 17.76 24.90
CA ALA C 253 -0.56 16.64 25.54
C ALA C 253 -0.39 16.87 27.05
N GLU C 254 -0.02 18.07 27.43
CA GLU C 254 0.26 18.35 28.85
C GLU C 254 -1.04 18.30 29.67
N ASN C 255 -2.15 18.69 29.07
CA ASN C 255 -3.46 18.53 29.72
C ASN C 255 -3.81 17.05 29.90
N ILE C 256 -3.68 16.25 28.84
CA ILE C 256 -3.95 14.82 28.93
C ILE C 256 -3.07 14.09 29.95
N LYS C 257 -1.79 14.47 30.00
CA LYS C 257 -0.85 13.87 30.95
C LYS C 257 -1.24 14.15 32.42
N ARG C 258 -2.06 15.18 32.64
CA ARG C 258 -2.47 15.52 34.01
C ARG C 258 -3.91 15.09 34.33
N GLY C 259 -4.52 14.34 33.42
CA GLY C 259 -5.85 13.81 33.65
C GLY C 259 -6.95 14.70 33.08
N GLY C 260 -6.56 15.63 32.21
CA GLY C 260 -7.52 16.51 31.56
C GLY C 260 -8.32 15.77 30.50
N GLU C 261 -9.30 16.43 29.91
CA GLU C 261 -10.23 15.72 29.05
C GLU C 261 -10.27 16.20 27.61
N TRP C 262 -10.35 17.51 27.38
CA TRP C 262 -10.29 18.02 26.01
C TRP C 262 -10.17 19.52 25.98
N ILE C 263 -10.11 20.07 24.77
CA ILE C 263 -10.04 21.51 24.56
C ILE C 263 -11.21 21.93 23.67
N GLU C 264 -11.97 22.94 24.07
CA GLU C 264 -13.27 23.26 23.46
C GLU C 264 -13.18 23.98 22.13
N THR C 265 -12.10 24.74 21.93
CA THR C 265 -11.97 25.59 20.74
C THR C 265 -10.64 25.35 20.07
N ARG C 266 -10.34 26.14 19.03
CA ARG C 266 -9.00 26.17 18.45
C ARG C 266 -8.42 27.58 18.55
N LEU C 267 -8.67 28.24 19.67
CA LEU C 267 -8.32 29.64 19.75
C LEU C 267 -6.86 29.88 20.17
N LEU C 268 -5.94 29.62 19.25
CA LEU C 268 -4.55 30.06 19.33
C LEU C 268 -4.19 30.55 17.95
N ALA C 269 -3.66 31.76 17.85
CA ALA C 269 -3.36 32.32 16.54
C ALA C 269 -2.12 33.19 16.61
N SER C 270 -1.44 33.34 15.49
CA SER C 270 -0.16 34.03 15.44
C SER C 270 -0.17 35.20 14.45
N GLY C 271 0.55 36.27 14.81
CA GLY C 271 0.71 37.37 13.89
C GLY C 271 -0.59 37.98 13.41
N PRO C 272 -0.69 38.17 12.08
CA PRO C 272 -1.87 38.85 11.55
C PRO C 272 -3.16 38.00 11.67
N ARG C 273 -3.02 36.73 12.03
CA ARG C 273 -4.22 35.89 12.17
C ARG C 273 -4.90 36.10 13.53
N THR C 274 -4.37 37.02 14.34
CA THR C 274 -5.02 37.37 15.60
C THR C 274 -6.08 38.46 15.41
N ASN C 275 -6.13 39.06 14.22
CA ASN C 275 -7.08 40.12 13.93
C ASN C 275 -7.69 39.94 12.54
N PRO C 276 -9.00 39.64 12.48
CA PRO C 276 -9.92 39.61 13.62
C PRO C 276 -9.77 38.36 14.48
N TRP C 277 -10.20 38.45 15.73
CA TRP C 277 -10.17 37.30 16.63
C TRP C 277 -11.16 36.23 16.17
N PHE C 278 -10.89 34.99 16.57
CA PHE C 278 -11.69 33.76 16.32
C PHE C 278 -11.30 33.08 14.99
N GLN C 279 -10.38 33.42 14.28
CA GLN C 279 -9.41 32.65 13.50
C GLN C 279 -8.83 31.49 14.29
N GLU C 280 -8.72 30.34 13.64
CA GLU C 280 -8.41 29.11 14.36
C GLU C 280 -6.96 28.71 14.22
N CYS C 281 -6.51 27.94 15.21
CA CYS C 281 -5.17 27.38 15.21
C CYS C 281 -5.00 26.51 13.99
N GLY C 282 -3.90 26.69 13.28
CA GLY C 282 -3.71 25.97 12.04
C GLY C 282 -2.26 25.79 11.65
N PRO C 283 -2.01 25.63 10.33
CA PRO C 283 -0.67 25.29 9.85
C PRO C 283 0.28 26.50 9.74
N ARG C 284 -0.19 27.72 10.01
CA ARG C 284 0.67 28.90 9.84
C ARG C 284 2.04 28.73 10.50
N ILE C 285 3.09 28.96 9.72
CA ILE C 285 4.45 28.92 10.23
C ILE C 285 4.72 30.21 11.01
N THR C 286 5.04 30.07 12.29
CA THR C 286 5.17 31.24 13.17
C THR C 286 6.44 32.04 12.84
N GLN C 287 6.45 33.30 13.27
CA GLN C 287 7.52 34.23 12.91
C GLN C 287 8.10 34.91 14.13
N LYS C 288 9.39 35.23 14.07
CA LYS C 288 10.03 36.08 15.07
C LYS C 288 9.41 37.48 15.03
N ASN C 289 9.40 38.16 16.18
CA ASN C 289 8.83 39.50 16.30
C ASN C 289 7.37 39.53 15.92
N GLU C 290 6.59 38.67 16.57
CA GLU C 290 5.17 38.60 16.34
C GLU C 290 4.41 38.28 17.60
N ILE C 291 3.16 38.71 17.59
CA ILE C 291 2.20 38.39 18.63
C ILE C 291 1.69 36.95 18.49
N ILE C 292 1.60 36.23 19.60
CA ILE C 292 0.79 35.01 19.65
C ILE C 292 -0.25 35.15 20.77
N ALA C 293 -1.52 35.01 20.40
CA ALA C 293 -2.60 35.15 21.37
C ALA C 293 -3.36 33.84 21.44
N PHE C 294 -3.80 33.46 22.63
CA PHE C 294 -4.51 32.19 22.77
C PHE C 294 -5.46 32.20 23.93
N ASP C 295 -6.31 31.19 23.91
CA ASP C 295 -7.39 31.02 24.84
C ASP C 295 -7.46 29.54 25.18
N THR C 296 -7.27 29.16 26.45
CA THR C 296 -7.18 27.74 26.77
C THR C 296 -8.48 26.99 26.49
N ASP C 297 -9.61 27.60 26.86
CA ASP C 297 -10.94 26.99 26.69
C ASP C 297 -10.88 25.50 26.98
N LEU C 298 -10.35 25.17 28.13
CA LEU C 298 -9.83 23.83 28.37
C LEU C 298 -10.65 23.05 29.38
N ILE C 299 -10.95 21.80 29.08
CA ILE C 299 -11.62 20.94 30.06
C ILE C 299 -10.55 20.08 30.71
N GLY C 300 -10.27 20.37 31.98
CA GLY C 300 -9.05 19.88 32.60
C GLY C 300 -9.24 18.81 33.64
N SER C 301 -8.30 18.75 34.57
CA SER C 301 -8.35 17.75 35.63
C SER C 301 -9.64 17.85 36.44
N TYR C 302 -10.13 16.69 36.89
CA TYR C 302 -11.43 16.58 37.54
C TYR C 302 -12.59 17.02 36.64
N GLY C 303 -12.33 17.18 35.35
CA GLY C 303 -13.36 17.62 34.42
C GLY C 303 -13.73 19.08 34.57
N ILE C 304 -12.90 19.84 35.29
CA ILE C 304 -13.20 21.25 35.48
C ILE C 304 -12.63 22.10 34.35
N CYS C 305 -13.44 23.04 33.87
CA CYS C 305 -13.02 23.95 32.83
C CYS C 305 -12.09 25.03 33.37
N VAL C 306 -10.96 25.20 32.70
CA VAL C 306 -10.08 26.33 33.02
C VAL C 306 -10.02 27.18 31.78
N ASP C 307 -10.53 28.38 31.90
CA ASP C 307 -10.73 29.20 30.74
C ASP C 307 -9.99 30.52 30.89
N ILE C 308 -8.75 30.56 30.40
CA ILE C 308 -7.94 31.76 30.52
C ILE C 308 -7.29 32.09 29.18
N SER C 309 -6.99 33.36 28.97
CA SER C 309 -6.39 33.81 27.72
C SER C 309 -5.17 34.66 28.02
N ARG C 310 -4.13 34.49 27.21
CA ARG C 310 -2.94 35.31 27.35
C ARG C 310 -2.45 35.70 25.96
N THR C 311 -1.73 36.80 25.88
CA THR C 311 -1.11 37.21 24.64
C THR C 311 0.40 37.33 24.85
N TRP C 312 1.17 36.74 23.95
CA TRP C 312 2.63 36.76 24.09
C TRP C 312 3.27 37.54 22.95
N TRP C 313 4.39 38.17 23.26
CA TRP C 313 5.25 38.74 22.23
C TRP C 313 6.54 37.94 22.22
N ILE C 314 6.92 37.45 21.04
CA ILE C 314 8.12 36.64 20.89
C ILE C 314 8.99 37.23 19.79
N GLY C 315 10.22 37.58 20.13
CA GLY C 315 11.13 38.19 19.16
C GLY C 315 12.30 38.92 19.80
N ASP C 316 13.30 39.26 18.99
CA ASP C 316 14.48 39.96 19.49
C ASP C 316 14.23 41.47 19.59
N GLN C 317 13.24 41.96 18.85
CA GLN C 317 12.85 43.35 18.93
C GLN C 317 11.79 43.58 20.00
N LYS C 318 11.55 44.84 20.33
CA LYS C 318 10.49 45.21 21.26
C LYS C 318 9.18 45.25 20.50
N PRO C 319 8.06 44.99 21.19
CA PRO C 319 6.75 45.14 20.55
C PRO C 319 6.52 46.58 20.15
N ARG C 320 5.72 46.83 19.12
CA ARG C 320 5.35 48.19 18.74
C ARG C 320 4.62 48.91 19.88
N PRO C 321 4.64 50.25 19.89
CA PRO C 321 3.93 50.97 20.95
C PRO C 321 2.41 50.73 20.93
N ASP C 322 1.81 50.50 19.77
CA ASP C 322 0.37 50.31 19.73
C ASP C 322 0.00 48.95 20.35
N MET C 323 0.91 47.99 20.23
CA MET C 323 0.74 46.67 20.85
C MET C 323 0.78 46.78 22.36
N VAL C 324 1.76 47.52 22.86
CA VAL C 324 1.90 47.72 24.30
C VAL C 324 0.68 48.46 24.86
N TYR C 325 0.23 49.49 24.17
CA TYR C 325 -0.96 50.20 24.59
C TYR C 325 -2.20 49.30 24.59
N ALA C 326 -2.36 48.49 23.54
CA ALA C 326 -3.52 47.61 23.46
C ALA C 326 -3.51 46.60 24.61
N MET C 327 -2.33 46.09 24.93
CA MET C 327 -2.16 45.15 26.04
C MET C 327 -2.53 45.77 27.38
N GLN C 328 -1.98 46.95 27.64
CA GLN C 328 -2.26 47.66 28.88
C GLN C 328 -3.74 47.98 29.01
N HIS C 329 -4.34 48.38 27.89
CA HIS C 329 -5.77 48.66 27.81
C HIS C 329 -6.58 47.39 28.12
N ALA C 330 -6.18 46.28 27.52
CA ALA C 330 -6.87 45.01 27.74
C ALA C 330 -6.77 44.59 29.22
N HIS C 331 -5.59 44.75 29.78
CA HIS C 331 -5.36 44.41 31.18
C HIS C 331 -6.20 45.33 32.10
N GLU C 332 -6.26 46.60 31.75
CA GLU C 332 -7.03 47.57 32.52
C GLU C 332 -8.52 47.24 32.47
N HIS C 333 -8.96 46.74 31.32
CA HIS C 333 -10.34 46.36 31.10
C HIS C 333 -10.77 45.24 32.06
N ILE C 334 -10.02 44.15 32.11
CA ILE C 334 -10.43 43.03 32.95
C ILE C 334 -10.24 43.34 34.42
N MET C 335 -9.20 44.10 34.77
CA MET C 335 -8.99 44.42 36.18
C MET C 335 -10.07 45.37 36.69
N THR C 336 -10.48 46.31 35.86
CA THR C 336 -11.54 47.25 36.24
C THR C 336 -12.88 46.52 36.36
N ASN C 337 -13.17 45.65 35.41
CA ASN C 337 -14.44 44.92 35.42
C ASN C 337 -14.52 43.93 36.58
N MET C 338 -13.42 43.26 36.84
CA MET C 338 -13.30 42.29 37.93
C MET C 338 -13.57 42.97 39.27
N GLU C 339 -13.20 44.25 39.34
CA GLU C 339 -13.38 45.02 40.56
C GLU C 339 -14.87 45.25 40.88
N MET C 340 -15.74 45.06 39.88
CA MET C 340 -17.17 45.19 40.10
C MET C 340 -17.72 44.01 40.89
N LEU C 341 -16.97 42.93 40.98
CA LEU C 341 -17.54 41.67 41.42
C LEU C 341 -17.62 41.51 42.93
N LYS C 342 -18.83 41.21 43.40
CA LYS C 342 -19.10 40.87 44.79
C LYS C 342 -20.54 40.38 44.83
N PRO C 343 -20.90 39.60 45.87
CA PRO C 343 -22.28 39.11 45.96
C PRO C 343 -23.30 40.24 46.01
N GLY C 344 -24.48 40.00 45.43
CA GLY C 344 -25.56 40.95 45.48
C GLY C 344 -25.64 41.89 44.29
N VAL C 345 -24.54 42.02 43.55
CA VAL C 345 -24.54 42.87 42.37
C VAL C 345 -25.39 42.23 41.28
N MET C 346 -26.30 43.00 40.70
CA MET C 346 -27.18 42.49 39.65
C MET C 346 -26.39 42.42 38.35
N ILE C 347 -26.53 41.31 37.62
CA ILE C 347 -25.78 41.12 36.39
C ILE C 347 -25.92 42.28 35.39
N PRO C 348 -27.14 42.77 35.14
CA PRO C 348 -27.16 43.90 34.20
C PRO C 348 -26.52 45.20 34.73
N ASP C 349 -26.21 45.27 36.01
CA ASP C 349 -25.45 46.41 36.53
C ASP C 349 -23.96 46.27 36.21
N LEU C 350 -23.50 45.02 36.08
CA LEU C 350 -22.16 44.78 35.54
C LEU C 350 -22.08 45.32 34.12
N THR C 351 -23.08 44.97 33.32
CA THR C 351 -23.18 45.49 31.97
C THR C 351 -23.14 47.02 31.94
N ALA C 352 -24.01 47.63 32.73
CA ALA C 352 -24.17 49.09 32.73
C ALA C 352 -22.91 49.85 33.18
N ASN C 353 -22.11 49.21 34.01
CA ASN C 353 -20.99 49.92 34.64
C ASN C 353 -19.62 49.46 34.17
N CYS C 354 -19.57 48.64 33.14
CA CYS C 354 -18.30 48.06 32.74
C CYS C 354 -17.32 49.12 32.24
N HIS C 355 -16.03 48.81 32.33
CA HIS C 355 -14.97 49.63 31.77
C HIS C 355 -15.24 49.87 30.29
N ARG C 356 -15.05 51.11 29.82
CA ARG C 356 -15.32 51.37 28.41
C ARG C 356 -14.02 51.34 27.59
N LEU C 357 -13.96 50.42 26.63
CA LEU C 357 -12.84 50.37 25.69
C LEU C 357 -12.84 51.60 24.79
N ASP C 358 -11.64 52.03 24.39
CA ASP C 358 -11.48 53.09 23.41
C ASP C 358 -12.34 52.84 22.16
N ASP C 359 -12.79 53.93 21.53
CA ASP C 359 -13.63 53.85 20.33
C ASP C 359 -13.10 52.91 19.26
N LYS C 360 -11.79 52.91 19.05
CA LYS C 360 -11.22 52.13 17.97
C LYS C 360 -11.20 50.64 18.29
N PHE C 361 -11.52 50.27 19.53
CA PHE C 361 -11.59 48.86 19.93
C PHE C 361 -13.03 48.36 20.09
N GLN C 362 -14.01 49.25 20.01
CA GLN C 362 -15.40 48.87 20.25
C GLN C 362 -15.96 47.87 19.24
N ALA C 363 -15.65 48.07 17.96
CA ALA C 363 -16.28 47.27 16.92
C ALA C 363 -15.93 45.79 17.05
N GLN C 364 -14.70 45.48 17.43
CA GLN C 364 -14.28 44.09 17.44
C GLN C 364 -14.14 43.52 18.86
N LYS C 365 -14.76 44.19 19.83
CA LYS C 365 -14.70 43.71 21.20
C LYS C 365 -15.39 42.35 21.35
N TYR C 366 -15.11 41.68 22.46
CA TYR C 366 -15.57 40.32 22.69
C TYR C 366 -17.09 40.22 22.79
N GLY C 367 -17.61 39.00 22.67
CA GLY C 367 -19.03 38.75 22.70
C GLY C 367 -19.64 38.91 24.08
N CYS C 368 -18.79 39.04 25.09
CA CYS C 368 -19.24 39.31 26.46
C CYS C 368 -18.07 39.87 27.25
N LEU C 369 -18.36 40.53 28.37
CA LEU C 369 -17.28 40.99 29.20
C LEU C 369 -17.01 39.98 30.31
N MET C 370 -18.01 39.12 30.58
CA MET C 370 -17.92 38.03 31.56
C MET C 370 -18.85 36.88 31.23
N HIS C 371 -18.49 35.67 31.68
CA HIS C 371 -19.39 34.53 31.60
C HIS C 371 -19.06 33.53 32.70
N GLY C 372 -20.04 32.72 33.11
CA GLY C 372 -19.80 31.72 34.13
C GLY C 372 -18.95 30.56 33.62
N VAL C 373 -18.41 29.79 34.54
CA VAL C 373 -17.57 28.66 34.16
C VAL C 373 -17.64 27.60 35.25
N GLY C 374 -17.62 26.34 34.85
CA GLY C 374 -17.67 25.25 35.80
C GLY C 374 -17.09 24.00 35.15
N LEU C 375 -17.96 23.20 34.55
CA LEU C 375 -17.56 22.02 33.77
C LEU C 375 -17.25 22.41 32.33
N CYS C 376 -17.63 23.64 31.99
CA CYS C 376 -17.41 24.25 30.68
C CYS C 376 -17.95 25.66 30.84
N ASP C 377 -18.00 26.45 29.77
CA ASP C 377 -18.66 27.75 29.86
C ASP C 377 -20.10 27.58 30.28
N GLU C 378 -20.53 28.41 31.22
CA GLU C 378 -21.82 28.29 31.85
C GLU C 378 -22.47 29.67 32.05
N TRP C 379 -23.78 29.66 32.26
CA TRP C 379 -24.54 30.81 32.70
C TRP C 379 -23.88 31.43 33.95
N PRO C 380 -23.89 32.76 34.08
CA PRO C 380 -24.53 33.72 33.18
C PRO C 380 -23.59 34.24 32.09
N LEU C 381 -24.19 34.92 31.12
CA LEU C 381 -23.42 35.63 30.11
C LEU C 381 -23.63 37.10 30.38
N VAL C 382 -22.54 37.84 30.55
CA VAL C 382 -22.64 39.27 30.83
C VAL C 382 -22.28 40.07 29.60
N ALA C 383 -23.31 40.53 28.88
CA ALA C 383 -23.11 41.22 27.62
C ALA C 383 -22.65 42.66 27.79
N TYR C 384 -21.96 43.19 26.77
CA TYR C 384 -21.67 44.61 26.72
C TYR C 384 -22.98 45.38 26.51
N PRO C 385 -23.03 46.63 26.98
CA PRO C 385 -24.25 47.45 26.87
C PRO C 385 -24.92 47.42 25.50
N ASP C 386 -24.14 47.44 24.43
CA ASP C 386 -24.73 47.51 23.08
C ASP C 386 -25.30 46.19 22.59
N LYS C 387 -25.05 45.10 23.31
CA LYS C 387 -25.63 43.80 22.95
C LYS C 387 -26.60 43.26 24.00
N ALA C 388 -26.57 43.86 25.20
CA ALA C 388 -27.35 43.36 26.33
C ALA C 388 -28.84 43.42 26.07
N VAL C 389 -29.54 42.37 26.48
CA VAL C 389 -30.98 42.26 26.28
C VAL C 389 -31.71 42.38 27.61
N PRO C 390 -32.60 43.39 27.75
CA PRO C 390 -33.36 43.55 29.00
C PRO C 390 -34.17 42.31 29.35
N GLY C 391 -34.14 41.92 30.63
CA GLY C 391 -34.91 40.78 31.09
C GLY C 391 -34.32 39.43 30.76
N SER C 392 -33.04 39.40 30.40
CA SER C 392 -32.41 38.13 30.03
C SER C 392 -31.65 37.48 31.20
N TYR C 393 -30.98 38.28 32.02
CA TYR C 393 -30.23 37.76 33.17
C TYR C 393 -30.43 38.63 34.41
N ASP C 394 -31.69 38.80 34.81
CA ASP C 394 -32.00 39.70 35.95
C ASP C 394 -31.79 38.99 37.27
N TYR C 395 -30.53 38.83 37.64
CA TYR C 395 -30.17 38.03 38.81
C TYR C 395 -28.91 38.59 39.45
N PRO C 396 -28.79 38.45 40.78
CA PRO C 396 -27.61 38.90 41.52
C PRO C 396 -26.50 37.86 41.54
N LEU C 397 -25.25 38.30 41.60
CA LEU C 397 -24.14 37.41 41.89
C LEU C 397 -24.27 36.82 43.27
N GLU C 398 -23.79 35.60 43.45
CA GLU C 398 -23.77 34.93 44.75
C GLU C 398 -22.41 34.32 45.03
N PRO C 399 -22.05 34.17 46.31
CA PRO C 399 -20.82 33.49 46.67
C PRO C 399 -20.79 32.10 46.06
N GLY C 400 -19.65 31.70 45.49
CA GLY C 400 -19.55 30.36 44.92
C GLY C 400 -19.70 30.35 43.41
N MET C 401 -20.18 31.45 42.83
CA MET C 401 -20.17 31.60 41.39
C MET C 401 -18.73 31.80 40.92
N VAL C 402 -18.43 31.34 39.71
CA VAL C 402 -17.15 31.62 39.09
C VAL C 402 -17.38 32.24 37.72
N LEU C 403 -16.71 33.37 37.49
CA LEU C 403 -16.86 34.14 36.26
C LEU C 403 -15.51 34.36 35.61
N CYS C 404 -15.42 34.10 34.31
CA CYS C 404 -14.27 34.52 33.54
C CYS C 404 -14.47 35.95 33.10
N VAL C 405 -13.39 36.73 33.14
CA VAL C 405 -13.46 38.14 32.83
C VAL C 405 -12.63 38.37 31.59
N GLU C 406 -13.24 38.91 30.55
CA GLU C 406 -12.68 38.87 29.20
C GLU C 406 -12.25 40.21 28.64
N ALA C 407 -11.22 40.17 27.78
CA ALA C 407 -10.84 41.34 27.00
C ALA C 407 -10.32 40.94 25.62
N ALA C 408 -11.01 41.36 24.57
CA ALA C 408 -10.46 41.28 23.22
C ALA C 408 -10.26 42.70 22.72
N VAL C 409 -9.02 43.07 22.38
CA VAL C 409 -8.71 44.45 22.00
C VAL C 409 -7.97 44.50 20.65
N GLY C 410 -8.62 45.04 19.63
CA GLY C 410 -8.04 45.14 18.30
C GLY C 410 -8.81 46.09 17.41
N GLU C 411 -8.09 46.69 16.45
CA GLU C 411 -8.70 47.65 15.54
C GLU C 411 -9.21 46.97 14.29
N VAL C 412 -10.27 47.54 13.71
CA VAL C 412 -10.77 47.08 12.42
C VAL C 412 -9.68 47.26 11.38
N GLY C 413 -9.34 46.18 10.69
CA GLY C 413 -8.28 46.22 9.69
C GLY C 413 -6.89 46.12 10.27
N GLY C 414 -6.79 45.88 11.58
CA GLY C 414 -5.51 45.84 12.26
C GLY C 414 -4.74 44.56 12.00
N ASP C 415 -3.45 44.55 12.35
CA ASP C 415 -2.63 43.37 12.09
C ASP C 415 -2.35 42.55 13.35
N PHE C 416 -3.02 42.89 14.44
CA PHE C 416 -2.90 42.15 15.69
C PHE C 416 -4.09 42.44 16.61
N SER C 417 -4.39 41.50 17.51
CA SER C 417 -5.34 41.72 18.60
C SER C 417 -4.72 41.25 19.89
N ILE C 418 -5.22 41.76 21.02
CA ILE C 418 -4.87 41.22 22.32
C ILE C 418 -6.05 40.43 22.87
N LYS C 419 -5.79 39.25 23.42
CA LYS C 419 -6.82 38.53 24.16
C LYS C 419 -6.27 38.21 25.53
N LEU C 420 -6.97 38.70 26.55
CA LEU C 420 -6.65 38.42 27.93
C LEU C 420 -7.91 37.96 28.64
N GLU C 421 -7.74 37.07 29.60
CA GLU C 421 -8.88 36.53 30.32
C GLU C 421 -8.45 35.82 31.60
N ASP C 422 -9.11 36.15 32.71
CA ASP C 422 -8.87 35.56 34.03
C ASP C 422 -10.14 34.89 34.58
N GLN C 423 -9.95 33.87 35.42
CA GLN C 423 -11.03 33.10 36.04
C GLN C 423 -11.22 33.50 37.52
N VAL C 424 -12.40 34.00 37.87
CA VAL C 424 -12.59 34.68 39.16
C VAL C 424 -13.73 34.11 40.00
N LEU C 425 -13.41 33.73 41.23
CA LEU C 425 -14.39 33.23 42.19
C LEU C 425 -15.09 34.38 42.93
N ILE C 426 -16.40 34.29 43.06
CA ILE C 426 -17.15 35.21 43.92
C ILE C 426 -17.11 34.67 45.35
N THR C 427 -16.69 35.52 46.30
CA THR C 427 -16.52 35.10 47.68
C THR C 427 -17.61 35.71 48.55
N GLU C 428 -17.58 35.44 49.85
CA GLU C 428 -18.57 36.05 50.76
C GLU C 428 -18.53 37.57 50.72
N ASP C 429 -17.33 38.13 50.61
CA ASP C 429 -17.14 39.58 50.71
C ASP C 429 -16.90 40.29 49.38
N GLY C 430 -16.46 39.54 48.36
CA GLY C 430 -16.05 40.18 47.12
C GLY C 430 -15.64 39.13 46.10
N TYR C 431 -14.40 39.17 45.64
CA TYR C 431 -13.94 38.19 44.66
C TYR C 431 -12.54 37.68 44.95
N GLU C 432 -12.19 36.57 44.33
CA GLU C 432 -10.83 36.06 44.33
C GLU C 432 -10.44 35.64 42.93
N ASN C 433 -9.47 36.34 42.33
CA ASN C 433 -8.92 35.93 41.04
C ASN C 433 -8.16 34.63 41.21
N LEU C 434 -8.65 33.56 40.58
CA LEU C 434 -8.01 32.25 40.69
C LEU C 434 -6.76 32.14 39.81
N THR C 435 -6.70 33.00 38.80
CA THR C 435 -5.69 32.90 37.75
C THR C 435 -4.40 33.60 38.15
N THR C 436 -3.28 32.89 38.13
CA THR C 436 -2.01 33.50 38.52
C THR C 436 -1.00 33.59 37.36
N TYR C 437 -1.41 33.18 36.17
CA TYR C 437 -0.49 33.20 35.05
C TYR C 437 -0.01 34.63 34.76
N PRO C 438 1.31 34.79 34.60
CA PRO C 438 1.92 36.09 34.29
C PRO C 438 1.34 36.75 33.04
N PHE C 439 1.42 38.08 33.01
CA PHE C 439 1.15 38.82 31.79
C PHE C 439 2.47 39.18 31.14
N ASP C 440 2.55 39.03 29.82
CA ASP C 440 3.77 39.30 29.06
C ASP C 440 4.37 40.65 29.44
N ALA C 441 5.54 40.62 30.05
CA ALA C 441 6.20 41.84 30.54
C ALA C 441 6.45 42.87 29.44
N ALA C 442 6.89 42.42 28.26
CA ALA C 442 7.21 43.37 27.21
C ALA C 442 5.95 44.05 26.67
N LEU C 443 4.86 43.31 26.58
CA LEU C 443 3.61 43.88 26.09
C LEU C 443 3.00 44.80 27.14
N MET C 444 3.29 44.53 28.40
CA MET C 444 2.80 45.37 29.49
C MET C 444 3.67 46.64 29.61
N GLY C 445 4.68 46.75 28.74
CA GLY C 445 5.54 47.93 28.70
C GLY C 445 6.62 47.95 29.77
N LEU C 446 6.91 46.79 30.33
CA LEU C 446 7.91 46.62 31.39
C LEU C 446 9.21 46.05 30.85
N ALA C 447 10.34 46.54 31.34
CA ALA C 447 11.65 46.01 30.95
C ALA C 447 11.91 44.68 31.65
N ARG D 9 -9.34 -39.01 -19.24
CA ARG D 9 -10.04 -37.95 -19.91
C ARG D 9 -9.20 -37.45 -21.05
N LYS D 10 -9.69 -37.70 -22.23
CA LYS D 10 -8.97 -37.35 -23.44
C LYS D 10 -8.89 -35.84 -23.62
N ILE D 11 -7.78 -35.35 -24.14
CA ILE D 11 -7.72 -33.95 -24.50
C ILE D 11 -8.33 -33.75 -25.90
N ASP D 12 -8.28 -34.79 -26.73
CA ASP D 12 -8.85 -34.76 -28.07
C ASP D 12 -9.85 -35.89 -28.20
N PRO D 13 -11.14 -35.56 -28.09
CA PRO D 13 -12.23 -36.56 -28.09
C PRO D 13 -12.33 -37.30 -29.41
N SER D 14 -11.85 -36.68 -30.50
CA SER D 14 -11.96 -37.26 -31.83
C SER D 14 -10.95 -38.36 -32.09
N ARG D 15 -10.01 -38.57 -31.18
CA ARG D 15 -8.98 -39.58 -31.37
C ARG D 15 -9.07 -40.67 -30.33
N GLY D 16 -8.26 -41.72 -30.51
CA GLY D 16 -8.23 -42.85 -29.60
C GLY D 16 -7.21 -42.64 -28.50
N ALA D 17 -6.39 -43.65 -28.23
CA ALA D 17 -5.49 -43.61 -27.08
C ALA D 17 -4.31 -42.64 -27.26
N THR D 18 -3.97 -42.33 -28.52
CA THR D 18 -2.85 -41.44 -28.77
C THR D 18 -3.22 -40.26 -29.63
N LEU D 19 -2.45 -39.18 -29.52
CA LEU D 19 -2.57 -38.05 -30.41
C LEU D 19 -1.79 -38.37 -31.67
N GLY D 20 -1.86 -37.48 -32.66
CA GLY D 20 -1.29 -37.73 -33.97
C GLY D 20 0.22 -37.85 -33.98
N ASP D 21 0.87 -37.40 -32.91
CA ASP D 21 2.31 -37.55 -32.80
C ASP D 21 2.71 -38.73 -31.92
N GLY D 22 1.73 -39.55 -31.54
CA GLY D 22 2.01 -40.76 -30.80
C GLY D 22 1.95 -40.60 -29.29
N THR D 23 1.87 -39.35 -28.81
CA THR D 23 1.84 -39.10 -27.36
C THR D 23 0.47 -39.44 -26.78
N PRO D 24 0.36 -39.61 -25.45
CA PRO D 24 -0.93 -40.04 -24.90
C PRO D 24 -2.04 -39.01 -25.03
N ASN D 25 -3.23 -39.48 -25.37
CA ASN D 25 -4.41 -38.62 -25.48
C ASN D 25 -4.99 -38.49 -24.09
N ASP D 26 -4.40 -37.61 -23.28
CA ASP D 26 -4.69 -37.54 -21.86
C ASP D 26 -4.54 -36.10 -21.41
N ASN D 27 -5.67 -35.48 -21.08
CA ASN D 27 -5.71 -34.10 -20.64
C ASN D 27 -4.90 -33.84 -19.37
N ASP D 28 -4.73 -34.86 -18.53
CA ASP D 28 -4.09 -34.70 -17.24
C ASP D 28 -2.63 -35.15 -17.21
N ARG D 29 -2.06 -35.45 -18.38
CA ARG D 29 -0.70 -35.97 -18.45
C ARG D 29 0.36 -34.93 -18.04
N ILE D 30 1.54 -35.42 -17.65
CA ILE D 30 2.64 -34.54 -17.27
C ILE D 30 3.22 -33.83 -18.48
N GLU D 31 3.44 -34.59 -19.55
CA GLU D 31 4.10 -34.08 -20.76
C GLU D 31 3.32 -32.93 -21.39
N ILE D 32 4.02 -31.85 -21.76
CA ILE D 32 3.36 -30.76 -22.47
C ILE D 32 3.58 -30.94 -23.96
N GLY D 33 3.48 -29.87 -24.74
CA GLY D 33 3.58 -29.97 -26.18
C GLY D 33 2.60 -29.03 -26.85
N PRO D 34 2.39 -29.19 -28.17
CA PRO D 34 1.50 -28.31 -28.92
C PRO D 34 0.08 -28.35 -28.37
N THR D 35 -0.60 -27.22 -28.47
CA THR D 35 -1.96 -27.10 -27.99
C THR D 35 -2.94 -27.65 -29.02
N GLN D 36 -4.19 -27.81 -28.59
CA GLN D 36 -5.25 -28.25 -29.48
C GLN D 36 -5.46 -27.22 -30.59
N LEU D 37 -5.25 -25.95 -30.27
CA LEU D 37 -5.23 -24.90 -31.29
C LEU D 37 -4.21 -25.18 -32.40
N ALA D 38 -2.96 -25.44 -32.02
CA ALA D 38 -1.91 -25.75 -32.98
C ALA D 38 -2.25 -27.00 -33.83
N PHE D 39 -2.61 -28.10 -33.17
CA PHE D 39 -2.92 -29.32 -33.91
C PHE D 39 -4.06 -29.09 -34.90
N SER D 40 -5.03 -28.28 -34.49
CA SER D 40 -6.16 -27.96 -35.35
C SER D 40 -5.69 -27.25 -36.60
N GLU D 41 -4.84 -26.26 -36.41
CA GLU D 41 -4.32 -25.50 -37.56
C GLU D 41 -3.45 -26.37 -38.49
N TRP D 42 -2.67 -27.27 -37.91
CA TRP D 42 -1.78 -28.11 -38.69
C TRP D 42 -2.58 -29.12 -39.51
N ALA D 43 -3.66 -29.63 -38.91
CA ALA D 43 -4.55 -30.54 -39.63
C ALA D 43 -5.19 -29.84 -40.81
N ALA D 44 -5.71 -28.63 -40.58
CA ALA D 44 -6.30 -27.83 -41.65
C ALA D 44 -5.28 -27.52 -42.74
N ALA D 45 -4.02 -27.36 -42.36
CA ALA D 45 -2.95 -27.04 -43.32
C ALA D 45 -2.45 -28.26 -44.08
N GLY D 46 -2.79 -29.45 -43.61
CA GLY D 46 -2.40 -30.68 -44.26
C GLY D 46 -1.02 -31.19 -43.89
N LEU D 47 -0.53 -30.80 -42.71
CA LEU D 47 0.82 -31.17 -42.26
C LEU D 47 0.86 -32.53 -41.54
N GLN D 48 1.78 -33.38 -41.98
CA GLN D 48 2.12 -34.61 -41.29
C GLN D 48 2.80 -34.33 -39.96
N LEU D 49 2.30 -34.93 -38.89
CA LEU D 49 2.88 -34.74 -37.54
C LEU D 49 4.11 -35.62 -37.35
N PRO D 50 5.10 -35.12 -36.58
CA PRO D 50 6.24 -36.00 -36.25
C PRO D 50 5.80 -37.12 -35.34
N ASN D 51 6.48 -38.26 -35.34
CA ASN D 51 6.28 -39.24 -34.29
C ASN D 51 7.35 -39.05 -33.23
N LEU D 52 6.94 -38.59 -32.04
CA LEU D 52 7.92 -38.14 -31.05
C LEU D 52 8.82 -39.26 -30.58
N ASP D 53 8.28 -40.46 -30.38
CA ASP D 53 9.11 -41.59 -29.96
C ASP D 53 10.22 -41.86 -30.99
N ARG D 54 9.88 -41.88 -32.28
CA ARG D 54 10.90 -42.13 -33.30
C ARG D 54 11.91 -40.97 -33.37
N MET D 55 11.40 -39.76 -33.21
CA MET D 55 12.26 -38.58 -33.17
C MET D 55 13.28 -38.66 -32.03
N ARG D 56 12.80 -39.02 -30.85
CA ARG D 56 13.69 -39.09 -29.68
C ARG D 56 14.72 -40.21 -29.83
N GLU D 57 14.32 -41.31 -30.47
N GLU D 57 14.32 -41.31 -30.47
CA GLU D 57 15.22 -42.43 -30.72
CA GLU D 57 15.21 -42.42 -30.73
C GLU D 57 16.30 -42.03 -31.72
C GLU D 57 16.30 -42.03 -31.72
N TYR D 58 15.90 -41.30 -32.76
CA TYR D 58 16.83 -40.82 -33.79
C TYR D 58 17.96 -39.97 -33.22
N ARG D 59 17.58 -39.00 -32.39
CA ARG D 59 18.54 -38.09 -31.77
C ARG D 59 19.52 -38.83 -30.87
N TRP D 60 18.98 -39.69 -30.03
CA TRP D 60 19.78 -40.43 -29.05
C TRP D 60 20.77 -41.37 -29.75
N LYS D 61 20.30 -42.07 -30.78
CA LYS D 61 21.17 -42.94 -31.57
C LYS D 61 22.28 -42.16 -32.24
N ARG D 62 21.93 -41.03 -32.85
CA ARG D 62 22.89 -40.20 -33.55
C ARG D 62 23.91 -39.62 -32.59
N LEU D 63 23.45 -39.10 -31.44
CA LEU D 63 24.37 -38.56 -30.45
C LEU D 63 25.31 -39.63 -29.87
N THR D 64 24.78 -40.81 -29.57
CA THR D 64 25.61 -41.92 -29.10
C THR D 64 26.67 -42.27 -30.16
N GLN D 65 26.26 -42.34 -31.42
CA GLN D 65 27.18 -42.65 -32.50
C GLN D 65 28.27 -41.59 -32.61
N ALA D 66 27.92 -40.33 -32.31
CA ALA D 66 28.88 -39.23 -32.38
C ALA D 66 30.01 -39.42 -31.37
N ILE D 67 29.63 -39.89 -30.20
CA ILE D 67 30.58 -40.20 -29.13
C ILE D 67 31.50 -41.36 -29.56
N VAL D 68 30.88 -42.43 -30.03
CA VAL D 68 31.60 -43.62 -30.50
C VAL D 68 32.58 -43.26 -31.61
N ASP D 69 32.11 -42.50 -32.61
CA ASP D 69 32.93 -42.09 -33.75
C ASP D 69 34.20 -41.35 -33.35
N ARG D 70 34.11 -40.63 -32.23
CA ARG D 70 35.23 -39.81 -31.78
C ARG D 70 36.17 -40.57 -30.87
N GLY D 71 35.79 -41.78 -30.48
CA GLY D 71 36.58 -42.54 -29.52
C GLY D 71 36.46 -41.98 -28.11
N TYR D 72 35.35 -41.31 -27.81
CA TYR D 72 35.12 -40.81 -26.45
C TYR D 72 34.32 -41.83 -25.66
N GLY D 73 34.33 -41.71 -24.34
CA GLY D 73 33.54 -42.59 -23.51
C GLY D 73 32.17 -42.04 -23.20
N GLY D 74 32.03 -40.72 -23.30
CA GLY D 74 30.77 -40.11 -22.93
C GLY D 74 30.71 -38.65 -23.28
N LEU D 75 29.52 -38.10 -23.08
CA LEU D 75 29.22 -36.71 -23.34
C LEU D 75 28.37 -36.21 -22.19
N LEU D 76 28.84 -35.16 -21.53
CA LEU D 76 28.14 -34.59 -20.38
C LEU D 76 27.62 -33.20 -20.74
N MET D 77 26.32 -33.01 -20.64
CA MET D 77 25.69 -31.77 -21.08
C MET D 77 25.01 -30.99 -19.96
N PHE D 78 25.34 -29.70 -19.86
CA PHE D 78 24.68 -28.76 -18.93
C PHE D 78 23.90 -27.68 -19.70
N ASP D 79 24.09 -27.60 -21.02
CA ASP D 79 23.33 -26.63 -21.82
C ASP D 79 21.92 -27.20 -21.97
N PRO D 80 20.89 -26.45 -21.52
CA PRO D 80 19.51 -26.96 -21.60
C PRO D 80 19.05 -27.27 -23.02
N LEU D 81 19.70 -26.67 -24.02
CA LEU D 81 19.35 -26.92 -25.41
C LEU D 81 19.94 -28.27 -25.83
N ASN D 82 21.11 -28.62 -25.30
CA ASN D 82 21.67 -29.96 -25.56
C ASN D 82 20.91 -31.01 -24.78
N ILE D 83 20.53 -30.67 -23.55
CA ILE D 83 19.71 -31.57 -22.74
C ILE D 83 18.38 -31.84 -23.45
N ARG D 84 17.81 -30.79 -24.04
CA ARG D 84 16.56 -30.93 -24.76
C ARG D 84 16.80 -31.86 -25.95
N TYR D 85 17.93 -31.68 -26.62
CA TYR D 85 18.20 -32.54 -27.78
C TYR D 85 18.34 -34.01 -27.37
N ALA D 86 19.06 -34.26 -26.27
CA ALA D 86 19.36 -35.64 -25.90
C ALA D 86 18.14 -36.38 -25.33
N THR D 87 17.28 -35.65 -24.63
CA THR D 87 16.19 -36.24 -23.84
C THR D 87 14.79 -35.79 -24.25
N ASP D 88 14.71 -34.65 -24.96
CA ASP D 88 13.44 -33.96 -25.26
C ASP D 88 12.68 -33.54 -23.99
N SER D 89 13.37 -33.48 -22.87
CA SER D 89 12.74 -33.11 -21.60
C SER D 89 13.09 -31.67 -21.22
N THR D 90 12.06 -30.88 -20.92
CA THR D 90 12.23 -29.50 -20.49
C THR D 90 12.02 -29.40 -19.00
N ASN D 91 12.71 -28.44 -18.40
CA ASN D 91 12.47 -28.09 -17.02
C ASN D 91 12.98 -26.69 -16.78
N MET D 92 12.05 -25.73 -16.76
CA MET D 92 12.40 -24.32 -16.52
C MET D 92 13.55 -23.91 -17.43
N GLN D 93 13.39 -24.16 -18.73
CA GLN D 93 14.46 -23.96 -19.68
C GLN D 93 15.17 -22.63 -19.54
N LEU D 94 14.41 -21.54 -19.48
CA LEU D 94 15.05 -20.23 -19.42
C LEU D 94 15.82 -20.04 -18.12
N TRP D 95 15.27 -20.51 -17.00
CA TRP D 95 16.01 -20.43 -15.74
C TRP D 95 17.30 -21.27 -15.86
N ASN D 96 17.16 -22.44 -16.48
CA ASN D 96 18.27 -23.37 -16.65
C ASN D 96 19.42 -22.80 -17.49
N THR D 97 19.09 -21.91 -18.43
CA THR D 97 20.11 -21.37 -19.32
C THR D 97 21.19 -20.60 -18.57
N HIS D 98 20.81 -19.97 -17.45
CA HIS D 98 21.81 -19.25 -16.67
C HIS D 98 21.90 -19.78 -15.23
N ASN D 99 21.21 -20.89 -14.96
CA ASN D 99 21.36 -21.59 -13.67
C ASN D 99 21.59 -23.07 -13.93
N PRO D 100 22.86 -23.50 -13.93
CA PRO D 100 23.14 -24.87 -14.39
C PRO D 100 22.81 -25.92 -13.33
N PHE D 101 21.52 -26.20 -13.13
CA PHE D 101 21.10 -27.16 -12.11
C PHE D 101 20.95 -28.57 -12.66
N ARG D 102 21.00 -28.68 -13.98
CA ARG D 102 20.65 -29.91 -14.68
C ARG D 102 21.84 -30.50 -15.42
N ALA D 103 21.89 -31.82 -15.52
CA ALA D 103 22.92 -32.43 -16.36
C ALA D 103 22.46 -33.73 -16.97
N VAL D 104 22.94 -34.01 -18.17
CA VAL D 104 22.72 -35.30 -18.81
C VAL D 104 24.06 -35.91 -19.21
N LEU D 105 24.27 -37.14 -18.78
CA LEU D 105 25.41 -37.94 -19.22
C LEU D 105 24.93 -39.00 -20.22
N LEU D 106 25.53 -39.02 -21.40
CA LEU D 106 25.30 -40.09 -22.36
C LEU D 106 26.61 -40.84 -22.57
N CYS D 107 26.59 -42.14 -22.31
CA CYS D 107 27.80 -42.97 -22.39
C CYS D 107 27.92 -43.61 -23.77
N ALA D 108 29.10 -44.17 -24.07
CA ALA D 108 29.34 -44.75 -25.40
C ALA D 108 28.47 -45.97 -25.69
N ASP D 109 27.96 -46.63 -24.67
CA ASP D 109 27.03 -47.75 -24.89
C ASP D 109 25.57 -47.28 -25.01
N GLY D 110 25.35 -45.97 -25.07
CA GLY D 110 23.99 -45.45 -25.16
C GLY D 110 23.31 -45.19 -23.81
N TYR D 111 23.94 -45.60 -22.71
CA TYR D 111 23.33 -45.45 -21.39
C TYR D 111 23.22 -43.97 -21.04
N MET D 112 22.03 -43.55 -20.61
CA MET D 112 21.77 -42.11 -20.41
C MET D 112 21.13 -41.83 -19.05
N VAL D 113 21.73 -40.88 -18.35
CA VAL D 113 21.31 -40.49 -17.00
C VAL D 113 21.05 -39.00 -16.97
N ILE D 114 19.97 -38.59 -16.31
CA ILE D 114 19.79 -37.16 -16.07
C ILE D 114 19.88 -36.86 -14.57
N TRP D 115 20.58 -35.78 -14.25
CA TRP D 115 20.52 -35.17 -12.92
C TRP D 115 19.59 -34.00 -13.03
N ASP D 116 18.43 -34.10 -12.39
CA ASP D 116 17.41 -33.08 -12.56
C ASP D 116 17.23 -32.31 -11.26
N TYR D 117 16.41 -31.28 -11.35
CA TYR D 117 15.97 -30.55 -10.18
C TYR D 117 15.49 -31.57 -9.15
N LYS D 118 15.97 -31.44 -7.93
CA LYS D 118 15.69 -32.40 -6.87
C LYS D 118 14.18 -32.65 -6.70
N ASN D 119 13.38 -31.59 -6.82
CA ASN D 119 11.93 -31.69 -6.66
C ASN D 119 11.19 -32.26 -7.89
N SER D 120 11.89 -32.55 -8.99
CA SER D 120 11.16 -32.92 -10.21
C SER D 120 11.74 -34.07 -11.05
N PRO D 121 11.96 -35.23 -10.43
CA PRO D 121 12.50 -36.34 -11.23
C PRO D 121 11.53 -36.84 -12.29
N PHE D 122 10.24 -36.53 -12.16
CA PHE D 122 9.23 -37.05 -13.07
C PHE D 122 9.22 -36.39 -14.45
N LEU D 123 9.92 -35.27 -14.62
CA LEU D 123 9.80 -34.51 -15.85
C LEU D 123 10.41 -35.18 -17.08
N SER D 124 11.26 -36.20 -16.87
CA SER D 124 11.88 -36.87 -18.02
C SER D 124 11.42 -38.32 -18.13
N LYS D 125 10.50 -38.72 -17.25
CA LYS D 125 10.08 -40.12 -17.19
C LYS D 125 9.35 -40.61 -18.44
N PHE D 126 8.80 -39.69 -19.23
CA PHE D 126 8.12 -40.07 -20.47
C PHE D 126 9.08 -40.61 -21.53
N ASN D 127 10.37 -40.29 -21.40
CA ASN D 127 11.38 -40.80 -22.32
C ASN D 127 12.15 -41.96 -21.68
N PRO D 128 11.86 -43.20 -22.09
CA PRO D 128 12.47 -44.40 -21.50
C PRO D 128 13.96 -44.51 -21.80
N LEU D 129 14.44 -43.73 -22.74
CA LEU D 129 15.87 -43.71 -23.08
C LEU D 129 16.69 -43.08 -21.96
N VAL D 130 16.04 -42.25 -21.16
CA VAL D 130 16.64 -41.74 -19.94
C VAL D 130 16.51 -42.83 -18.88
N ARG D 131 17.62 -43.44 -18.52
CA ARG D 131 17.57 -44.67 -17.72
C ARG D 131 17.47 -44.39 -16.23
N GLU D 132 17.97 -43.23 -15.81
CA GLU D 132 17.93 -42.83 -14.40
C GLU D 132 17.65 -41.36 -14.24
N GLN D 133 16.94 -41.01 -13.17
CA GLN D 133 16.71 -39.64 -12.77
C GLN D 133 17.37 -39.41 -11.41
N ARG D 134 18.43 -38.61 -11.39
CA ARG D 134 19.15 -38.33 -10.16
C ARG D 134 19.03 -36.86 -9.83
N SER D 135 19.76 -36.42 -8.81
CA SER D 135 19.89 -35.00 -8.52
C SER D 135 21.30 -34.70 -8.04
N GLY D 136 21.63 -33.43 -7.89
CA GLY D 136 22.89 -33.03 -7.27
C GLY D 136 23.95 -32.60 -8.26
N ALA D 137 23.54 -32.15 -9.45
CA ALA D 137 24.49 -31.65 -10.43
C ALA D 137 24.53 -30.13 -10.44
N ASP D 138 23.83 -29.52 -9.48
CA ASP D 138 23.72 -28.06 -9.43
C ASP D 138 24.91 -27.45 -8.71
N LEU D 139 25.90 -27.01 -9.48
CA LEU D 139 27.19 -26.61 -8.91
C LEU D 139 27.42 -25.12 -9.08
N PHE D 140 26.56 -24.30 -8.50
CA PHE D 140 26.72 -22.86 -8.61
C PHE D 140 26.35 -22.20 -7.29
N TYR D 141 26.80 -20.95 -7.13
CA TYR D 141 26.81 -20.31 -5.81
C TYR D 141 25.42 -20.04 -5.22
N PHE D 142 24.47 -19.59 -6.04
CA PHE D 142 23.11 -19.43 -5.55
C PHE D 142 22.59 -20.73 -4.90
N ASP D 143 22.75 -21.86 -5.58
CA ASP D 143 22.18 -23.11 -5.09
C ASP D 143 22.94 -23.74 -3.93
N ARG D 144 24.23 -23.50 -3.79
CA ARG D 144 25.00 -24.23 -2.77
C ARG D 144 25.93 -23.39 -1.93
N GLY D 145 26.03 -22.09 -2.23
CA GLY D 145 26.83 -21.18 -1.42
C GLY D 145 28.27 -21.63 -1.33
N ASP D 146 28.83 -21.61 -0.12
CA ASP D 146 30.24 -21.95 0.07
C ASP D 146 30.50 -23.45 0.08
N LYS D 147 29.48 -24.25 -0.22
CA LYS D 147 29.66 -25.69 -0.24
C LYS D 147 29.43 -26.31 -1.64
N VAL D 148 29.69 -25.52 -2.68
CA VAL D 148 29.68 -26.07 -4.03
C VAL D 148 30.71 -27.19 -4.18
N ASP D 149 31.93 -26.96 -3.67
CA ASP D 149 33.02 -27.92 -3.89
C ASP D 149 32.71 -29.32 -3.40
N VAL D 150 32.11 -29.45 -2.22
CA VAL D 150 31.79 -30.76 -1.67
C VAL D 150 30.86 -31.55 -2.60
N GLN D 151 29.83 -30.88 -3.11
CA GLN D 151 28.89 -31.56 -4.00
C GLN D 151 29.54 -31.81 -5.37
N ALA D 152 30.42 -30.93 -5.81
CA ALA D 152 31.09 -31.13 -7.10
C ALA D 152 31.85 -32.45 -7.08
N ASP D 153 32.45 -32.78 -5.95
CA ASP D 153 33.12 -34.08 -5.79
C ASP D 153 32.14 -35.24 -5.70
N VAL D 154 31.01 -35.06 -5.02
CA VAL D 154 30.00 -36.11 -5.03
C VAL D 154 29.57 -36.41 -6.47
N PHE D 155 29.27 -35.35 -7.23
CA PHE D 155 28.81 -35.48 -8.60
C PHE D 155 29.86 -36.13 -9.51
N ALA D 156 31.11 -35.64 -9.43
CA ALA D 156 32.19 -36.18 -10.25
C ALA D 156 32.41 -37.67 -9.98
N ASN D 157 32.33 -38.08 -8.72
CA ASN D 157 32.46 -39.49 -8.39
C ASN D 157 31.33 -40.32 -8.97
N GLU D 158 30.11 -39.77 -8.99
CA GLU D 158 28.99 -40.46 -9.62
C GLU D 158 29.23 -40.64 -11.12
N VAL D 159 29.76 -39.60 -11.77
CA VAL D 159 30.09 -39.65 -13.18
C VAL D 159 31.19 -40.69 -13.44
N ARG D 160 32.20 -40.71 -12.58
CA ARG D 160 33.25 -41.73 -12.68
C ARG D 160 32.67 -43.15 -12.62
N VAL D 161 31.84 -43.43 -11.63
CA VAL D 161 31.30 -44.77 -11.48
C VAL D 161 30.43 -45.16 -12.67
N LEU D 162 29.63 -44.22 -13.16
CA LEU D 162 28.79 -44.48 -14.34
C LEU D 162 29.65 -44.80 -15.55
N MET D 163 30.69 -44.01 -15.74
CA MET D 163 31.60 -44.18 -16.87
C MET D 163 32.41 -45.48 -16.73
N GLN D 164 32.77 -45.84 -15.49
CA GLN D 164 33.43 -47.12 -15.25
C GLN D 164 32.54 -48.30 -15.67
N ASP D 165 31.24 -48.15 -15.45
CA ASP D 165 30.29 -49.23 -15.71
C ASP D 165 29.82 -49.25 -17.16
N HIS D 166 29.77 -48.09 -17.82
CA HIS D 166 29.14 -48.03 -19.12
C HIS D 166 30.05 -47.56 -20.24
N ALA D 167 31.26 -47.16 -19.89
CA ALA D 167 32.30 -46.88 -20.86
C ALA D 167 33.69 -47.25 -20.34
N PRO D 168 33.85 -48.48 -19.81
CA PRO D 168 35.13 -48.84 -19.18
C PRO D 168 36.32 -48.65 -20.10
N GLY D 169 37.40 -48.08 -19.58
CA GLY D 169 38.62 -47.89 -20.33
C GLY D 169 38.72 -46.53 -20.98
N HIS D 170 37.60 -45.82 -21.09
CA HIS D 170 37.60 -44.47 -21.66
C HIS D 170 37.94 -43.42 -20.61
N THR D 171 38.84 -42.51 -20.92
CA THR D 171 39.12 -41.37 -20.05
C THR D 171 38.63 -40.07 -20.67
N ARG D 172 38.31 -40.09 -21.96
CA ARG D 172 37.86 -38.89 -22.63
C ARG D 172 36.36 -38.68 -22.42
N LEU D 173 36.05 -37.58 -21.75
CA LEU D 173 34.67 -37.16 -21.50
C LEU D 173 34.44 -35.80 -22.16
N ALA D 174 33.58 -35.77 -23.17
CA ALA D 174 33.21 -34.49 -23.77
C ALA D 174 32.22 -33.78 -22.85
N VAL D 175 32.42 -32.48 -22.64
CA VAL D 175 31.55 -31.65 -21.80
C VAL D 175 31.19 -30.39 -22.59
N ASP D 176 29.91 -30.05 -22.68
CA ASP D 176 29.59 -28.85 -23.47
C ASP D 176 30.01 -27.58 -22.73
N LYS D 177 29.63 -27.47 -21.46
CA LYS D 177 29.96 -26.28 -20.66
C LYS D 177 29.70 -26.61 -19.20
N ILE D 178 30.65 -26.29 -18.34
CA ILE D 178 30.51 -26.67 -16.93
C ILE D 178 31.18 -25.61 -16.03
N MET D 179 30.61 -25.41 -14.85
CA MET D 179 31.23 -24.49 -13.88
C MET D 179 32.62 -24.99 -13.47
N LEU D 180 33.49 -24.06 -13.09
CA LEU D 180 34.86 -24.40 -12.79
C LEU D 180 34.98 -25.45 -11.67
N HIS D 181 34.17 -25.35 -10.61
CA HIS D 181 34.19 -26.37 -9.56
C HIS D 181 33.93 -27.77 -10.15
N GLY D 182 33.00 -27.86 -11.11
CA GLY D 182 32.70 -29.14 -11.73
C GLY D 182 33.84 -29.63 -12.60
N LEU D 183 34.45 -28.71 -13.34
CA LEU D 183 35.60 -29.04 -14.18
C LEU D 183 36.72 -29.63 -13.33
N ARG D 184 37.06 -28.94 -12.25
CA ARG D 184 38.14 -29.38 -11.38
C ARG D 184 37.83 -30.75 -10.79
N ALA D 185 36.59 -30.96 -10.36
CA ALA D 185 36.21 -32.25 -9.78
C ALA D 185 36.29 -33.40 -10.80
N LEU D 186 35.87 -33.15 -12.04
CA LEU D 186 35.93 -34.20 -13.07
C LEU D 186 37.38 -34.57 -13.40
N GLU D 187 38.22 -33.56 -13.59
CA GLU D 187 39.63 -33.81 -13.85
C GLU D 187 40.30 -34.54 -12.69
N ALA D 188 39.89 -34.24 -11.47
CA ALA D 188 40.43 -34.93 -10.31
C ALA D 188 40.03 -36.41 -10.29
N GLN D 189 38.96 -36.75 -11.02
CA GLN D 189 38.55 -38.16 -11.12
C GLN D 189 39.25 -38.87 -12.27
N GLY D 190 40.10 -38.15 -13.01
CA GLY D 190 40.90 -38.77 -14.05
C GLY D 190 40.42 -38.58 -15.49
N PHE D 191 39.40 -37.76 -15.68
CA PHE D 191 38.88 -37.54 -17.03
C PHE D 191 39.70 -36.51 -17.78
N GLU D 192 39.89 -36.75 -19.08
CA GLU D 192 40.36 -35.71 -19.98
C GLU D 192 39.13 -35.04 -20.59
N ILE D 193 38.96 -33.75 -20.35
CA ILE D 193 37.74 -33.07 -20.77
C ILE D 193 37.86 -32.62 -22.22
N MET D 194 36.95 -33.10 -23.07
CA MET D 194 36.97 -32.78 -24.49
C MET D 194 35.89 -31.75 -24.82
N GLU D 195 35.99 -31.11 -25.98
CA GLU D 195 35.03 -30.07 -26.36
C GLU D 195 33.67 -30.67 -26.71
N GLY D 196 32.71 -30.52 -25.80
CA GLY D 196 31.40 -31.10 -26.00
C GLY D 196 30.59 -30.48 -27.12
N GLU D 197 30.76 -29.17 -27.35
CA GLU D 197 29.98 -28.49 -28.39
C GLU D 197 30.36 -28.97 -29.80
N GLU D 198 31.60 -29.40 -29.98
CA GLU D 198 32.01 -29.94 -31.28
C GLU D 198 31.21 -31.20 -31.58
N VAL D 199 30.84 -31.93 -30.52
CA VAL D 199 30.03 -33.14 -30.64
C VAL D 199 28.56 -32.82 -30.87
N THR D 200 28.01 -31.96 -30.01
CA THR D 200 26.57 -31.68 -30.06
C THR D 200 26.19 -30.87 -31.29
N GLU D 201 26.99 -29.88 -31.67
CA GLU D 201 26.63 -29.04 -32.81
C GLU D 201 26.61 -29.89 -34.09
N LYS D 202 27.61 -30.74 -34.26
CA LYS D 202 27.70 -31.53 -35.49
C LYS D 202 26.63 -32.62 -35.52
N THR D 203 26.25 -33.13 -34.36
CA THR D 203 25.17 -34.10 -34.28
C THR D 203 23.82 -33.44 -34.63
N ARG D 204 23.54 -32.32 -33.99
CA ARG D 204 22.30 -31.60 -34.19
C ARG D 204 22.13 -31.04 -35.59
N ALA D 205 23.24 -30.86 -36.30
CA ALA D 205 23.20 -30.23 -37.62
C ALA D 205 22.42 -31.05 -38.64
N ILE D 206 22.31 -32.36 -38.43
CA ILE D 206 21.52 -33.18 -39.36
C ILE D 206 20.21 -33.61 -38.73
N LYS D 207 19.11 -33.10 -39.25
CA LYS D 207 17.79 -33.46 -38.76
C LYS D 207 17.28 -34.76 -39.36
N GLY D 208 16.69 -35.62 -38.53
CA GLY D 208 16.04 -36.81 -39.03
C GLY D 208 14.66 -36.48 -39.57
N PRO D 209 13.96 -37.49 -40.13
CA PRO D 209 12.64 -37.25 -40.73
C PRO D 209 11.65 -36.63 -39.73
N ASP D 210 11.57 -37.13 -38.51
CA ASP D 210 10.58 -36.60 -37.58
C ASP D 210 10.93 -35.18 -37.12
N GLU D 211 12.22 -34.90 -36.98
CA GLU D 211 12.63 -33.54 -36.68
C GLU D 211 12.19 -32.56 -37.76
N ILE D 212 12.28 -32.97 -39.03
CA ILE D 212 11.86 -32.11 -40.12
C ILE D 212 10.33 -31.89 -40.08
N LEU D 213 9.57 -32.95 -39.79
CA LEU D 213 8.11 -32.83 -39.61
C LEU D 213 7.80 -31.84 -38.46
N ALA D 214 8.50 -31.99 -37.35
CA ALA D 214 8.29 -31.07 -36.22
C ALA D 214 8.58 -29.63 -36.63
N MET D 215 9.64 -29.43 -37.40
CA MET D 215 10.00 -28.09 -37.83
C MET D 215 8.97 -27.47 -38.80
N ARG D 216 8.42 -28.29 -39.70
CA ARG D 216 7.39 -27.79 -40.59
C ARG D 216 6.19 -27.30 -39.79
N CYS D 217 5.79 -28.08 -38.81
CA CYS D 217 4.72 -27.68 -37.90
C CYS D 217 5.05 -26.39 -37.15
N ALA D 218 6.23 -26.34 -36.54
CA ALA D 218 6.64 -25.14 -35.80
C ALA D 218 6.66 -23.94 -36.74
N SER D 219 7.16 -24.13 -37.96
CA SER D 219 7.22 -23.03 -38.90
C SER D 219 5.81 -22.49 -39.21
N HIS D 220 4.85 -23.40 -39.36
CA HIS D 220 3.48 -23.01 -39.67
C HIS D 220 2.87 -22.23 -38.50
N ALA D 221 3.09 -22.71 -37.28
CA ALA D 221 2.59 -22.01 -36.08
C ALA D 221 3.24 -20.63 -35.93
N CYS D 222 4.54 -20.54 -36.17
CA CYS D 222 5.22 -19.26 -36.06
C CYS D 222 4.69 -18.29 -37.12
N GLU D 223 4.50 -18.77 -38.35
CA GLU D 223 4.04 -17.88 -39.41
C GLU D 223 2.62 -17.41 -39.12
N THR D 224 1.82 -18.29 -38.52
CA THR D 224 0.48 -17.92 -38.08
C THR D 224 0.55 -16.82 -37.00
N ALA D 225 1.47 -16.97 -36.05
CA ALA D 225 1.62 -15.96 -35.00
C ALA D 225 2.10 -14.63 -35.58
N VAL D 226 3.02 -14.68 -36.54
CA VAL D 226 3.50 -13.47 -37.21
C VAL D 226 2.36 -12.78 -37.96
N ALA D 227 1.47 -13.58 -38.58
CA ALA D 227 0.32 -13.03 -39.29
C ALA D 227 -0.61 -12.27 -38.34
N GLU D 228 -0.85 -12.82 -37.15
CA GLU D 228 -1.62 -12.11 -36.12
C GLU D 228 -0.95 -10.80 -35.74
N MET D 229 0.37 -10.82 -35.60
CA MET D 229 1.12 -9.61 -35.30
C MET D 229 1.04 -8.56 -36.42
N GLU D 230 1.08 -9.01 -37.67
CA GLU D 230 1.01 -8.09 -38.81
C GLU D 230 -0.36 -7.43 -38.86
N LYS D 231 -1.41 -8.21 -38.61
CA LYS D 231 -2.77 -7.68 -38.58
C LYS D 231 -2.87 -6.61 -37.51
N PHE D 232 -2.30 -6.90 -36.35
CA PHE D 232 -2.31 -5.95 -35.24
C PHE D 232 -1.57 -4.68 -35.62
N ALA D 233 -0.34 -4.83 -36.12
CA ALA D 233 0.48 -3.69 -36.50
C ALA D 233 -0.20 -2.79 -37.52
N ARG D 234 -0.71 -3.38 -38.60
CA ARG D 234 -1.32 -2.56 -39.66
C ARG D 234 -2.60 -1.86 -39.17
N ALA D 235 -3.28 -2.47 -38.21
CA ALA D 235 -4.50 -1.89 -37.68
C ALA D 235 -4.24 -0.80 -36.64
N HIS D 236 -3.11 -0.83 -35.96
CA HIS D 236 -2.93 0.07 -34.79
C HIS D 236 -1.71 0.99 -34.84
N VAL D 237 -0.76 0.71 -35.72
CA VAL D 237 0.42 1.57 -35.81
C VAL D 237 0.00 2.99 -36.19
N GLY D 238 0.56 3.98 -35.50
CA GLY D 238 0.29 5.36 -35.82
C GLY D 238 -0.95 5.93 -35.16
N ASP D 239 -1.48 5.21 -34.17
CA ASP D 239 -2.64 5.70 -33.41
C ASP D 239 -2.19 6.58 -32.24
N GLY D 240 -0.90 6.87 -32.20
CA GLY D 240 -0.38 7.75 -31.16
C GLY D 240 -0.13 7.11 -29.81
N LYS D 241 -0.38 5.82 -29.68
CA LYS D 241 -0.03 5.14 -28.43
C LYS D 241 0.54 3.73 -28.62
N THR D 242 0.37 3.12 -29.78
CA THR D 242 0.86 1.78 -29.99
C THR D 242 2.38 1.74 -30.10
N SER D 243 3.00 0.96 -29.23
CA SER D 243 4.45 0.89 -29.11
C SER D 243 5.03 -0.33 -29.80
N GLU D 244 6.33 -0.35 -30.03
CA GLU D 244 7.01 -1.56 -30.45
C GLU D 244 6.62 -2.74 -29.55
N ASP D 245 6.72 -2.53 -28.26
CA ASP D 245 6.37 -3.58 -27.31
C ASP D 245 4.94 -4.10 -27.46
N ASP D 246 4.01 -3.19 -27.78
CA ASP D 246 2.62 -3.61 -27.95
C ASP D 246 2.50 -4.60 -29.11
N ILE D 247 3.18 -4.29 -30.20
CA ILE D 247 3.12 -5.12 -31.40
C ILE D 247 3.77 -6.47 -31.12
N TRP D 248 4.99 -6.41 -30.60
CA TRP D 248 5.77 -7.61 -30.30
C TRP D 248 5.07 -8.55 -29.31
N ALA D 249 4.30 -7.98 -28.39
CA ALA D 249 3.60 -8.79 -27.39
C ALA D 249 2.65 -9.77 -28.05
N VAL D 250 2.15 -9.41 -29.23
CA VAL D 250 1.27 -10.31 -29.95
C VAL D 250 1.99 -11.59 -30.33
N LEU D 251 3.22 -11.46 -30.85
CA LEU D 251 4.01 -12.65 -31.21
C LEU D 251 4.22 -13.54 -29.98
N HIS D 252 4.53 -12.92 -28.84
CA HIS D 252 4.75 -13.66 -27.59
C HIS D 252 3.56 -14.53 -27.25
N ALA D 253 2.39 -13.89 -27.15
CA ALA D 253 1.17 -14.60 -26.75
C ALA D 253 0.79 -15.67 -27.77
N GLU D 254 0.85 -15.33 -29.05
CA GLU D 254 0.37 -16.27 -30.08
C GLU D 254 1.28 -17.50 -30.18
N ASN D 255 2.57 -17.33 -29.92
CA ASN D 255 3.48 -18.47 -29.82
C ASN D 255 3.14 -19.37 -28.62
N ILE D 256 2.95 -18.75 -27.45
CA ILE D 256 2.60 -19.49 -26.25
C ILE D 256 1.28 -20.24 -26.38
N LYS D 257 0.30 -19.61 -27.01
CA LYS D 257 -1.01 -20.23 -27.22
C LYS D 257 -0.92 -21.46 -28.12
N ARG D 258 0.16 -21.57 -28.89
CA ARG D 258 0.34 -22.73 -29.78
C ARG D 258 1.35 -23.73 -29.24
N GLY D 259 1.79 -23.52 -27.99
CA GLY D 259 2.69 -24.46 -27.34
C GLY D 259 4.15 -24.13 -27.53
N GLY D 260 4.45 -22.90 -27.94
CA GLY D 260 5.83 -22.46 -28.12
C GLY D 260 6.45 -22.18 -26.76
N GLU D 261 7.73 -21.81 -26.75
CA GLU D 261 8.47 -21.78 -25.49
C GLU D 261 9.06 -20.41 -25.10
N TRP D 262 9.75 -19.76 -26.03
CA TRP D 262 10.23 -18.39 -25.77
C TRP D 262 10.73 -17.69 -27.04
N ILE D 263 11.18 -16.45 -26.89
CA ILE D 263 11.75 -15.68 -27.98
C ILE D 263 13.15 -15.26 -27.56
N GLU D 264 14.15 -15.52 -28.41
CA GLU D 264 15.56 -15.42 -28.01
C GLU D 264 16.09 -14.01 -27.94
N THR D 265 15.50 -13.10 -28.70
CA THR D 265 16.03 -11.73 -28.83
C THR D 265 14.93 -10.71 -28.59
N ARG D 266 15.23 -9.42 -28.78
CA ARG D 266 14.20 -8.38 -28.81
C ARG D 266 14.26 -7.68 -30.16
N LEU D 267 14.44 -8.44 -31.23
CA LEU D 267 14.72 -7.83 -32.51
C LEU D 267 13.45 -7.47 -33.29
N LEU D 268 12.74 -6.48 -32.80
CA LEU D 268 11.69 -5.81 -33.57
C LEU D 268 11.92 -4.32 -33.34
N ALA D 269 11.95 -3.54 -34.42
CA ALA D 269 12.22 -2.12 -34.27
C ALA D 269 11.50 -1.31 -35.33
N SER D 270 11.20 -0.06 -35.01
CA SER D 270 10.40 0.78 -35.89
C SER D 270 11.14 2.05 -36.32
N GLY D 271 10.91 2.46 -37.55
CA GLY D 271 11.44 3.72 -38.04
C GLY D 271 12.95 3.85 -37.97
N PRO D 272 13.43 4.98 -37.44
CA PRO D 272 14.88 5.21 -37.41
C PRO D 272 15.63 4.24 -36.49
N ARG D 273 14.89 3.50 -35.67
CA ARG D 273 15.54 2.55 -34.75
C ARG D 273 15.90 1.24 -35.47
N THR D 274 15.58 1.16 -36.76
CA THR D 274 16.00 0.01 -37.55
C THR D 274 17.42 0.18 -38.07
N ASN D 275 17.98 1.38 -37.92
CA ASN D 275 19.33 1.65 -38.41
C ASN D 275 20.14 2.46 -37.40
N PRO D 276 21.20 1.87 -36.84
CA PRO D 276 21.72 0.55 -37.17
C PRO D 276 20.86 -0.60 -36.62
N TRP D 277 20.96 -1.77 -37.25
CA TRP D 277 20.23 -2.95 -36.80
C TRP D 277 20.78 -3.43 -35.44
N PHE D 278 19.94 -4.18 -34.71
CA PHE D 278 20.17 -4.74 -33.36
C PHE D 278 19.78 -3.76 -32.25
N GLN D 279 19.16 -2.65 -32.60
CA GLN D 279 18.43 -1.91 -31.57
C GLN D 279 17.26 -2.79 -31.13
N GLU D 280 16.88 -2.67 -29.87
CA GLU D 280 15.92 -3.61 -29.30
C GLU D 280 14.50 -3.05 -29.24
N CYS D 281 13.54 -3.97 -29.28
CA CYS D 281 12.13 -3.65 -29.09
C CYS D 281 11.92 -2.95 -27.76
N GLY D 282 11.22 -1.82 -27.80
CA GLY D 282 11.02 -1.03 -26.61
C GLY D 282 9.75 -0.21 -26.63
N PRO D 283 9.75 0.89 -25.88
CA PRO D 283 8.53 1.69 -25.69
C PRO D 283 8.22 2.64 -26.86
N ARG D 284 9.10 2.74 -27.86
CA ARG D 284 8.89 3.73 -28.94
C ARG D 284 7.47 3.67 -29.49
N ILE D 285 6.83 4.84 -29.51
CA ILE D 285 5.49 4.97 -30.10
C ILE D 285 5.62 4.97 -31.62
N THR D 286 4.97 4.00 -32.26
CA THR D 286 5.12 3.78 -33.70
C THR D 286 4.38 4.85 -34.49
N GLN D 287 4.72 4.98 -35.77
CA GLN D 287 4.27 6.09 -36.59
C GLN D 287 3.78 5.60 -37.95
N LYS D 288 2.80 6.29 -38.52
CA LYS D 288 2.41 6.02 -39.89
C LYS D 288 3.52 6.46 -40.83
N ASN D 289 3.59 5.78 -41.97
CA ASN D 289 4.61 6.01 -42.99
C ASN D 289 6.00 5.76 -42.46
N GLU D 290 6.14 4.62 -41.80
CA GLU D 290 7.43 4.16 -41.31
C GLU D 290 7.63 2.68 -41.56
N ILE D 291 8.91 2.31 -41.60
CA ILE D 291 9.34 0.93 -41.68
C ILE D 291 9.23 0.26 -40.32
N ILE D 292 8.76 -0.99 -40.30
CA ILE D 292 8.93 -1.85 -39.13
C ILE D 292 9.64 -3.13 -39.57
N ALA D 293 10.76 -3.43 -38.93
CA ALA D 293 11.54 -4.61 -39.26
C ALA D 293 11.69 -5.51 -38.04
N PHE D 294 11.63 -6.81 -38.25
CA PHE D 294 11.71 -7.71 -37.12
C PHE D 294 12.30 -9.04 -37.50
N ASP D 295 12.62 -9.77 -36.45
CA ASP D 295 13.27 -11.05 -36.54
C ASP D 295 12.62 -11.95 -35.50
N THR D 296 12.02 -13.07 -35.91
CA THR D 296 11.26 -13.88 -34.96
C THR D 296 12.15 -14.49 -33.88
N ASP D 297 13.30 -15.03 -34.28
CA ASP D 297 14.25 -15.67 -33.36
C ASP D 297 13.53 -16.49 -32.31
N LEU D 298 12.63 -17.34 -32.77
CA LEU D 298 11.56 -17.84 -31.92
C LEU D 298 11.71 -19.31 -31.61
N ILE D 299 11.56 -19.68 -30.35
CA ILE D 299 11.56 -21.08 -29.98
C ILE D 299 10.12 -21.52 -29.84
N GLY D 300 9.66 -22.31 -30.81
CA GLY D 300 8.23 -22.54 -30.99
C GLY D 300 7.73 -23.91 -30.61
N SER D 301 6.65 -24.33 -31.28
CA SER D 301 6.04 -25.61 -31.00
C SER D 301 7.05 -26.76 -31.18
N TYR D 302 6.89 -27.79 -30.36
CA TYR D 302 7.83 -28.91 -30.30
C TYR D 302 9.25 -28.47 -29.92
N GLY D 303 9.39 -27.24 -29.43
CA GLY D 303 10.68 -26.68 -29.08
C GLY D 303 11.57 -26.38 -30.29
N ILE D 304 10.98 -26.32 -31.48
CA ILE D 304 11.77 -26.05 -32.66
C ILE D 304 11.90 -24.56 -32.91
N CYS D 305 13.11 -24.14 -33.27
CA CYS D 305 13.38 -22.73 -33.55
C CYS D 305 12.87 -22.36 -34.94
N VAL D 306 12.13 -21.27 -35.01
CA VAL D 306 11.75 -20.71 -36.30
C VAL D 306 12.33 -19.33 -36.36
N ASP D 307 13.23 -19.16 -37.30
CA ASP D 307 14.05 -17.97 -37.33
C ASP D 307 13.88 -17.27 -38.65
N ILE D 308 12.91 -16.36 -38.73
CA ILE D 308 12.65 -15.66 -39.98
C ILE D 308 12.51 -14.17 -39.75
N SER D 309 12.85 -13.39 -40.76
CA SER D 309 12.82 -11.94 -40.63
C SER D 309 12.04 -11.31 -41.77
N ARG D 310 11.24 -10.30 -41.43
CA ARG D 310 10.50 -9.56 -42.44
C ARG D 310 10.56 -8.07 -42.14
N THR D 311 10.39 -7.27 -43.19
CA THR D 311 10.34 -5.83 -43.03
C THR D 311 9.01 -5.34 -43.62
N TRP D 312 8.33 -4.48 -42.87
CA TRP D 312 7.02 -3.99 -43.27
C TRP D 312 7.04 -2.48 -43.47
N TRP D 313 6.24 -2.02 -44.43
CA TRP D 313 5.93 -0.61 -44.58
C TRP D 313 4.46 -0.42 -44.20
N ILE D 314 4.21 0.52 -43.31
CA ILE D 314 2.85 0.79 -42.84
C ILE D 314 2.61 2.28 -42.95
N GLY D 315 1.64 2.66 -43.78
CA GLY D 315 1.31 4.06 -43.97
C GLY D 315 0.42 4.31 -45.17
N ASP D 316 -0.15 5.50 -45.22
CA ASP D 316 -1.02 5.90 -46.33
C ASP D 316 -0.21 6.23 -47.57
N GLN D 317 0.99 6.77 -47.35
CA GLN D 317 1.90 7.08 -48.44
C GLN D 317 2.64 5.84 -48.93
N LYS D 318 3.36 6.00 -50.03
CA LYS D 318 4.19 4.94 -50.58
C LYS D 318 5.56 4.97 -49.93
N PRO D 319 6.23 3.81 -49.86
CA PRO D 319 7.63 3.77 -49.41
C PRO D 319 8.50 4.67 -50.29
N ARG D 320 9.58 5.22 -49.74
CA ARG D 320 10.56 5.92 -50.58
C ARG D 320 11.20 4.96 -51.58
N PRO D 321 11.70 5.49 -52.71
CA PRO D 321 12.38 4.63 -53.70
C PRO D 321 13.63 4.02 -53.08
N ASP D 322 14.26 4.80 -52.22
CA ASP D 322 15.26 4.38 -51.26
C ASP D 322 15.05 2.98 -50.68
N MET D 323 13.89 2.86 -50.04
CA MET D 323 13.55 1.71 -49.25
C MET D 323 13.16 0.54 -50.13
N VAL D 324 12.51 0.85 -51.25
CA VAL D 324 12.13 -0.18 -52.21
C VAL D 324 13.37 -0.85 -52.78
N TYR D 325 14.35 -0.04 -53.17
CA TYR D 325 15.59 -0.59 -53.70
C TYR D 325 16.28 -1.50 -52.68
N ALA D 326 16.40 -1.02 -51.45
CA ALA D 326 17.04 -1.79 -50.38
C ALA D 326 16.32 -3.11 -50.14
N MET D 327 14.99 -3.07 -50.16
CA MET D 327 14.18 -4.28 -49.97
C MET D 327 14.43 -5.26 -51.10
N GLN D 328 14.37 -4.77 -52.33
CA GLN D 328 14.61 -5.60 -53.50
C GLN D 328 16.02 -6.19 -53.48
N HIS D 329 16.96 -5.39 -53.02
CA HIS D 329 18.36 -5.81 -52.93
C HIS D 329 18.51 -6.92 -51.88
N ALA D 330 17.84 -6.74 -50.74
CA ALA D 330 17.88 -7.71 -49.66
C ALA D 330 17.26 -9.04 -50.10
N HIS D 331 16.13 -8.94 -50.78
CA HIS D 331 15.44 -10.12 -51.29
C HIS D 331 16.32 -10.85 -52.31
N GLU D 332 16.97 -10.10 -53.18
CA GLU D 332 17.87 -10.66 -54.18
C GLU D 332 19.06 -11.35 -53.51
N HIS D 333 19.50 -10.76 -52.40
CA HIS D 333 20.61 -11.28 -51.63
C HIS D 333 20.33 -12.69 -51.09
N ILE D 334 19.20 -12.87 -50.42
CA ILE D 334 18.91 -14.18 -49.84
C ILE D 334 18.52 -15.20 -50.91
N MET D 335 17.82 -14.76 -51.95
CA MET D 335 17.43 -15.69 -53.02
C MET D 335 18.66 -16.17 -53.80
N THR D 336 19.59 -15.27 -54.07
CA THR D 336 20.82 -15.63 -54.76
C THR D 336 21.66 -16.57 -53.89
N ASN D 337 21.84 -16.20 -52.63
CA ASN D 337 22.65 -17.04 -51.73
C ASN D 337 22.02 -18.41 -51.51
N MET D 338 20.69 -18.43 -51.38
CA MET D 338 19.94 -19.66 -51.18
C MET D 338 20.15 -20.64 -52.33
N GLU D 339 20.31 -20.08 -53.52
CA GLU D 339 20.46 -20.87 -54.74
C GLU D 339 21.79 -21.65 -54.72
N MET D 340 22.73 -21.23 -53.89
CA MET D 340 23.99 -21.95 -53.75
C MET D 340 23.80 -23.30 -53.05
N LEU D 341 22.67 -23.47 -52.36
CA LEU D 341 22.52 -24.59 -51.43
C LEU D 341 22.19 -25.93 -52.08
N LYS D 342 23.02 -26.93 -51.78
CA LYS D 342 22.81 -28.31 -52.16
C LYS D 342 23.85 -29.16 -51.44
N PRO D 343 23.60 -30.47 -51.29
CA PRO D 343 24.57 -31.32 -50.60
C PRO D 343 25.94 -31.30 -51.27
N GLY D 344 27.00 -31.47 -50.47
CA GLY D 344 28.34 -31.53 -51.02
C GLY D 344 29.06 -30.21 -51.15
N VAL D 345 28.32 -29.10 -51.15
CA VAL D 345 28.97 -27.79 -51.21
C VAL D 345 29.71 -27.52 -49.91
N MET D 346 30.96 -27.09 -50.02
CA MET D 346 31.78 -26.74 -48.86
C MET D 346 31.35 -25.40 -48.31
N ILE D 347 31.20 -25.31 -47.00
CA ILE D 347 30.75 -24.07 -46.38
C ILE D 347 31.62 -22.86 -46.78
N PRO D 348 32.96 -22.99 -46.78
CA PRO D 348 33.75 -21.82 -47.24
C PRO D 348 33.52 -21.42 -48.70
N ASP D 349 32.98 -22.32 -49.52
CA ASP D 349 32.64 -21.96 -50.89
C ASP D 349 31.35 -21.13 -50.94
N LEU D 350 30.45 -21.37 -49.98
CA LEU D 350 29.31 -20.48 -49.80
C LEU D 350 29.80 -19.06 -49.54
N THR D 351 30.75 -18.95 -48.63
CA THR D 351 31.34 -17.65 -48.32
C THR D 351 31.94 -17.00 -49.57
N ALA D 352 32.76 -17.76 -50.28
CA ALA D 352 33.52 -17.21 -51.40
C ALA D 352 32.63 -16.78 -52.58
N ASN D 353 31.46 -17.40 -52.72
CA ASN D 353 30.65 -17.19 -53.91
C ASN D 353 29.36 -16.44 -53.65
N CYS D 354 29.23 -15.87 -52.45
CA CYS D 354 27.96 -15.25 -52.07
C CYS D 354 27.68 -13.98 -52.87
N HIS D 355 26.39 -13.68 -53.01
CA HIS D 355 25.92 -12.44 -53.61
C HIS D 355 26.60 -11.24 -52.97
N ARG D 356 26.98 -10.26 -53.80
CA ARG D 356 27.67 -9.08 -53.32
C ARG D 356 26.71 -7.93 -53.10
N LEU D 357 26.60 -7.48 -51.86
CA LEU D 357 25.81 -6.29 -51.55
C LEU D 357 26.50 -5.05 -52.08
N ASP D 358 25.72 -4.05 -52.49
CA ASP D 358 26.29 -2.77 -52.92
C ASP D 358 27.25 -2.19 -51.87
N ASP D 359 28.23 -1.42 -52.32
CA ASP D 359 29.22 -0.80 -51.44
C ASP D 359 28.60 -0.10 -50.23
N LYS D 360 27.50 0.61 -50.47
CA LYS D 360 26.85 1.42 -49.43
C LYS D 360 26.23 0.58 -48.31
N PHE D 361 26.05 -0.72 -48.57
CA PHE D 361 25.46 -1.62 -47.59
C PHE D 361 26.47 -2.55 -46.92
N GLN D 362 27.72 -2.51 -47.36
CA GLN D 362 28.72 -3.46 -46.88
C GLN D 362 29.10 -3.27 -45.41
N ALA D 363 29.24 -2.01 -44.99
CA ALA D 363 29.70 -1.72 -43.64
C ALA D 363 28.75 -2.28 -42.58
N GLN D 364 27.44 -2.23 -42.83
CA GLN D 364 26.48 -2.65 -41.80
C GLN D 364 25.80 -3.97 -42.09
N LYS D 365 26.36 -4.77 -43.00
CA LYS D 365 25.76 -6.07 -43.31
C LYS D 365 25.78 -7.00 -42.09
N TYR D 366 24.99 -8.06 -42.19
CA TYR D 366 24.77 -8.97 -41.07
C TYR D 366 26.05 -9.72 -40.65
N GLY D 367 26.00 -10.29 -39.45
CA GLY D 367 27.12 -11.04 -38.90
C GLY D 367 27.45 -12.31 -39.65
N CYS D 368 26.49 -12.76 -40.47
CA CYS D 368 26.69 -13.94 -41.31
C CYS D 368 25.71 -13.87 -42.47
N LEU D 369 25.96 -14.66 -43.51
CA LEU D 369 24.98 -14.73 -44.58
C LEU D 369 24.08 -15.96 -44.37
N MET D 370 24.57 -16.93 -43.60
CA MET D 370 23.79 -18.11 -43.24
C MET D 370 24.22 -18.67 -41.91
N HIS D 371 23.30 -19.37 -41.25
CA HIS D 371 23.65 -20.15 -40.07
C HIS D 371 22.66 -21.29 -39.89
N GLY D 372 23.09 -22.35 -39.22
CA GLY D 372 22.22 -23.47 -38.95
C GLY D 372 21.12 -23.17 -37.95
N VAL D 373 20.10 -24.01 -37.94
CA VAL D 373 18.99 -23.82 -37.02
C VAL D 373 18.37 -25.16 -36.68
N GLY D 374 17.90 -25.31 -35.45
CA GLY D 374 17.29 -26.56 -35.02
C GLY D 374 16.43 -26.30 -33.80
N LEU D 375 17.01 -26.47 -32.60
CA LEU D 375 16.35 -26.16 -31.35
C LEU D 375 16.59 -24.69 -30.99
N CYS D 376 17.50 -24.08 -31.75
CA CYS D 376 17.89 -22.68 -31.65
C CYS D 376 18.89 -22.47 -32.77
N ASP D 377 19.54 -21.32 -32.82
CA ASP D 377 20.61 -21.14 -33.80
C ASP D 377 21.72 -22.16 -33.51
N GLU D 378 22.26 -22.74 -34.57
CA GLU D 378 23.19 -23.86 -34.47
C GLU D 378 24.26 -23.73 -35.54
N TRP D 379 25.36 -24.43 -35.32
CA TRP D 379 26.39 -24.66 -36.33
C TRP D 379 25.74 -25.12 -37.62
N PRO D 380 26.27 -24.71 -38.79
CA PRO D 380 27.46 -23.87 -38.98
C PRO D 380 27.12 -22.39 -39.03
N LEU D 381 28.15 -21.56 -38.91
CA LEU D 381 28.00 -20.15 -39.19
C LEU D 381 28.71 -19.89 -40.50
N VAL D 382 28.00 -19.26 -41.44
CA VAL D 382 28.59 -18.96 -42.74
C VAL D 382 28.86 -17.48 -42.84
N ALA D 383 30.12 -17.11 -42.59
CA ALA D 383 30.53 -15.71 -42.54
C ALA D 383 30.72 -15.11 -43.93
N TYR D 384 30.58 -13.80 -44.02
CA TYR D 384 30.93 -13.07 -45.25
C TYR D 384 32.44 -13.14 -45.43
N PRO D 385 32.90 -12.98 -46.68
CA PRO D 385 34.33 -13.12 -46.97
C PRO D 385 35.25 -12.28 -46.08
N ASP D 386 34.84 -11.07 -45.74
CA ASP D 386 35.72 -10.18 -44.95
C ASP D 386 35.78 -10.55 -43.48
N LYS D 387 34.95 -11.48 -43.02
CA LYS D 387 35.00 -11.93 -41.64
C LYS D 387 35.34 -13.42 -41.50
N ALA D 388 35.27 -14.15 -42.60
CA ALA D 388 35.48 -15.59 -42.58
C ALA D 388 36.90 -15.96 -42.14
N VAL D 389 37.00 -17.02 -41.35
CA VAL D 389 38.28 -17.46 -40.81
C VAL D 389 38.64 -18.80 -41.43
N PRO D 390 39.79 -18.89 -42.10
CA PRO D 390 40.20 -20.16 -42.73
C PRO D 390 40.30 -21.27 -41.68
N GLY D 391 39.85 -22.46 -42.03
CA GLY D 391 39.95 -23.62 -41.16
C GLY D 391 38.96 -23.63 -40.00
N SER D 392 37.88 -22.87 -40.09
CA SER D 392 36.91 -22.84 -39.00
C SER D 392 35.68 -23.73 -39.26
N TYR D 393 35.24 -23.79 -40.51
CA TYR D 393 34.08 -24.59 -40.90
C TYR D 393 34.33 -25.33 -42.22
N ASP D 394 35.41 -26.10 -42.29
CA ASP D 394 35.76 -26.81 -43.52
C ASP D 394 34.97 -28.09 -43.66
N TYR D 395 33.68 -27.97 -43.99
CA TYR D 395 32.78 -29.11 -44.02
C TYR D 395 31.76 -28.91 -45.14
N PRO D 396 31.27 -30.01 -45.71
CA PRO D 396 30.27 -29.91 -46.78
C PRO D 396 28.84 -29.89 -46.23
N LEU D 397 27.93 -29.26 -46.95
CA LEU D 397 26.51 -29.39 -46.62
C LEU D 397 26.06 -30.82 -46.82
N GLU D 398 25.04 -31.22 -46.06
CA GLU D 398 24.49 -32.57 -46.17
C GLU D 398 22.97 -32.50 -46.13
N PRO D 399 22.29 -33.47 -46.76
CA PRO D 399 20.82 -33.50 -46.66
C PRO D 399 20.38 -33.57 -45.20
N GLY D 400 19.38 -32.79 -44.83
CA GLY D 400 18.88 -32.81 -43.46
C GLY D 400 19.35 -31.63 -42.64
N MET D 401 20.34 -30.89 -43.15
CA MET D 401 20.74 -29.65 -42.53
C MET D 401 19.69 -28.58 -42.81
N VAL D 402 19.55 -27.64 -41.89
CA VAL D 402 18.66 -26.52 -42.08
C VAL D 402 19.41 -25.24 -41.83
N LEU D 403 19.34 -24.32 -42.78
CA LEU D 403 20.07 -23.07 -42.71
C LEU D 403 19.15 -21.89 -42.93
N CYS D 404 19.28 -20.90 -42.04
CA CYS D 404 18.63 -19.62 -42.25
C CYS D 404 19.51 -18.78 -43.14
N VAL D 405 18.88 -18.08 -44.08
CA VAL D 405 19.60 -17.28 -45.05
C VAL D 405 19.28 -15.82 -44.82
N GLU D 406 20.30 -15.02 -44.54
CA GLU D 406 20.13 -13.69 -43.95
C GLU D 406 20.39 -12.52 -44.89
N ALA D 407 19.68 -11.42 -44.65
CA ALA D 407 20.03 -10.14 -45.27
C ALA D 407 19.73 -8.98 -44.34
N ALA D 408 20.76 -8.23 -43.98
CA ALA D 408 20.59 -6.94 -43.35
C ALA D 408 21.12 -5.86 -44.30
N VAL D 409 20.24 -4.96 -44.74
CA VAL D 409 20.61 -3.96 -45.75
C VAL D 409 20.29 -2.54 -45.27
N GLY D 410 21.34 -1.74 -45.07
CA GLY D 410 21.19 -0.38 -44.58
C GLY D 410 22.48 0.43 -44.69
N GLU D 411 22.34 1.74 -44.84
CA GLU D 411 23.48 2.61 -45.01
C GLU D 411 23.94 3.19 -43.69
N VAL D 412 25.24 3.44 -43.59
CA VAL D 412 25.81 4.11 -42.44
C VAL D 412 25.17 5.48 -42.32
N GLY D 413 24.61 5.78 -41.15
CA GLY D 413 23.91 7.02 -40.93
C GLY D 413 22.50 7.05 -41.48
N GLY D 414 22.05 5.93 -42.03
CA GLY D 414 20.73 5.87 -42.65
C GLY D 414 19.61 5.96 -41.63
N ASP D 415 18.39 6.20 -42.10
CA ASP D 415 17.25 6.29 -41.19
C ASP D 415 16.35 5.06 -41.24
N PHE D 416 16.81 4.02 -41.94
CA PHE D 416 16.11 2.74 -41.98
C PHE D 416 17.06 1.61 -42.40
N SER D 417 16.66 0.37 -42.10
CA SER D 417 17.36 -0.80 -42.60
C SER D 417 16.31 -1.82 -43.03
N ILE D 418 16.70 -2.73 -43.92
CA ILE D 418 15.89 -3.88 -44.24
C ILE D 418 16.50 -5.13 -43.60
N LYS D 419 15.65 -5.94 -42.97
CA LYS D 419 16.06 -7.27 -42.52
C LYS D 419 15.12 -8.31 -43.11
N LEU D 420 15.68 -9.24 -43.87
CA LEU D 420 14.94 -10.37 -44.41
C LEU D 420 15.67 -11.65 -44.09
N GLU D 421 14.92 -12.73 -43.93
CA GLU D 421 15.51 -14.01 -43.59
C GLU D 421 14.53 -15.16 -43.77
N ASP D 422 14.95 -16.20 -44.49
CA ASP D 422 14.18 -17.44 -44.67
C ASP D 422 14.90 -18.65 -44.07
N GLN D 423 14.14 -19.68 -43.73
CA GLN D 423 14.64 -20.91 -43.16
C GLN D 423 14.62 -22.03 -44.21
N VAL D 424 15.77 -22.60 -44.53
CA VAL D 424 15.91 -23.48 -45.71
C VAL D 424 16.48 -24.88 -45.41
N LEU D 425 15.75 -25.91 -45.82
CA LEU D 425 16.17 -27.28 -45.67
C LEU D 425 17.06 -27.73 -46.83
N ILE D 426 18.16 -28.41 -46.51
CA ILE D 426 18.98 -29.07 -47.53
C ILE D 426 18.37 -30.44 -47.81
N THR D 427 18.10 -30.70 -49.10
CA THR D 427 17.44 -31.93 -49.53
C THR D 427 18.44 -32.85 -50.22
N GLU D 428 17.99 -34.01 -50.67
CA GLU D 428 18.88 -34.93 -51.40
C GLU D 428 19.49 -34.28 -52.62
N ASP D 429 18.70 -33.46 -53.31
CA ASP D 429 19.06 -32.87 -54.60
C ASP D 429 19.43 -31.39 -54.58
N GLY D 430 19.08 -30.69 -53.50
CA GLY D 430 19.23 -29.25 -53.52
C GLY D 430 18.73 -28.63 -52.23
N TYR D 431 17.75 -27.75 -52.33
CA TYR D 431 17.20 -27.11 -51.13
C TYR D 431 15.69 -26.96 -51.22
N GLU D 432 15.08 -26.75 -50.06
CA GLU D 432 13.66 -26.42 -49.98
C GLU D 432 13.48 -25.27 -48.99
N ASN D 433 13.09 -24.10 -49.51
CA ASN D 433 12.72 -22.99 -48.64
C ASN D 433 11.48 -23.37 -47.83
N LEU D 434 11.65 -23.50 -46.52
CA LEU D 434 10.54 -23.82 -45.64
C LEU D 434 9.62 -22.62 -45.40
N THR D 435 10.16 -21.43 -45.56
CA THR D 435 9.44 -20.22 -45.17
C THR D 435 8.51 -19.76 -46.29
N THR D 436 7.23 -19.56 -45.96
CA THR D 436 6.25 -19.14 -46.97
C THR D 436 5.68 -17.74 -46.70
N TYR D 437 6.15 -17.10 -45.64
CA TYR D 437 5.61 -15.81 -45.28
C TYR D 437 5.88 -14.80 -46.39
N PRO D 438 4.85 -14.01 -46.75
CA PRO D 438 4.93 -13.01 -47.82
C PRO D 438 5.97 -11.92 -47.57
N PHE D 439 6.48 -11.36 -48.66
CA PHE D 439 7.30 -10.15 -48.59
C PHE D 439 6.43 -8.94 -48.89
N ASP D 440 6.62 -7.87 -48.13
CA ASP D 440 5.83 -6.65 -48.24
C ASP D 440 5.75 -6.15 -49.69
N ALA D 441 4.54 -6.16 -50.25
CA ALA D 441 4.34 -5.83 -51.67
C ALA D 441 4.82 -4.43 -52.02
N ALA D 442 4.51 -3.46 -51.17
CA ALA D 442 4.88 -2.08 -51.45
C ALA D 442 6.40 -1.90 -51.46
N LEU D 443 7.07 -2.56 -50.52
CA LEU D 443 8.52 -2.44 -50.41
C LEU D 443 9.19 -3.19 -51.54
N MET D 444 8.54 -4.21 -52.06
CA MET D 444 9.09 -4.97 -53.19
C MET D 444 8.84 -4.22 -54.51
N GLY D 445 8.20 -3.05 -54.41
CA GLY D 445 7.95 -2.19 -55.56
C GLY D 445 6.78 -2.63 -56.42
N LEU D 446 5.89 -3.42 -55.83
CA LEU D 446 4.82 -4.07 -56.59
C LEU D 446 3.48 -3.35 -56.54
N ALA D 447 3.06 -2.91 -55.36
CA ALA D 447 1.72 -2.37 -55.14
C ALA D 447 0.64 -3.38 -55.55
FE FE E . -13.38 2.76 16.95
FE FE F . -15.48 1.81 15.16
O1 MES G . -22.46 2.11 17.60
C2 MES G . -22.31 3.04 18.68
C3 MES G . -20.84 3.29 18.95
N4 MES G . -20.05 2.50 18.01
C5 MES G . -20.31 1.07 17.87
C6 MES G . -21.81 0.88 17.87
C7 MES G . -18.67 2.92 17.81
C8 MES G . -18.15 3.37 19.18
S MES G . -16.86 4.40 18.92
O1S MES G . -17.27 5.78 19.26
O2S MES G . -15.75 3.95 19.80
O3S MES G . -16.46 4.32 17.51
FE FE H . 10.69 -18.07 -5.63
FE FE I . 8.81 -18.32 -7.82
O1 MES J . 16.13 -23.74 -5.54
C2 MES J . 15.14 -23.08 -4.75
C3 MES J . 14.71 -21.74 -5.33
N4 MES J . 14.32 -22.02 -6.69
C5 MES J . 15.18 -22.83 -7.54
C6 MES J . 16.46 -23.07 -6.75
C7 MES J . 13.00 -21.62 -7.16
C8 MES J . 13.04 -21.71 -8.68
S MES J . 12.03 -20.60 -9.37
O1S MES J . 12.55 -20.29 -10.73
O2S MES J . 10.64 -21.13 -9.43
O3S MES J . 12.04 -19.34 -8.57
FE FE K . -14.04 32.79 28.30
FE FE L . -11.87 31.53 26.79
O1 MES M . -20.01 33.56 23.74
C2 MES M . -20.16 32.34 24.45
C3 MES M . -19.18 32.21 25.60
N4 MES M . -17.99 32.89 25.15
C5 MES M . -18.04 34.32 24.91
C6 MES M . -19.47 34.63 24.52
C7 MES M . -16.70 32.22 25.28
C8 MES M . -16.64 31.21 24.14
S MES M . -15.29 30.27 24.41
O1S MES M . -14.15 30.83 23.66
O2S MES M . -14.97 30.32 25.85
O3S MES M . -15.57 28.87 24.01
FE FE N . 19.00 -15.92 -38.17
FE FE O . 16.95 -14.30 -36.88
O1 MES P . 26.09 -14.79 -35.25
C2 MES P . 25.10 -15.28 -34.33
C3 MES P . 23.97 -16.00 -35.07
N4 MES P . 23.35 -15.00 -35.90
C5 MES P . 24.18 -14.03 -36.61
C6 MES P . 25.62 -14.52 -36.58
C7 MES P . 21.93 -14.76 -35.73
C8 MES P . 21.76 -14.23 -34.30
S MES P . 20.16 -14.26 -33.86
O1S MES P . 19.57 -12.91 -34.07
O2S MES P . 19.42 -15.22 -34.72
O3S MES P . 20.06 -14.65 -32.44
#